data_1F31
#
_entry.id   1F31
#
_cell.length_a   76.300
_cell.length_b   123.650
_cell.length_c   95.560
_cell.angle_alpha   90.00
_cell.angle_beta   113.38
_cell.angle_gamma   90.00
#
_symmetry.space_group_name_H-M   'P 1 21 1'
#
loop_
_entity.id
_entity.type
_entity.pdbx_description
1 polymer 'BOTULINUM NEUROTOXIN TYPE B'
2 branched 'N-acetyl-alpha-neuraminic acid-(2-3)-alpha-D-galactopyranose-(1-4)-alpha-D-glucopyranose'
3 non-polymer 'ZINC ION'
4 non-polymer 'SULFATE ION'
5 water water
#
_entity_poly.entity_id   1
_entity_poly.type   'polypeptide(L)'
_entity_poly.pdbx_seq_one_letter_code
;PVTINNFNYNDPIDNNNIIMMEPPFARGTGRYYKAFKITDRIWIIPERYTFGYKPEDFNKSSGIFNRDVCEYYDPDYLNT
NDKKNIFLQTMIKLFNRIKSKPLGEKLLEMIINGIPYLGDRRVPLEEFNTNIASVTVNKLISNPGEVERKKGIFANLIIF
GPGPVLNENETIDIGIQNHFASREGFGGIMQMKFCPEYVSVFNNVQENKGASIFNRRGYFSDPALILMHELIHVLHGLYG
IKVDDLPIVPNEKKFFMQSTDAIQAEELYTFGGQDPSIITPSTDKSIYDKVLQNFRGIVDRLNKVLVCISDPNININIYK
NKFKDKYKFVEDSEGKYSIDVESFDKLYKSLMFGFTETNIAENYKIKTRASYFSDSLPPVKIKNLLDNEIYTIEEGFNIS
DKDMEKEYRGQNKAINKQAYEEISKEHLAVYKIQMCKSVKAPGICIDVDNEDLFFIADKNSFSDDLSKNERIEYNTQSNY
IENDFPINELILDTDLISKIELPSENTESLTDFNVDVPVYEKQPAIKKIFTDENTIFQYLYSQTFPLDIRDISLTSSFDD
ALLFSNKVYSFFSMDYIKTANKVVEAGLFAGWVKQIVNDFVIEANKSNTMDKIADISLIVPYIGLALNVGNETAKGNFEN
AFEIAGASILLEFIPELLIPVVGAFLLESYIDNKNKIIKTIDNALTKRNEKWSDMYGLIVAQWLSTVNTQFYTIKEGMYK
ALNYQAQALEEIIKYRYNIYSEKEKSNINIDFNDINSKLNEGINQAIDNINNFINGCSVSYLMKKMIPLAVEKLLDFDNT
LKKNLLNYIDENKLYLIGSAEYEKSKVNKYLKTIMPFDLSIYTNDTILIEMFNKYNSEILNNIILNLRYKDNNLIDLSGY
GAKVEVYDGVELNDKNQFKLTSSANSKIRVTQNQNIIFNSVFLDFSVSFWIRIPKYKNDGIQNYIHNEYTIINCMKNNSG
WKISIRGNRIIWTLIDINGKTKSVFFEYNIREDISEYINRWFFVTITNNLNNAKIYINGKLESNTDIKDIREVIANGEII
FKLDGDIDRTQFIWMKYFSIFNTELSQSNIEERYKIQSYSEYLKDFWGNPLMYNKEYYMFNAGNKNSYIKLKKDSPVGEI
LTRSKYNQNSKYINYRDLYIGEKFIIRRKSNSQSINDDIVRKEDYIYLDFFNLNQEWRVYTYKYFKKEEEKLFLAPISDS
DEFYNTIQIKEYDEQPTYSCQLLFKKDEESTDEIGLIGIHRFYESGIVFEEYKDYFCISKWYLKEVKRKPYNLKLGCNWQ
FIPKDEGWTE
;
_entity_poly.pdbx_strand_id   A
#
loop_
_chem_comp.id
_chem_comp.type
_chem_comp.name
_chem_comp.formula
GLA D-saccharide, alpha linking alpha-D-galactopyranose 'C6 H12 O6'
GLC D-saccharide, alpha linking alpha-D-glucopyranose 'C6 H12 O6'
SIA D-saccharide, alpha linking 'N-acetyl-alpha-neuraminic acid' 'C11 H19 N O9'
SO4 non-polymer 'SULFATE ION' 'O4 S -2'
ZN non-polymer 'ZINC ION' 'Zn 2'
#
# COMPACT_ATOMS: atom_id res chain seq x y z
N PRO A 1 32.80 32.73 -8.67
CA PRO A 1 31.75 31.72 -8.89
C PRO A 1 31.45 31.44 -10.36
N VAL A 2 30.17 31.53 -10.72
CA VAL A 2 29.77 31.27 -12.10
C VAL A 2 29.30 32.53 -12.78
N THR A 3 29.84 32.76 -13.96
CA THR A 3 29.47 33.92 -14.73
C THR A 3 28.63 33.50 -15.92
N ILE A 4 27.46 34.12 -16.04
CA ILE A 4 26.55 33.85 -17.15
C ILE A 4 26.72 35.00 -18.14
N ASN A 5 27.35 34.69 -19.27
CA ASN A 5 27.60 35.67 -20.31
C ASN A 5 26.33 36.10 -21.03
N ASN A 6 26.33 37.35 -21.50
CA ASN A 6 25.18 37.91 -22.19
C ASN A 6 25.54 38.28 -23.62
N PHE A 7 24.59 38.06 -24.53
CA PHE A 7 24.78 38.37 -25.93
C PHE A 7 23.48 38.20 -26.67
N ASN A 8 23.49 38.58 -27.94
CA ASN A 8 22.31 38.47 -28.77
C ASN A 8 22.68 37.62 -29.96
N TYR A 9 21.70 36.95 -30.54
CA TYR A 9 21.97 36.09 -31.67
C TYR A 9 22.67 36.84 -32.78
N ASN A 10 22.28 38.09 -32.98
CA ASN A 10 22.86 38.91 -34.05
C ASN A 10 24.21 39.57 -33.77
N ASP A 11 24.83 39.20 -32.66
CA ASP A 11 26.14 39.74 -32.32
C ASP A 11 27.14 39.16 -33.31
N PRO A 12 28.26 39.85 -33.54
CA PRO A 12 29.23 39.33 -34.47
C PRO A 12 30.12 38.22 -33.90
N ILE A 13 30.52 37.33 -34.78
CA ILE A 13 31.40 36.22 -34.44
C ILE A 13 32.75 36.82 -34.15
N ASP A 14 33.42 36.36 -33.10
CA ASP A 14 34.73 36.89 -32.75
C ASP A 14 35.73 35.77 -32.55
N ASN A 15 35.26 34.54 -32.79
CA ASN A 15 36.07 33.33 -32.64
C ASN A 15 36.50 33.07 -31.20
N ASN A 16 35.82 33.69 -30.24
CA ASN A 16 36.16 33.52 -28.84
C ASN A 16 34.96 32.99 -28.02
N ASN A 17 33.94 33.83 -27.86
CA ASN A 17 32.76 33.46 -27.10
C ASN A 17 31.53 33.36 -28.01
N ILE A 18 31.72 33.70 -29.27
CA ILE A 18 30.67 33.60 -30.27
C ILE A 18 31.43 33.06 -31.44
N ILE A 19 31.18 31.80 -31.78
CA ILE A 19 31.92 31.16 -32.85
C ILE A 19 31.08 30.45 -33.89
N MET A 20 31.79 29.73 -34.75
CA MET A 20 31.17 28.94 -35.78
C MET A 20 31.72 27.55 -35.49
N MET A 21 30.94 26.78 -34.74
CA MET A 21 31.33 25.45 -34.35
C MET A 21 30.94 24.44 -35.38
N GLU A 22 31.68 23.35 -35.39
CA GLU A 22 31.43 22.23 -36.27
C GLU A 22 31.15 21.14 -35.25
N PRO A 23 29.87 20.92 -34.91
CA PRO A 23 29.40 19.92 -33.94
C PRO A 23 30.06 18.57 -34.13
N PRO A 24 30.23 17.82 -33.03
CA PRO A 24 30.85 16.50 -33.07
C PRO A 24 30.24 15.55 -34.10
N PHE A 25 28.94 15.36 -34.02
CA PHE A 25 28.25 14.47 -34.92
C PHE A 25 28.22 14.90 -36.36
N ALA A 26 28.83 16.05 -36.65
CA ALA A 26 28.88 16.55 -38.01
C ALA A 26 29.92 15.72 -38.78
N ARG A 27 30.76 15.00 -38.05
CA ARG A 27 31.83 14.19 -38.65
C ARG A 27 32.78 15.14 -39.38
N GLY A 28 32.71 16.42 -39.04
CA GLY A 28 33.56 17.40 -39.68
C GLY A 28 33.18 17.75 -41.11
N THR A 29 31.88 17.68 -41.41
CA THR A 29 31.39 18.00 -42.75
C THR A 29 30.05 18.74 -42.66
N GLY A 30 29.20 18.58 -43.67
CA GLY A 30 27.89 19.23 -43.67
C GLY A 30 27.86 20.75 -43.67
N ARG A 31 28.14 21.36 -42.51
CA ARG A 31 28.20 22.81 -42.34
C ARG A 31 28.44 23.20 -40.90
N TYR A 32 28.52 24.50 -40.65
CA TYR A 32 28.78 25.01 -39.31
C TYR A 32 27.58 25.71 -38.68
N TYR A 33 27.57 25.72 -37.34
CA TYR A 33 26.49 26.32 -36.56
C TYR A 33 27.01 27.43 -35.66
N LYS A 34 26.34 28.58 -35.64
CA LYS A 34 26.77 29.68 -34.80
C LYS A 34 26.50 29.34 -33.34
N ALA A 35 27.57 29.26 -32.54
CA ALA A 35 27.47 28.92 -31.12
C ALA A 35 27.90 30.02 -30.17
N PHE A 36 27.37 29.99 -28.95
CA PHE A 36 27.68 31.00 -27.93
C PHE A 36 28.17 30.38 -26.62
N LYS A 37 29.21 30.97 -26.02
CA LYS A 37 29.77 30.49 -24.77
C LYS A 37 29.04 31.17 -23.63
N ILE A 38 28.05 30.51 -23.06
CA ILE A 38 27.26 31.08 -21.98
C ILE A 38 28.01 31.07 -20.64
N THR A 39 29.03 30.24 -20.53
CA THR A 39 29.87 30.15 -19.34
C THR A 39 31.07 29.37 -19.84
N ASP A 40 32.14 29.30 -19.07
CA ASP A 40 33.29 28.56 -19.54
C ASP A 40 32.85 27.12 -19.85
N ARG A 41 33.43 26.56 -20.91
CA ARG A 41 33.16 25.19 -21.32
C ARG A 41 31.72 24.83 -21.71
N ILE A 42 30.81 25.79 -21.62
CA ILE A 42 29.42 25.51 -21.97
C ILE A 42 28.94 26.37 -23.13
N TRP A 43 28.48 25.72 -24.20
CA TRP A 43 28.01 26.39 -25.42
C TRP A 43 26.53 26.20 -25.71
N ILE A 44 25.89 27.22 -26.27
CA ILE A 44 24.47 27.14 -26.64
C ILE A 44 24.32 27.33 -28.14
N ILE A 45 23.76 26.36 -28.83
CA ILE A 45 23.56 26.44 -30.27
C ILE A 45 22.06 26.45 -30.55
N PRO A 46 21.46 27.64 -30.63
CA PRO A 46 20.03 27.82 -30.90
C PRO A 46 19.48 27.33 -32.25
N GLU A 47 19.58 26.03 -32.49
CA GLU A 47 19.06 25.41 -33.70
C GLU A 47 18.57 24.00 -33.43
N ARG A 48 17.66 23.52 -34.26
CA ARG A 48 17.11 22.19 -34.11
C ARG A 48 18.21 21.13 -34.07
N TYR A 49 17.97 20.06 -33.34
CA TYR A 49 18.93 18.97 -33.27
C TYR A 49 18.50 18.13 -34.46
N THR A 50 19.37 17.97 -35.44
CA THR A 50 18.99 17.21 -36.61
C THR A 50 19.87 15.98 -36.84
N PHE A 51 20.83 15.79 -35.95
CA PHE A 51 21.74 14.67 -36.09
C PHE A 51 21.03 13.34 -35.88
N GLY A 52 20.83 12.62 -36.99
CA GLY A 52 20.18 11.32 -36.92
C GLY A 52 18.71 11.30 -37.30
N TYR A 53 18.12 12.46 -37.58
CA TYR A 53 16.71 12.51 -37.95
C TYR A 53 16.45 12.94 -39.38
N LYS A 54 15.46 12.34 -40.01
CA LYS A 54 15.13 12.69 -41.39
C LYS A 54 14.36 14.00 -41.33
N PRO A 55 14.77 14.99 -42.14
CA PRO A 55 14.11 16.29 -42.18
C PRO A 55 12.59 16.24 -42.10
N GLU A 56 12.00 15.13 -42.56
CA GLU A 56 10.55 14.96 -42.55
C GLU A 56 10.02 14.59 -41.16
N ASP A 57 10.83 13.88 -40.39
CA ASP A 57 10.43 13.46 -39.05
C ASP A 57 9.99 14.59 -38.13
N PHE A 58 10.13 15.84 -38.58
CA PHE A 58 9.75 16.99 -37.79
C PHE A 58 8.26 17.29 -37.88
N ASN A 59 7.59 16.68 -38.85
CA ASN A 59 6.16 16.89 -39.02
C ASN A 59 5.40 15.83 -38.21
N LYS A 60 4.16 16.12 -37.86
CA LYS A 60 3.36 15.15 -37.13
C LYS A 60 3.02 14.06 -38.14
N SER A 61 3.13 12.80 -37.72
CA SER A 61 2.82 11.69 -38.61
C SER A 61 2.16 10.51 -37.89
N SER A 62 2.00 9.42 -38.63
CA SER A 62 1.39 8.21 -38.11
C SER A 62 2.30 7.54 -37.12
N GLY A 63 3.50 8.08 -36.95
CA GLY A 63 4.45 7.47 -36.03
C GLY A 63 4.80 8.22 -34.77
N ILE A 64 5.66 7.59 -33.97
CA ILE A 64 6.15 8.13 -32.70
C ILE A 64 7.58 7.65 -32.51
N PHE A 65 8.38 8.40 -31.77
CA PHE A 65 9.73 7.96 -31.52
C PHE A 65 9.75 7.19 -30.22
N ASN A 66 9.33 7.84 -29.15
CA ASN A 66 9.29 7.23 -27.84
C ASN A 66 7.88 6.71 -27.58
N ARG A 67 7.78 5.61 -26.84
CA ARG A 67 6.47 5.02 -26.59
C ARG A 67 5.67 5.57 -25.40
N ASP A 68 6.32 6.32 -24.51
CA ASP A 68 5.63 6.85 -23.32
C ASP A 68 5.48 8.35 -23.29
N VAL A 69 5.44 8.99 -24.45
CA VAL A 69 5.35 10.43 -24.49
C VAL A 69 4.28 10.96 -25.45
N CYS A 70 3.46 11.91 -24.99
CA CYS A 70 2.47 12.53 -25.87
C CYS A 70 3.37 13.53 -26.58
N GLU A 71 3.82 13.17 -27.78
CA GLU A 71 4.74 13.99 -28.56
C GLU A 71 4.17 15.16 -29.36
N TYR A 72 4.71 16.35 -29.09
CA TYR A 72 4.28 17.55 -29.80
C TYR A 72 5.28 17.87 -30.90
N TYR A 73 4.76 18.12 -32.10
CA TYR A 73 5.60 18.46 -33.24
C TYR A 73 5.35 19.88 -33.70
N ASP A 74 6.32 20.44 -34.40
CA ASP A 74 6.23 21.79 -34.94
C ASP A 74 7.59 22.14 -35.53
N PRO A 75 7.76 21.94 -36.84
CA PRO A 75 9.02 22.24 -37.52
C PRO A 75 9.41 23.70 -37.58
N ASP A 76 8.48 24.58 -37.25
CA ASP A 76 8.72 26.02 -37.30
C ASP A 76 9.34 26.62 -36.04
N TYR A 77 9.68 25.78 -35.07
CA TYR A 77 10.30 26.26 -33.85
C TYR A 77 11.75 26.59 -34.22
N LEU A 78 12.19 27.82 -33.89
CA LEU A 78 13.54 28.30 -34.18
C LEU A 78 13.88 28.44 -35.67
N ASN A 79 12.89 28.82 -36.47
CA ASN A 79 13.13 28.99 -37.91
C ASN A 79 13.46 30.45 -38.25
N THR A 80 13.79 31.25 -37.24
CA THR A 80 14.16 32.64 -37.45
C THR A 80 15.14 33.14 -36.39
N ASN A 81 15.85 34.21 -36.74
CA ASN A 81 16.83 34.82 -35.86
C ASN A 81 16.16 35.37 -34.62
N ASP A 82 14.96 35.90 -34.77
CA ASP A 82 14.29 36.46 -33.61
C ASP A 82 13.88 35.33 -32.67
N LYS A 83 13.68 34.14 -33.22
CA LYS A 83 13.32 32.99 -32.40
C LYS A 83 14.60 32.50 -31.79
N LYS A 84 15.66 32.45 -32.59
CA LYS A 84 16.95 31.99 -32.10
C LYS A 84 17.42 32.88 -30.96
N ASN A 85 17.14 34.17 -31.05
CA ASN A 85 17.54 35.09 -30.01
C ASN A 85 16.74 34.84 -28.74
N ILE A 86 15.43 34.62 -28.90
CA ILE A 86 14.57 34.37 -27.74
C ILE A 86 15.02 33.09 -27.06
N PHE A 87 15.37 32.08 -27.86
CA PHE A 87 15.84 30.81 -27.31
C PHE A 87 17.06 31.11 -26.42
N LEU A 88 17.96 31.94 -26.95
CA LEU A 88 19.19 32.35 -26.27
C LEU A 88 18.92 33.07 -24.95
N GLN A 89 18.11 34.12 -25.01
CA GLN A 89 17.84 34.89 -23.81
C GLN A 89 17.09 34.05 -22.79
N THR A 90 16.33 33.08 -23.26
CA THR A 90 15.60 32.21 -22.35
C THR A 90 16.60 31.30 -21.66
N MET A 91 17.54 30.73 -22.42
CA MET A 91 18.54 29.84 -21.82
C MET A 91 19.32 30.59 -20.72
N ILE A 92 19.63 31.86 -21.02
CA ILE A 92 20.35 32.77 -20.14
C ILE A 92 19.56 33.00 -18.85
N LYS A 93 18.26 33.20 -18.97
CA LYS A 93 17.46 33.43 -17.77
C LYS A 93 17.45 32.17 -16.92
N LEU A 94 17.45 31.00 -17.57
CA LEU A 94 17.44 29.72 -16.85
C LEU A 94 18.72 29.46 -16.06
N PHE A 95 19.87 29.64 -16.70
CA PHE A 95 21.11 29.43 -15.97
C PHE A 95 21.16 30.39 -14.78
N ASN A 96 20.61 31.59 -14.95
CA ASN A 96 20.61 32.56 -13.86
C ASN A 96 19.74 32.03 -12.74
N ARG A 97 18.62 31.41 -13.10
CA ARG A 97 17.73 30.87 -12.09
C ARG A 97 18.44 29.69 -11.44
N ILE A 98 19.20 28.93 -12.21
CA ILE A 98 19.91 27.80 -11.66
C ILE A 98 20.97 28.25 -10.65
N LYS A 99 21.76 29.27 -10.99
CA LYS A 99 22.80 29.76 -10.06
C LYS A 99 22.25 30.64 -8.93
N SER A 100 20.96 30.93 -8.93
CA SER A 100 20.37 31.77 -7.88
C SER A 100 20.44 31.11 -6.52
N LYS A 101 20.76 29.82 -6.47
CA LYS A 101 20.88 29.13 -5.21
C LYS A 101 22.19 28.36 -5.17
N PRO A 102 22.83 28.29 -4.00
CA PRO A 102 24.09 27.60 -3.80
C PRO A 102 24.14 26.23 -4.50
N LEU A 103 23.10 25.43 -4.29
CA LEU A 103 23.03 24.09 -4.87
C LEU A 103 23.18 24.02 -6.40
N GLY A 104 22.43 24.83 -7.13
CA GLY A 104 22.52 24.83 -8.59
C GLY A 104 23.82 25.44 -9.07
N GLU A 105 24.36 26.35 -8.27
CA GLU A 105 25.61 26.98 -8.58
C GLU A 105 26.70 25.90 -8.52
N LYS A 106 26.67 25.09 -7.46
CA LYS A 106 27.65 24.02 -7.33
C LYS A 106 27.53 23.03 -8.47
N LEU A 107 26.32 22.85 -8.96
CA LEU A 107 26.13 21.92 -10.06
C LEU A 107 26.92 22.49 -11.22
N LEU A 108 26.58 23.73 -11.60
CA LEU A 108 27.27 24.38 -12.70
C LEU A 108 28.79 24.41 -12.49
N GLU A 109 29.25 24.77 -11.30
CA GLU A 109 30.70 24.79 -11.04
C GLU A 109 31.32 23.40 -11.22
N MET A 110 30.55 22.35 -10.95
CA MET A 110 31.08 21.01 -11.11
C MET A 110 31.14 20.65 -12.60
N ILE A 111 30.15 21.10 -13.36
CA ILE A 111 30.09 20.80 -14.77
C ILE A 111 31.15 21.56 -15.58
N ILE A 112 31.47 22.76 -15.14
CA ILE A 112 32.46 23.58 -15.82
C ILE A 112 33.87 23.05 -15.58
N ASN A 113 34.13 22.65 -14.34
CA ASN A 113 35.44 22.13 -13.94
C ASN A 113 35.69 20.66 -14.24
N GLY A 114 34.62 19.92 -14.50
CA GLY A 114 34.76 18.51 -14.80
C GLY A 114 35.08 18.34 -16.27
N ILE A 115 36.28 18.76 -16.64
CA ILE A 115 36.73 18.68 -18.02
C ILE A 115 37.03 17.25 -18.46
N PRO A 116 36.61 16.89 -19.67
CA PRO A 116 36.88 15.54 -20.17
C PRO A 116 38.37 15.24 -20.15
N TYR A 117 38.74 14.05 -19.69
CA TYR A 117 40.13 13.63 -19.66
C TYR A 117 40.65 13.80 -21.09
N LEU A 118 41.97 13.84 -21.24
CA LEU A 118 42.54 13.96 -22.57
C LEU A 118 42.83 12.57 -23.14
N GLY A 119 41.86 12.02 -23.85
CA GLY A 119 42.03 10.71 -24.42
C GLY A 119 41.06 9.75 -23.80
N ASP A 120 40.96 8.55 -24.38
CA ASP A 120 40.07 7.53 -23.88
C ASP A 120 40.83 6.20 -23.74
N ARG A 121 40.08 5.12 -23.52
CA ARG A 121 40.65 3.78 -23.36
C ARG A 121 41.75 3.42 -24.36
N ARG A 122 41.58 3.84 -25.61
CA ARG A 122 42.55 3.56 -26.67
C ARG A 122 43.89 4.26 -26.52
N VAL A 123 43.88 5.44 -25.91
CA VAL A 123 45.12 6.19 -25.72
C VAL A 123 46.05 5.42 -24.80
N PRO A 124 47.32 5.30 -25.18
CA PRO A 124 48.29 4.57 -24.35
C PRO A 124 48.31 5.23 -22.98
N LEU A 125 48.73 4.49 -21.94
CA LEU A 125 48.74 5.06 -20.60
C LEU A 125 49.64 6.28 -20.41
N GLU A 126 50.82 6.24 -21.01
CA GLU A 126 51.79 7.31 -20.88
C GLU A 126 51.45 8.53 -21.73
N GLU A 127 50.41 8.43 -22.54
CA GLU A 127 50.03 9.53 -23.42
C GLU A 127 48.73 10.26 -23.09
N PHE A 128 48.56 11.35 -23.81
CA PHE A 128 47.41 12.25 -23.76
C PHE A 128 47.06 12.39 -25.24
N ASN A 129 45.80 12.60 -25.56
CA ASN A 129 45.45 12.79 -26.95
C ASN A 129 44.22 13.67 -26.99
N THR A 130 44.39 14.86 -27.55
CA THR A 130 43.31 15.81 -27.66
C THR A 130 42.65 15.64 -29.01
N ASN A 131 43.25 14.81 -29.83
CA ASN A 131 42.75 14.58 -31.17
C ASN A 131 41.75 13.43 -31.30
N ILE A 132 40.59 13.59 -30.65
CA ILE A 132 39.50 12.62 -30.70
C ILE A 132 38.16 13.34 -30.51
N ALA A 133 37.15 12.92 -31.25
CA ALA A 133 35.83 13.55 -31.19
C ALA A 133 35.17 13.69 -29.83
N SER A 134 35.79 13.19 -28.76
CA SER A 134 35.16 13.34 -27.46
C SER A 134 35.90 14.37 -26.61
N VAL A 135 37.01 14.87 -27.13
CA VAL A 135 37.81 15.86 -26.39
C VAL A 135 37.84 17.23 -27.03
N THR A 136 37.89 17.28 -28.36
CA THR A 136 37.97 18.53 -29.10
C THR A 136 36.90 18.72 -30.15
N VAL A 137 36.53 19.98 -30.36
CA VAL A 137 35.55 20.38 -31.36
C VAL A 137 36.19 21.53 -32.13
N ASN A 138 35.86 21.64 -33.41
CA ASN A 138 36.44 22.68 -34.23
C ASN A 138 35.58 23.92 -34.48
N LYS A 139 36.25 25.08 -34.44
CA LYS A 139 35.58 26.34 -34.72
C LYS A 139 36.23 26.84 -36.01
N LEU A 140 35.47 27.58 -36.81
CA LEU A 140 35.95 28.10 -38.09
C LEU A 140 36.29 29.58 -38.03
N ILE A 141 37.39 29.96 -38.67
CA ILE A 141 37.80 31.35 -38.70
C ILE A 141 37.68 31.95 -40.09
N SER A 142 37.52 31.08 -41.09
CA SER A 142 37.37 31.52 -42.47
C SER A 142 36.20 32.51 -42.56
N ASN A 143 35.95 33.04 -43.76
CA ASN A 143 34.85 33.97 -43.96
C ASN A 143 34.07 33.58 -45.23
N PRO A 144 34.67 33.79 -46.43
CA PRO A 144 33.96 33.41 -47.66
C PRO A 144 34.12 31.91 -47.92
N GLY A 145 33.50 31.10 -47.07
CA GLY A 145 33.58 29.65 -47.20
C GLY A 145 34.20 28.97 -45.97
N GLU A 146 34.21 27.64 -45.99
CA GLU A 146 34.76 26.85 -44.88
C GLU A 146 36.25 26.50 -45.08
N VAL A 147 36.70 25.43 -44.42
CA VAL A 147 38.08 24.92 -44.50
C VAL A 147 39.19 25.94 -44.18
N GLU A 148 39.17 27.11 -44.83
CA GLU A 148 40.19 28.12 -44.58
C GLU A 148 40.32 28.35 -43.07
N ARG A 149 41.43 27.90 -42.51
CA ARG A 149 41.69 28.07 -41.09
C ARG A 149 40.64 27.46 -40.12
N LYS A 150 41.04 26.39 -39.44
CA LYS A 150 40.18 25.73 -38.47
C LYS A 150 40.93 25.69 -37.15
N LYS A 151 40.28 26.13 -36.08
CA LYS A 151 40.87 26.15 -34.76
C LYS A 151 40.18 25.08 -33.89
N GLY A 152 40.87 24.62 -32.85
CA GLY A 152 40.31 23.61 -31.98
C GLY A 152 40.13 24.11 -30.56
N ILE A 153 39.01 23.74 -29.95
CA ILE A 153 38.73 24.15 -28.57
C ILE A 153 38.22 22.96 -27.77
N PHE A 154 38.30 23.07 -26.46
CA PHE A 154 37.81 22.03 -25.57
C PHE A 154 36.44 22.48 -25.12
N ALA A 155 35.58 21.52 -24.82
CA ALA A 155 34.24 21.86 -24.36
C ALA A 155 33.78 20.76 -23.44
N ASN A 156 32.81 21.10 -22.60
CA ASN A 156 32.26 20.15 -21.67
C ASN A 156 30.78 19.91 -21.97
N LEU A 157 30.14 20.86 -22.66
CA LEU A 157 28.72 20.75 -22.98
C LEU A 157 28.24 21.65 -24.10
N ILE A 158 27.48 21.09 -25.04
CA ILE A 158 26.91 21.84 -26.15
C ILE A 158 25.41 21.59 -26.08
N ILE A 159 24.62 22.64 -25.89
CA ILE A 159 23.18 22.52 -25.78
C ILE A 159 22.49 23.00 -27.04
N PHE A 160 21.88 22.09 -27.80
CA PHE A 160 21.21 22.49 -29.02
C PHE A 160 19.76 22.75 -28.70
N GLY A 161 18.98 22.97 -29.74
CA GLY A 161 17.55 23.17 -29.57
C GLY A 161 16.94 21.78 -29.62
N PRO A 162 15.59 21.66 -29.67
CA PRO A 162 15.01 20.33 -29.72
C PRO A 162 15.09 19.64 -31.07
N GLY A 163 14.96 18.32 -31.03
CA GLY A 163 14.95 17.52 -32.24
C GLY A 163 13.50 17.49 -32.69
N PRO A 164 13.07 16.46 -33.42
CA PRO A 164 11.69 16.36 -33.90
C PRO A 164 10.59 16.59 -32.84
N VAL A 165 10.72 15.97 -31.67
CA VAL A 165 9.72 16.14 -30.61
C VAL A 165 10.20 17.23 -29.67
N LEU A 166 9.46 18.34 -29.63
CA LEU A 166 9.84 19.46 -28.80
C LEU A 166 10.01 19.12 -27.34
N ASN A 167 9.04 18.41 -26.79
CA ASN A 167 9.09 18.10 -25.37
C ASN A 167 9.92 16.90 -24.93
N GLU A 168 10.65 16.28 -25.86
CA GLU A 168 11.51 15.14 -25.53
C GLU A 168 12.99 15.52 -25.37
N ASN A 169 13.31 16.22 -24.30
CA ASN A 169 14.68 16.66 -24.02
C ASN A 169 15.58 15.45 -23.75
N GLU A 170 16.86 15.58 -24.10
CA GLU A 170 17.76 14.46 -23.90
C GLU A 170 19.23 14.84 -23.95
N THR A 171 19.98 14.37 -22.96
CA THR A 171 21.42 14.62 -22.91
C THR A 171 22.02 13.42 -23.62
N ILE A 172 22.97 13.67 -24.53
CA ILE A 172 23.59 12.63 -25.33
C ILE A 172 25.10 12.60 -25.16
N ASP A 173 25.69 11.42 -24.96
CA ASP A 173 27.12 11.33 -24.82
C ASP A 173 27.76 10.79 -26.10
N ILE A 174 29.05 11.05 -26.29
CA ILE A 174 29.71 10.62 -27.52
C ILE A 174 30.32 9.22 -27.51
N GLY A 175 30.03 8.48 -28.56
CA GLY A 175 30.56 7.13 -28.70
C GLY A 175 31.52 7.01 -29.87
N ILE A 176 32.69 6.44 -29.60
CA ILE A 176 33.70 6.24 -30.62
C ILE A 176 34.15 4.77 -30.59
N GLN A 177 34.08 4.11 -31.76
CA GLN A 177 34.45 2.71 -31.88
C GLN A 177 33.74 1.82 -30.87
N ASN A 178 32.42 1.94 -30.82
CA ASN A 178 31.59 1.15 -29.93
C ASN A 178 31.83 1.32 -28.43
N HIS A 179 32.55 2.37 -28.04
CA HIS A 179 32.78 2.61 -26.62
C HIS A 179 32.44 4.05 -26.22
N PHE A 180 32.18 4.26 -24.94
CA PHE A 180 31.83 5.59 -24.45
C PHE A 180 32.73 6.02 -23.30
N ALA A 181 33.55 7.04 -23.56
CA ALA A 181 34.47 7.57 -22.57
C ALA A 181 33.72 8.17 -21.39
N SER A 182 32.47 8.55 -21.63
CA SER A 182 31.67 9.12 -20.53
C SER A 182 31.14 7.98 -19.64
N ARG A 183 31.53 6.75 -19.96
CA ARG A 183 31.11 5.58 -19.21
C ARG A 183 32.30 4.79 -18.74
N GLU A 184 33.51 5.34 -18.90
CA GLU A 184 34.69 4.60 -18.51
C GLU A 184 35.68 5.35 -17.63
N GLY A 185 35.23 6.44 -17.04
CA GLY A 185 36.08 7.23 -16.15
C GLY A 185 36.70 8.46 -16.77
N PHE A 186 36.67 8.55 -18.10
CA PHE A 186 37.28 9.67 -18.78
C PHE A 186 36.37 10.89 -18.90
N GLY A 187 35.13 10.66 -19.26
CA GLY A 187 34.19 11.74 -19.46
C GLY A 187 34.41 12.16 -20.89
N GLY A 188 33.53 13.00 -21.42
CA GLY A 188 33.66 13.44 -22.80
C GLY A 188 32.65 14.52 -23.11
N ILE A 189 32.88 15.25 -24.19
CA ILE A 189 31.97 16.31 -24.59
C ILE A 189 30.50 15.87 -24.52
N MET A 190 29.70 16.54 -23.70
CA MET A 190 28.29 16.20 -23.61
C MET A 190 27.46 17.08 -24.52
N GLN A 191 26.31 16.57 -24.95
CA GLN A 191 25.39 17.31 -25.82
C GLN A 191 23.98 17.17 -25.27
N MET A 192 23.11 18.08 -25.68
CA MET A 192 21.76 18.06 -25.18
C MET A 192 20.77 18.67 -26.16
N LYS A 193 19.53 18.20 -26.17
CA LYS A 193 18.51 18.80 -27.02
C LYS A 193 17.58 19.33 -25.94
N PHE A 194 17.40 20.63 -25.89
CA PHE A 194 16.55 21.21 -24.87
C PHE A 194 15.58 22.21 -25.46
N CYS A 195 14.39 22.26 -24.86
CA CYS A 195 13.34 23.19 -25.24
C CYS A 195 12.77 23.68 -23.91
N PRO A 196 12.76 25.00 -23.70
CA PRO A 196 12.26 25.61 -22.46
C PRO A 196 10.77 25.91 -22.33
N GLU A 197 10.12 26.23 -23.45
CA GLU A 197 8.70 26.57 -23.45
C GLU A 197 7.71 25.41 -23.38
N TYR A 198 8.07 24.26 -23.94
CA TYR A 198 7.17 23.12 -23.93
C TYR A 198 7.50 22.14 -22.81
N VAL A 199 6.86 22.40 -21.66
CA VAL A 199 7.07 21.62 -20.46
C VAL A 199 6.06 20.48 -20.30
N SER A 200 6.46 19.49 -19.50
CA SER A 200 5.62 18.34 -19.22
C SER A 200 4.67 18.68 -18.08
N VAL A 201 3.54 17.97 -18.01
CA VAL A 201 2.54 18.17 -16.98
C VAL A 201 2.38 16.88 -16.18
N PHE A 202 2.26 16.98 -14.87
CA PHE A 202 2.10 15.79 -14.05
C PHE A 202 0.86 15.89 -13.18
N ASN A 203 0.15 14.76 -13.10
CA ASN A 203 -1.12 14.65 -12.38
C ASN A 203 -1.08 14.97 -10.91
N ASN A 204 -2.03 15.82 -10.51
CA ASN A 204 -2.19 16.25 -9.13
C ASN A 204 -3.38 17.20 -8.98
N VAL A 205 -3.83 17.40 -7.73
CA VAL A 205 -4.97 18.25 -7.40
C VAL A 205 -4.91 19.67 -7.98
N GLN A 206 -6.05 20.11 -8.54
CA GLN A 206 -6.20 21.44 -9.13
C GLN A 206 -7.69 21.74 -9.39
N GLU A 207 -8.23 22.68 -8.59
CA GLU A 207 -9.62 23.11 -8.69
C GLU A 207 -9.71 24.59 -9.11
N ALA A 211 -9.71 19.77 -6.74
CA ALA A 211 -11.04 19.42 -7.21
C ALA A 211 -11.21 19.67 -8.73
N SER A 212 -10.97 18.62 -9.52
CA SER A 212 -11.07 18.74 -10.98
C SER A 212 -12.14 17.87 -11.64
N ILE A 213 -13.40 18.29 -11.52
CA ILE A 213 -14.55 17.60 -12.13
C ILE A 213 -15.16 18.66 -13.05
N PHE A 214 -14.26 19.41 -13.70
CA PHE A 214 -14.65 20.48 -14.62
C PHE A 214 -13.42 21.32 -15.02
N ASN A 215 -12.69 21.82 -14.02
CA ASN A 215 -11.50 22.65 -14.25
C ASN A 215 -10.23 21.80 -14.38
N ARG A 216 -9.36 22.20 -15.32
CA ARG A 216 -8.07 21.54 -15.58
C ARG A 216 -7.39 21.05 -14.30
N ARG A 217 -6.75 19.87 -14.38
CA ARG A 217 -6.07 19.30 -13.23
C ARG A 217 -4.60 19.05 -13.52
N GLY A 218 -3.78 19.11 -12.47
CA GLY A 218 -2.35 18.88 -12.65
C GLY A 218 -1.49 20.12 -12.50
N TYR A 219 -0.18 19.93 -12.59
CA TYR A 219 0.78 21.03 -12.46
C TYR A 219 1.74 20.96 -13.62
N PHE A 220 2.30 22.11 -14.02
CA PHE A 220 3.27 22.11 -15.10
C PHE A 220 4.67 22.31 -14.50
N SER A 221 5.69 21.82 -15.20
CA SER A 221 7.05 21.89 -14.72
C SER A 221 7.79 23.22 -14.88
N ASP A 222 8.72 23.46 -13.97
CA ASP A 222 9.57 24.65 -14.04
C ASP A 222 10.69 24.25 -14.98
N PRO A 223 10.75 24.85 -16.16
CA PRO A 223 11.81 24.51 -17.13
C PRO A 223 13.23 24.58 -16.57
N ALA A 224 13.40 25.20 -15.41
CA ALA A 224 14.71 25.31 -14.80
C ALA A 224 15.09 23.97 -14.15
N LEU A 225 14.09 23.22 -13.69
CA LEU A 225 14.34 21.92 -13.07
C LEU A 225 14.54 20.94 -14.21
N ILE A 226 13.76 21.09 -15.27
CA ILE A 226 13.87 20.23 -16.42
C ILE A 226 15.29 20.32 -16.99
N LEU A 227 15.90 21.49 -16.85
CA LEU A 227 17.25 21.68 -17.38
C LEU A 227 18.27 21.16 -16.39
N MET A 228 17.96 21.25 -15.10
CA MET A 228 18.89 20.75 -14.10
C MET A 228 18.88 19.24 -14.07
N HIS A 229 17.78 18.64 -14.53
CA HIS A 229 17.69 17.18 -14.57
C HIS A 229 18.65 16.75 -15.66
N GLU A 230 18.60 17.44 -16.78
CA GLU A 230 19.47 17.11 -17.90
C GLU A 230 20.94 17.37 -17.59
N LEU A 231 21.20 18.42 -16.81
CA LEU A 231 22.58 18.77 -16.48
C LEU A 231 23.21 17.74 -15.56
N ILE A 232 22.38 17.03 -14.78
CA ILE A 232 22.94 16.01 -13.91
C ILE A 232 23.48 14.87 -14.78
N HIS A 233 22.74 14.52 -15.83
CA HIS A 233 23.20 13.48 -16.74
C HIS A 233 24.53 13.97 -17.24
N VAL A 234 24.59 15.25 -17.59
CA VAL A 234 25.81 15.90 -18.05
C VAL A 234 26.95 15.72 -17.04
N LEU A 235 26.67 16.02 -15.77
CA LEU A 235 27.66 15.88 -14.71
C LEU A 235 28.20 14.47 -14.72
N HIS A 236 27.28 13.49 -14.67
CA HIS A 236 27.65 12.07 -14.68
C HIS A 236 28.53 11.77 -15.86
N GLY A 237 28.13 12.28 -17.03
CA GLY A 237 28.89 12.04 -18.24
C GLY A 237 30.31 12.58 -18.19
N LEU A 238 30.42 13.83 -17.75
CA LEU A 238 31.69 14.52 -17.63
C LEU A 238 32.67 13.83 -16.70
N TYR A 239 32.16 13.25 -15.63
CA TYR A 239 33.03 12.54 -14.70
C TYR A 239 33.19 11.07 -15.08
N GLY A 240 32.59 10.68 -16.20
CA GLY A 240 32.68 9.32 -16.66
C GLY A 240 32.12 8.26 -15.73
N ILE A 241 31.04 8.57 -15.01
CA ILE A 241 30.45 7.59 -14.11
C ILE A 241 29.06 7.23 -14.56
N LYS A 242 28.71 7.62 -15.78
CA LYS A 242 27.40 7.33 -16.36
C LYS A 242 27.45 5.88 -16.86
N VAL A 243 28.06 5.01 -16.07
CA VAL A 243 28.21 3.60 -16.44
C VAL A 243 26.91 2.84 -16.71
N ASP A 244 27.04 1.72 -17.41
CA ASP A 244 25.89 0.88 -17.73
C ASP A 244 25.92 -0.35 -16.85
N ASP A 245 24.75 -0.87 -16.52
CA ASP A 245 24.65 -2.07 -15.71
C ASP A 245 23.37 -2.82 -16.02
N LEU A 246 22.91 -3.64 -15.08
CA LEU A 246 21.69 -4.41 -15.27
C LEU A 246 20.51 -3.48 -15.15
N PRO A 247 19.84 -3.18 -16.26
CA PRO A 247 18.68 -2.30 -16.29
C PRO A 247 17.38 -2.93 -15.83
N ILE A 248 16.38 -2.08 -15.60
CA ILE A 248 15.05 -2.55 -15.24
C ILE A 248 14.41 -2.65 -16.61
N VAL A 249 13.86 -3.81 -16.94
CA VAL A 249 13.22 -3.99 -18.24
C VAL A 249 11.77 -4.42 -18.05
N PRO A 250 10.85 -3.83 -18.82
CA PRO A 250 9.46 -4.23 -18.67
C PRO A 250 9.13 -5.59 -19.25
N ASN A 251 8.22 -6.28 -18.56
CA ASN A 251 7.72 -7.58 -18.99
C ASN A 251 6.71 -7.19 -20.06
N GLU A 252 6.82 -7.74 -21.25
CA GLU A 252 5.89 -7.39 -22.31
C GLU A 252 5.16 -8.60 -22.86
N LYS A 253 4.97 -9.61 -22.02
CA LYS A 253 4.31 -10.82 -22.48
C LYS A 253 2.79 -10.75 -22.53
N LYS A 254 2.17 -10.03 -21.60
CA LYS A 254 0.71 -9.92 -21.59
C LYS A 254 0.22 -8.61 -22.24
N PHE A 255 -0.93 -8.68 -22.89
CA PHE A 255 -1.53 -7.54 -23.58
C PHE A 255 -1.74 -6.31 -22.71
N PHE A 256 -1.77 -6.51 -21.39
CA PHE A 256 -1.98 -5.38 -20.49
C PHE A 256 -0.70 -4.77 -19.91
N MET A 257 0.45 -5.24 -20.34
CA MET A 257 1.71 -4.70 -19.82
C MET A 257 2.28 -3.55 -20.67
N GLN A 258 2.80 -2.52 -20.00
CA GLN A 258 3.36 -1.34 -20.65
C GLN A 258 4.70 -1.64 -21.34
N SER A 259 4.74 -1.41 -22.66
CA SER A 259 5.95 -1.62 -23.47
C SER A 259 6.82 -0.37 -23.37
N THR A 260 8.11 -0.55 -23.09
CA THR A 260 8.99 0.60 -22.98
C THR A 260 10.45 0.23 -22.95
N ASP A 261 11.31 1.23 -23.16
CA ASP A 261 12.75 1.01 -23.17
C ASP A 261 13.26 0.57 -21.81
N ALA A 262 14.41 -0.08 -21.81
CA ALA A 262 15.01 -0.52 -20.56
C ALA A 262 15.38 0.75 -19.79
N ILE A 263 15.42 0.67 -18.47
CA ILE A 263 15.73 1.82 -17.65
C ILE A 263 16.98 1.62 -16.81
N GLN A 264 18.05 2.32 -17.16
CA GLN A 264 19.30 2.19 -16.43
C GLN A 264 19.26 2.86 -15.07
N ALA A 265 20.08 2.37 -14.14
CA ALA A 265 20.15 2.92 -12.80
C ALA A 265 20.44 4.42 -12.81
N GLU A 266 21.35 4.83 -13.70
CA GLU A 266 21.75 6.23 -13.82
C GLU A 266 20.54 7.14 -13.97
N GLU A 267 19.52 6.71 -14.72
CA GLU A 267 18.32 7.53 -14.88
C GLU A 267 17.53 7.63 -13.58
N LEU A 268 17.43 6.51 -12.86
CA LEU A 268 16.71 6.45 -11.59
C LEU A 268 17.48 7.14 -10.47
N TYR A 269 18.80 7.14 -10.56
CA TYR A 269 19.62 7.81 -9.56
C TYR A 269 19.45 9.31 -9.78
N THR A 270 19.32 9.71 -11.04
CA THR A 270 19.17 11.11 -11.38
C THR A 270 17.86 11.68 -10.88
N PHE A 271 16.80 10.89 -10.96
CA PHE A 271 15.51 11.33 -10.47
C PHE A 271 15.51 11.34 -8.94
N GLY A 272 16.10 10.32 -8.33
CA GLY A 272 16.14 10.27 -6.89
C GLY A 272 14.77 9.95 -6.34
N GLY A 273 14.57 10.21 -5.05
CA GLY A 273 13.30 9.93 -4.41
C GLY A 273 13.30 8.45 -4.12
N GLN A 274 12.18 7.78 -4.42
CA GLN A 274 12.06 6.35 -4.18
C GLN A 274 12.62 5.53 -5.34
N ASP A 275 12.75 6.14 -6.50
CA ASP A 275 13.24 5.44 -7.68
C ASP A 275 14.60 4.75 -7.50
N PRO A 276 15.48 5.30 -6.65
CA PRO A 276 16.77 4.62 -6.47
C PRO A 276 16.62 3.26 -5.73
N SER A 277 15.46 3.06 -5.11
CA SER A 277 15.17 1.82 -4.38
C SER A 277 14.82 0.67 -5.31
N ILE A 278 14.45 0.99 -6.55
CA ILE A 278 14.12 -0.01 -7.56
C ILE A 278 15.38 -0.66 -8.08
N ILE A 279 16.53 -0.06 -7.75
CA ILE A 279 17.83 -0.60 -8.13
C ILE A 279 18.34 -1.28 -6.85
N THR A 280 18.31 -2.61 -6.87
CA THR A 280 18.71 -3.38 -5.70
C THR A 280 20.11 -3.05 -5.21
N PRO A 281 20.38 -3.36 -3.93
CA PRO A 281 21.69 -3.12 -3.32
C PRO A 281 22.80 -3.88 -4.05
N SER A 282 22.43 -4.99 -4.69
CA SER A 282 23.42 -5.76 -5.43
C SER A 282 23.91 -4.94 -6.62
N THR A 283 22.97 -4.37 -7.37
CA THR A 283 23.35 -3.55 -8.52
C THR A 283 23.94 -2.23 -8.05
N ASP A 284 23.45 -1.72 -6.92
CA ASP A 284 23.97 -0.47 -6.35
C ASP A 284 25.49 -0.64 -6.18
N LYS A 285 25.89 -1.85 -5.78
CA LYS A 285 27.30 -2.19 -5.58
C LYS A 285 28.02 -2.49 -6.89
N SER A 286 27.32 -3.12 -7.84
CA SER A 286 27.95 -3.44 -9.11
C SER A 286 28.51 -2.15 -9.70
N ILE A 287 27.62 -1.18 -9.88
CA ILE A 287 27.96 0.13 -10.41
C ILE A 287 29.14 0.71 -9.61
N TYR A 288 28.94 0.89 -8.31
CA TYR A 288 29.98 1.42 -7.44
C TYR A 288 31.33 0.84 -7.84
N ASP A 289 31.41 -0.48 -7.85
CA ASP A 289 32.66 -1.17 -8.21
C ASP A 289 33.16 -0.85 -9.62
N LYS A 290 32.28 -0.73 -10.61
CA LYS A 290 32.72 -0.42 -11.97
C LYS A 290 33.30 0.98 -12.10
N VAL A 291 32.73 1.92 -11.36
CA VAL A 291 33.17 3.31 -11.35
C VAL A 291 34.50 3.39 -10.60
N LEU A 292 34.58 2.71 -9.47
CA LEU A 292 35.81 2.69 -8.71
C LEU A 292 36.91 2.12 -9.60
N GLN A 293 36.55 1.11 -10.38
CA GLN A 293 37.50 0.47 -11.27
C GLN A 293 37.98 1.45 -12.31
N ASN A 294 37.07 2.28 -12.83
CA ASN A 294 37.44 3.24 -13.85
C ASN A 294 38.42 4.27 -13.31
N PHE A 295 38.10 4.83 -12.15
CA PHE A 295 38.95 5.81 -11.52
C PHE A 295 40.33 5.23 -11.31
N ARG A 296 40.40 3.95 -10.97
CA ARG A 296 41.67 3.28 -10.75
C ARG A 296 42.55 3.39 -11.99
N GLY A 297 41.93 3.22 -13.16
CA GLY A 297 42.66 3.32 -14.41
C GLY A 297 43.13 4.75 -14.61
N ILE A 298 42.27 5.72 -14.29
CA ILE A 298 42.60 7.12 -14.43
C ILE A 298 43.72 7.51 -13.47
N VAL A 299 43.65 7.04 -12.23
CA VAL A 299 44.69 7.38 -11.28
C VAL A 299 46.02 6.74 -11.73
N ASP A 300 45.93 5.62 -12.44
CA ASP A 300 47.13 4.94 -12.92
C ASP A 300 47.76 5.72 -14.07
N ARG A 301 46.92 6.28 -14.94
CA ARG A 301 47.40 7.06 -16.06
C ARG A 301 48.15 8.31 -15.56
N LEU A 302 47.54 9.03 -14.63
CA LEU A 302 48.17 10.22 -14.08
C LEU A 302 49.57 9.91 -13.55
N ASN A 303 49.75 8.68 -13.09
CA ASN A 303 51.03 8.27 -12.57
C ASN A 303 52.02 7.87 -13.67
N LYS A 304 51.56 7.77 -14.92
CA LYS A 304 52.42 7.36 -16.03
C LYS A 304 52.42 8.36 -17.20
N VAL A 305 51.49 9.31 -17.17
CA VAL A 305 51.38 10.29 -18.24
C VAL A 305 52.68 11.12 -18.35
N LEU A 306 53.15 11.34 -19.57
CA LEU A 306 54.39 12.10 -19.80
C LEU A 306 54.27 13.15 -20.92
N VAL A 307 53.88 12.70 -22.11
CA VAL A 307 53.77 13.58 -23.26
C VAL A 307 52.40 13.60 -23.91
N CYS A 308 52.16 14.64 -24.69
CA CYS A 308 50.92 14.79 -25.42
C CYS A 308 51.30 14.84 -26.89
N ILE A 309 50.86 13.85 -27.66
CA ILE A 309 51.21 13.80 -29.08
C ILE A 309 50.17 14.41 -30.01
N SER A 310 49.35 15.32 -29.49
CA SER A 310 48.31 15.97 -30.27
C SER A 310 48.49 17.49 -30.29
N ASP A 311 48.70 18.06 -29.11
CA ASP A 311 48.92 19.48 -28.94
C ASP A 311 50.14 19.61 -28.05
N PRO A 312 51.32 19.76 -28.67
CA PRO A 312 52.56 19.90 -27.91
C PRO A 312 52.55 21.15 -27.03
N ASN A 313 51.50 21.94 -27.20
CA ASN A 313 51.32 23.18 -26.44
C ASN A 313 50.72 22.90 -25.06
N ILE A 314 50.17 21.70 -24.88
CA ILE A 314 49.54 21.27 -23.63
C ILE A 314 50.55 21.12 -22.49
N ASN A 315 50.24 21.73 -21.34
CA ASN A 315 51.10 21.67 -20.14
C ASN A 315 50.72 20.47 -19.26
N ILE A 316 51.53 19.41 -19.29
CA ILE A 316 51.29 18.20 -18.51
C ILE A 316 51.09 18.42 -16.99
N ASN A 317 51.91 19.25 -16.36
CA ASN A 317 51.73 19.48 -14.93
C ASN A 317 50.37 20.11 -14.66
N ILE A 318 50.01 21.12 -15.44
CA ILE A 318 48.73 21.82 -15.26
C ILE A 318 47.55 20.86 -15.31
N TYR A 319 47.61 19.90 -16.22
CA TYR A 319 46.55 18.93 -16.35
C TYR A 319 46.57 17.88 -15.23
N LYS A 320 47.74 17.41 -14.85
CA LYS A 320 47.78 16.42 -13.78
C LYS A 320 47.20 17.03 -12.50
N ASN A 321 47.36 18.35 -12.31
CA ASN A 321 46.81 18.98 -11.11
C ASN A 321 45.30 19.21 -11.20
N LYS A 322 44.76 19.25 -12.42
CA LYS A 322 43.33 19.48 -12.60
C LYS A 322 42.55 18.18 -12.42
N PHE A 323 42.98 17.15 -13.13
CA PHE A 323 42.35 15.85 -13.03
C PHE A 323 42.43 15.37 -11.60
N LYS A 324 43.59 15.56 -10.99
CA LYS A 324 43.76 15.16 -9.61
C LYS A 324 42.67 15.77 -8.75
N ASP A 325 42.37 17.05 -8.97
CA ASP A 325 41.33 17.71 -8.17
C ASP A 325 39.92 17.30 -8.60
N LYS A 326 39.74 17.07 -9.90
CA LYS A 326 38.46 16.65 -10.43
C LYS A 326 38.00 15.38 -9.72
N TYR A 327 38.83 14.35 -9.83
CA TYR A 327 38.58 13.03 -9.26
C TYR A 327 38.91 12.92 -7.79
N LYS A 328 39.46 13.99 -7.21
CA LYS A 328 39.80 13.99 -5.80
C LYS A 328 40.86 12.98 -5.32
N PHE A 329 41.74 12.56 -6.23
CA PHE A 329 42.81 11.63 -5.89
C PHE A 329 43.75 12.38 -4.92
N VAL A 330 44.55 11.64 -4.16
CA VAL A 330 45.51 12.25 -3.24
C VAL A 330 46.92 12.11 -3.81
N GLU A 331 47.70 13.18 -3.70
CA GLU A 331 49.06 13.21 -4.22
C GLU A 331 50.05 13.32 -3.07
N ASP A 332 50.86 12.27 -2.87
CA ASP A 332 51.85 12.31 -1.78
C ASP A 332 52.88 13.44 -1.96
N SER A 333 53.85 13.53 -1.06
CA SER A 333 54.86 14.58 -1.16
C SER A 333 55.85 14.35 -2.33
N GLU A 334 55.79 13.15 -2.92
CA GLU A 334 56.64 12.78 -4.06
C GLU A 334 55.95 13.02 -5.40
N GLY A 335 54.63 13.13 -5.37
CA GLY A 335 53.87 13.36 -6.59
C GLY A 335 53.16 12.11 -7.07
N LYS A 336 53.26 11.03 -6.31
CA LYS A 336 52.59 9.78 -6.70
C LYS A 336 51.10 9.91 -6.38
N TYR A 337 50.27 9.72 -7.41
CA TYR A 337 48.82 9.83 -7.22
C TYR A 337 48.20 8.52 -6.78
N SER A 338 47.15 8.62 -5.98
CA SER A 338 46.46 7.44 -5.47
C SER A 338 45.04 7.75 -5.06
N ILE A 339 44.22 6.70 -5.03
CA ILE A 339 42.83 6.81 -4.63
C ILE A 339 42.67 6.78 -3.12
N ASP A 340 41.93 7.76 -2.61
CA ASP A 340 41.62 7.87 -1.19
C ASP A 340 40.16 7.45 -1.07
N VAL A 341 39.93 6.25 -0.54
CA VAL A 341 38.58 5.72 -0.37
C VAL A 341 37.58 6.71 0.20
N GLU A 342 37.86 7.33 1.35
CA GLU A 342 36.90 8.28 1.91
C GLU A 342 36.49 9.38 0.94
N SER A 343 37.46 10.08 0.35
CA SER A 343 37.12 11.15 -0.57
C SER A 343 36.42 10.59 -1.80
N PHE A 344 36.84 9.41 -2.26
CA PHE A 344 36.19 8.82 -3.43
C PHE A 344 34.71 8.63 -3.13
N ASP A 345 34.46 8.13 -1.92
CA ASP A 345 33.13 7.86 -1.44
C ASP A 345 32.23 9.08 -1.49
N LYS A 346 32.52 10.07 -0.65
CA LYS A 346 31.72 11.29 -0.63
C LYS A 346 31.50 11.85 -2.03
N LEU A 347 32.49 11.71 -2.90
CA LEU A 347 32.36 12.22 -4.26
C LEU A 347 31.34 11.43 -5.07
N TYR A 348 31.44 10.10 -5.00
CA TYR A 348 30.52 9.22 -5.73
C TYR A 348 29.09 9.46 -5.28
N LYS A 349 28.87 9.41 -3.97
CA LYS A 349 27.54 9.64 -3.42
C LYS A 349 26.99 11.02 -3.80
N SER A 350 27.88 12.02 -3.81
CA SER A 350 27.52 13.38 -4.18
C SER A 350 26.98 13.44 -5.61
N LEU A 351 27.66 12.74 -6.51
CA LEU A 351 27.27 12.74 -7.92
C LEU A 351 26.09 11.86 -8.24
N MET A 352 25.85 10.84 -7.41
CA MET A 352 24.75 9.91 -7.65
C MET A 352 23.53 10.18 -6.80
N PHE A 353 23.74 10.56 -5.54
CA PHE A 353 22.64 10.77 -4.60
C PHE A 353 22.51 12.18 -4.06
N GLY A 354 23.46 13.05 -4.41
CA GLY A 354 23.39 14.41 -3.92
C GLY A 354 22.59 15.23 -4.92
N PHE A 355 23.14 15.34 -6.12
CA PHE A 355 22.51 16.08 -7.19
C PHE A 355 21.49 15.18 -7.87
N THR A 356 20.23 15.28 -7.43
CA THR A 356 19.13 14.50 -7.99
C THR A 356 17.96 15.47 -8.21
N GLU A 357 17.08 15.17 -9.15
CA GLU A 357 15.96 16.07 -9.41
C GLU A 357 15.06 16.23 -8.18
N THR A 358 15.04 15.23 -7.32
CA THR A 358 14.23 15.31 -6.12
C THR A 358 14.82 16.29 -5.10
N ASN A 359 16.13 16.19 -4.86
CA ASN A 359 16.79 17.07 -3.91
C ASN A 359 16.79 18.51 -4.38
N ILE A 360 17.01 18.69 -5.68
CA ILE A 360 17.02 20.02 -6.27
C ILE A 360 15.64 20.69 -6.21
N ALA A 361 14.58 19.96 -6.59
CA ALA A 361 13.24 20.52 -6.56
C ALA A 361 12.85 20.93 -5.15
N GLU A 362 13.23 20.12 -4.17
CA GLU A 362 12.93 20.43 -2.80
C GLU A 362 13.66 21.70 -2.42
N ASN A 363 14.92 21.80 -2.83
CA ASN A 363 15.73 22.96 -2.51
C ASN A 363 15.21 24.26 -3.11
N TYR A 364 14.88 24.24 -4.41
CA TYR A 364 14.38 25.44 -5.05
C TYR A 364 12.89 25.62 -4.81
N LYS A 365 12.28 24.69 -4.09
CA LYS A 365 10.84 24.73 -3.80
C LYS A 365 10.01 24.71 -5.10
N ILE A 366 10.30 23.72 -5.93
CA ILE A 366 9.62 23.51 -7.21
C ILE A 366 8.87 22.19 -7.10
N LYS A 367 7.66 22.12 -7.63
CA LYS A 367 6.92 20.86 -7.56
C LYS A 367 7.28 19.97 -8.73
N THR A 368 7.17 18.67 -8.54
CA THR A 368 7.48 17.74 -9.62
C THR A 368 6.75 16.41 -9.47
N ARG A 369 6.90 15.52 -10.44
CA ARG A 369 6.26 14.22 -10.39
C ARG A 369 6.84 13.41 -9.24
N ALA A 370 6.00 12.61 -8.61
CA ALA A 370 6.38 11.80 -7.46
C ALA A 370 7.37 10.68 -7.75
N SER A 371 7.30 10.11 -8.95
CA SER A 371 8.21 9.02 -9.31
C SER A 371 8.46 8.94 -10.80
N TYR A 372 9.51 8.23 -11.18
CA TYR A 372 9.85 8.05 -12.59
C TYR A 372 8.68 7.29 -13.21
N PHE A 373 8.14 6.34 -12.46
CA PHE A 373 7.02 5.55 -12.94
C PHE A 373 5.69 6.16 -12.52
N SER A 374 5.28 7.21 -13.22
CA SER A 374 4.01 7.83 -12.91
C SER A 374 3.44 8.42 -14.18
N ASP A 375 2.15 8.26 -14.36
CA ASP A 375 1.50 8.74 -15.55
C ASP A 375 1.76 10.21 -15.83
N SER A 376 2.12 10.49 -17.08
CA SER A 376 2.38 11.85 -17.51
C SER A 376 1.21 12.28 -18.39
N LEU A 377 0.83 13.55 -18.26
CA LEU A 377 -0.27 14.11 -19.03
C LEU A 377 0.28 14.78 -20.29
N PRO A 378 -0.58 15.47 -21.06
CA PRO A 378 -0.07 16.13 -22.27
C PRO A 378 0.65 17.43 -21.90
N PRO A 379 1.67 17.84 -22.69
CA PRO A 379 2.42 19.06 -22.41
C PRO A 379 1.73 20.38 -22.70
N VAL A 380 2.18 21.42 -22.02
CA VAL A 380 1.63 22.75 -22.22
C VAL A 380 2.75 23.68 -22.66
N LYS A 381 2.38 24.81 -23.21
CA LYS A 381 3.36 25.80 -23.65
C LYS A 381 3.34 27.00 -22.72
N ILE A 382 4.50 27.33 -22.16
CA ILE A 382 4.57 28.48 -21.27
C ILE A 382 4.51 29.69 -22.19
N LYS A 383 3.64 30.63 -21.89
CA LYS A 383 3.49 31.80 -22.76
C LYS A 383 4.74 32.65 -22.98
N ASN A 384 5.42 33.04 -21.89
CA ASN A 384 6.62 33.86 -22.04
C ASN A 384 7.49 33.86 -20.80
N LEU A 385 8.50 33.00 -20.79
CA LEU A 385 9.42 32.92 -19.66
C LEU A 385 10.23 34.21 -19.51
N LEU A 386 10.22 35.06 -20.54
CA LEU A 386 10.96 36.31 -20.46
C LEU A 386 10.16 37.44 -19.81
N ASP A 387 9.00 37.10 -19.24
CA ASP A 387 8.14 38.08 -18.59
C ASP A 387 8.20 37.90 -17.08
N ASN A 388 8.82 38.86 -16.37
CA ASN A 388 8.95 38.75 -14.91
C ASN A 388 7.67 38.75 -14.09
N GLU A 389 6.53 38.88 -14.73
CA GLU A 389 5.27 38.85 -13.98
C GLU A 389 4.78 37.40 -13.96
N ILE A 390 5.30 36.62 -14.91
CA ILE A 390 4.92 35.22 -15.06
C ILE A 390 5.97 34.22 -14.53
N TYR A 391 7.24 34.56 -14.66
CA TYR A 391 8.31 33.66 -14.25
C TYR A 391 9.56 34.46 -13.92
N THR A 392 10.11 34.26 -12.74
CA THR A 392 11.31 34.99 -12.32
C THR A 392 12.46 34.09 -11.95
N ILE A 393 13.66 34.65 -12.04
CA ILE A 393 14.89 33.95 -11.72
C ILE A 393 14.85 33.43 -10.30
N GLU A 394 14.60 34.32 -9.36
CA GLU A 394 14.55 33.95 -7.97
C GLU A 394 13.49 32.92 -7.58
N GLU A 395 12.26 33.10 -8.06
CA GLU A 395 11.18 32.19 -7.66
C GLU A 395 10.51 31.28 -8.67
N GLY A 396 10.81 31.45 -9.95
CA GLY A 396 10.17 30.62 -10.97
C GLY A 396 8.74 31.08 -11.26
N PHE A 397 7.79 30.17 -11.15
CA PHE A 397 6.39 30.50 -11.37
C PHE A 397 5.72 30.80 -10.02
N ASN A 398 6.28 30.23 -8.95
CA ASN A 398 5.74 30.40 -7.60
C ASN A 398 6.13 31.72 -6.94
N ILE A 399 5.70 32.81 -7.56
CA ILE A 399 5.99 34.15 -7.09
C ILE A 399 5.13 34.59 -5.90
N SER A 400 5.78 35.07 -4.86
CA SER A 400 5.12 35.53 -3.66
C SER A 400 4.23 36.78 -3.83
N ASP A 401 4.64 37.72 -4.68
CA ASP A 401 3.87 38.93 -4.89
C ASP A 401 2.50 38.67 -5.50
N LYS A 402 2.39 37.56 -6.22
CA LYS A 402 1.13 37.19 -6.84
C LYS A 402 0.50 36.13 -5.97
N ASP A 403 1.00 36.03 -4.73
CA ASP A 403 0.54 35.02 -3.79
C ASP A 403 0.40 33.68 -4.52
N MET A 404 1.52 33.23 -5.04
CA MET A 404 1.63 31.99 -5.79
C MET A 404 2.83 31.22 -5.27
N GLU A 405 3.22 31.44 -4.02
CA GLU A 405 4.35 30.71 -3.46
C GLU A 405 3.85 29.48 -2.73
N LYS A 406 2.80 29.68 -1.94
CA LYS A 406 2.18 28.62 -1.17
C LYS A 406 1.59 27.52 -2.05
N GLU A 407 1.78 26.27 -1.63
CA GLU A 407 1.23 25.11 -2.33
C GLU A 407 1.56 24.96 -3.83
N TYR A 408 2.66 25.56 -4.26
CA TYR A 408 3.09 25.50 -5.65
C TYR A 408 2.02 26.05 -6.58
N ARG A 409 1.17 26.92 -6.06
CA ARG A 409 0.09 27.49 -6.87
C ARG A 409 0.54 28.03 -8.22
N GLY A 410 1.75 28.58 -8.29
CA GLY A 410 2.24 29.10 -9.54
C GLY A 410 2.34 28.08 -10.65
N GLN A 411 2.41 26.80 -10.29
CA GLN A 411 2.53 25.74 -11.27
C GLN A 411 1.21 25.03 -11.48
N ASN A 412 0.23 25.37 -10.66
CA ASN A 412 -1.10 24.76 -10.75
C ASN A 412 -1.78 25.22 -12.04
N LYS A 413 -2.36 24.29 -12.80
CA LYS A 413 -3.00 24.65 -14.05
C LYS A 413 -4.33 25.32 -13.83
N ALA A 414 -5.08 24.86 -12.85
CA ALA A 414 -6.38 25.44 -12.59
C ALA A 414 -6.29 26.83 -11.98
N ILE A 415 -5.11 27.21 -11.50
CA ILE A 415 -4.92 28.51 -10.86
C ILE A 415 -4.18 29.56 -11.68
N ASN A 416 -3.06 29.17 -12.27
CA ASN A 416 -2.24 30.10 -13.05
C ASN A 416 -2.37 29.87 -14.56
N LYS A 417 -3.57 30.18 -15.07
CA LYS A 417 -3.89 30.03 -16.49
C LYS A 417 -3.33 31.15 -17.37
N GLN A 418 -2.82 32.20 -16.74
CA GLN A 418 -2.24 33.31 -17.50
C GLN A 418 -0.81 32.94 -17.90
N ALA A 419 -0.31 31.86 -17.34
CA ALA A 419 1.06 31.42 -17.57
C ALA A 419 1.35 30.41 -18.69
N TYR A 420 0.33 29.68 -19.16
CA TYR A 420 0.56 28.67 -20.18
C TYR A 420 -0.60 28.57 -21.15
N GLU A 421 -0.41 27.77 -22.20
CA GLU A 421 -1.43 27.53 -23.21
C GLU A 421 -1.58 26.04 -23.46
N GLU A 422 -2.82 25.60 -23.65
CA GLU A 422 -3.11 24.20 -23.96
C GLU A 422 -2.62 24.05 -25.38
N ILE A 423 -2.23 22.84 -25.77
CA ILE A 423 -1.74 22.65 -27.12
C ILE A 423 -2.66 21.82 -28.03
N SER A 424 -2.67 22.20 -29.29
CA SER A 424 -3.46 21.56 -30.34
C SER A 424 -3.29 20.04 -30.38
N LYS A 425 -4.19 19.30 -29.74
CA LYS A 425 -4.07 17.85 -29.76
C LYS A 425 -3.86 17.37 -31.19
N GLU A 426 -4.34 18.14 -32.16
CA GLU A 426 -4.17 17.80 -33.57
C GLU A 426 -2.71 18.00 -33.93
N HIS A 427 -1.84 17.89 -32.93
CA HIS A 427 -0.40 18.03 -33.12
C HIS A 427 0.38 17.09 -32.22
N LEU A 428 -0.34 16.35 -31.39
CA LEU A 428 0.27 15.38 -30.50
C LEU A 428 0.20 13.97 -31.11
N ALA A 429 1.16 13.14 -30.74
CA ALA A 429 1.23 11.75 -31.20
C ALA A 429 1.35 10.90 -29.95
N VAL A 430 0.55 9.85 -29.88
CA VAL A 430 0.54 8.98 -28.72
C VAL A 430 0.55 7.53 -29.17
N TYR A 431 1.51 6.76 -28.67
CA TYR A 431 1.59 5.35 -29.01
C TYR A 431 0.42 4.65 -28.33
N LYS A 432 -0.40 3.96 -29.10
CA LYS A 432 -1.55 3.28 -28.53
C LYS A 432 -1.59 1.79 -28.86
N ILE A 433 -2.44 1.08 -28.13
CA ILE A 433 -2.65 -0.34 -28.35
C ILE A 433 -4.13 -0.44 -28.69
N GLN A 434 -4.44 -0.88 -29.90
CA GLN A 434 -5.84 -1.05 -30.29
C GLN A 434 -6.19 -2.46 -29.86
N MET A 435 -7.02 -2.59 -28.84
CA MET A 435 -7.41 -3.90 -28.33
C MET A 435 -8.65 -4.38 -29.05
N CYS A 436 -8.49 -5.37 -29.91
CA CYS A 436 -9.61 -5.91 -30.67
C CYS A 436 -10.08 -7.27 -30.19
N LYS A 437 -11.34 -7.55 -30.49
CA LYS A 437 -11.95 -8.82 -30.13
C LYS A 437 -12.03 -9.70 -31.39
N SER A 438 -12.17 -11.01 -31.19
CA SER A 438 -12.23 -11.99 -32.29
C SER A 438 -10.82 -12.46 -32.65
N GLY A 443 -14.19 -6.45 -35.98
CA GLY A 443 -15.29 -5.73 -35.35
C GLY A 443 -14.95 -5.30 -33.93
N ILE A 444 -15.42 -4.11 -33.56
CA ILE A 444 -15.21 -3.51 -32.23
C ILE A 444 -13.80 -3.61 -31.62
N CYS A 445 -13.10 -2.47 -31.57
CA CYS A 445 -11.76 -2.38 -30.99
C CYS A 445 -11.68 -1.14 -30.11
N ILE A 446 -10.79 -1.14 -29.13
CA ILE A 446 -10.65 0.00 -28.24
C ILE A 446 -9.21 0.48 -28.19
N ASP A 447 -9.00 1.79 -28.29
CA ASP A 447 -7.66 2.33 -28.23
C ASP A 447 -7.29 2.71 -26.79
N VAL A 448 -6.15 2.22 -26.34
CA VAL A 448 -5.65 2.49 -25.00
C VAL A 448 -4.25 3.03 -25.16
N ASP A 449 -3.93 4.10 -24.42
CA ASP A 449 -2.61 4.70 -24.50
C ASP A 449 -1.63 3.89 -23.69
N ASN A 450 -0.56 3.45 -24.33
CA ASN A 450 0.47 2.67 -23.66
C ASN A 450 0.73 3.15 -22.22
N GLU A 451 0.61 4.44 -22.01
CA GLU A 451 0.84 5.05 -20.71
C GLU A 451 -0.05 4.40 -19.65
N ASP A 452 -1.30 4.18 -20.01
CA ASP A 452 -2.28 3.60 -19.09
C ASP A 452 -2.11 2.11 -18.76
N LEU A 453 -1.31 1.37 -19.53
CA LEU A 453 -1.13 -0.06 -19.24
C LEU A 453 -0.31 -0.26 -17.98
N PHE A 454 -0.24 -1.52 -17.53
CA PHE A 454 0.50 -1.86 -16.33
C PHE A 454 1.98 -1.97 -16.60
N PHE A 455 2.78 -1.38 -15.72
CA PHE A 455 4.22 -1.49 -15.88
C PHE A 455 4.65 -2.53 -14.87
N ILE A 456 5.29 -3.58 -15.36
CA ILE A 456 5.74 -4.65 -14.47
C ILE A 456 7.14 -5.07 -14.87
N ALA A 457 8.07 -4.88 -13.95
CA ALA A 457 9.46 -5.23 -14.18
C ALA A 457 9.59 -6.74 -14.42
N ASP A 458 10.28 -7.14 -15.48
CA ASP A 458 10.46 -8.55 -15.75
C ASP A 458 11.44 -9.09 -14.72
N LYS A 459 11.48 -10.41 -14.56
CA LYS A 459 12.39 -11.00 -13.58
C LYS A 459 13.85 -10.71 -13.94
N ASN A 460 14.14 -10.65 -15.23
CA ASN A 460 15.49 -10.38 -15.73
C ASN A 460 16.08 -9.09 -15.19
N SER A 461 15.21 -8.22 -14.70
CA SER A 461 15.65 -6.94 -14.19
C SER A 461 16.48 -7.03 -12.92
N PHE A 462 16.41 -8.14 -12.19
CA PHE A 462 17.14 -8.19 -10.93
C PHE A 462 18.36 -9.10 -10.82
N SER A 463 19.38 -8.57 -10.15
CA SER A 463 20.67 -9.25 -9.95
C SER A 463 20.63 -10.57 -9.21
N ASP A 464 21.51 -11.47 -9.61
CA ASP A 464 21.60 -12.78 -8.98
C ASP A 464 22.84 -12.86 -8.08
N ASP A 465 23.54 -11.74 -7.90
CA ASP A 465 24.75 -11.70 -7.09
C ASP A 465 24.65 -12.28 -5.68
N LEU A 466 23.42 -12.54 -5.22
CA LEU A 466 23.24 -13.09 -3.89
C LEU A 466 23.49 -14.59 -3.84
N SER A 467 23.53 -15.25 -5.00
CA SER A 467 23.77 -16.68 -5.06
C SER A 467 25.23 -17.09 -5.23
N LYS A 468 26.14 -16.12 -5.23
CA LYS A 468 27.56 -16.42 -5.37
C LYS A 468 28.17 -16.71 -4.01
N ASN A 469 29.43 -17.13 -4.01
CA ASN A 469 30.13 -17.46 -2.77
C ASN A 469 30.89 -16.26 -2.21
N GLU A 470 31.36 -16.40 -0.98
CA GLU A 470 32.09 -15.32 -0.33
C GLU A 470 33.26 -15.82 0.51
N ARG A 471 34.48 -15.64 0.01
CA ARG A 471 35.64 -16.06 0.77
C ARG A 471 35.76 -15.05 1.91
N ILE A 472 35.73 -15.55 3.14
CA ILE A 472 35.79 -14.69 4.31
C ILE A 472 37.15 -14.82 4.99
N GLU A 473 37.78 -13.68 5.28
CA GLU A 473 39.07 -13.66 5.95
C GLU A 473 39.08 -12.56 6.99
N TYR A 474 40.17 -12.45 7.73
CA TYR A 474 40.28 -11.44 8.77
C TYR A 474 40.16 -10.05 8.16
N ASN A 475 40.29 -10.00 6.83
CA ASN A 475 40.22 -8.76 6.07
C ASN A 475 38.81 -8.37 5.64
N THR A 476 38.07 -9.35 5.12
CA THR A 476 36.70 -9.14 4.63
C THR A 476 35.89 -8.21 5.52
N GLN A 477 35.39 -7.12 4.93
CA GLN A 477 34.59 -6.13 5.66
C GLN A 477 33.22 -5.92 5.00
N SER A 478 32.32 -5.28 5.72
CA SER A 478 30.96 -5.02 5.23
C SER A 478 30.91 -4.00 4.09
N ASN A 479 29.93 -4.17 3.20
CA ASN A 479 29.78 -3.27 2.06
C ASN A 479 28.34 -2.75 1.94
N TYR A 480 28.19 -1.45 2.15
CA TYR A 480 26.88 -0.82 2.06
C TYR A 480 26.91 0.53 1.35
N ILE A 481 26.06 0.68 0.34
CA ILE A 481 25.96 1.92 -0.40
C ILE A 481 24.61 2.54 -0.09
N GLU A 482 24.58 3.48 0.83
CA GLU A 482 23.34 4.14 1.18
C GLU A 482 22.95 5.09 0.06
N ASN A 483 21.86 4.77 -0.63
CA ASN A 483 21.36 5.61 -1.74
C ASN A 483 20.83 6.91 -1.15
N ASP A 484 21.73 7.63 -0.49
CA ASP A 484 21.37 8.87 0.14
C ASP A 484 22.63 9.71 0.37
N PHE A 485 22.44 11.01 0.49
CA PHE A 485 23.53 11.94 0.74
C PHE A 485 22.96 13.24 1.32
N PRO A 486 23.44 13.65 2.52
CA PRO A 486 22.97 14.88 3.20
C PRO A 486 23.24 16.15 2.38
N ILE A 487 22.22 16.63 1.69
CA ILE A 487 22.38 17.80 0.84
C ILE A 487 22.77 19.08 1.57
N ASN A 488 22.59 19.12 2.89
CA ASN A 488 22.94 20.33 3.64
C ASN A 488 24.45 20.60 3.67
N GLU A 489 25.27 19.55 3.74
CA GLU A 489 26.72 19.74 3.76
C GLU A 489 27.24 19.91 2.34
N LEU A 490 26.53 19.33 1.37
CA LEU A 490 26.91 19.45 -0.03
C LEU A 490 26.81 20.91 -0.48
N ILE A 491 25.97 21.67 0.22
CA ILE A 491 25.77 23.09 -0.06
C ILE A 491 26.82 23.92 0.69
N LEU A 492 27.57 23.28 1.58
CA LEU A 492 28.62 23.96 2.33
C LEU A 492 29.98 23.54 1.76
N ASP A 493 30.62 24.47 1.05
CA ASP A 493 31.91 24.24 0.40
C ASP A 493 33.09 23.88 1.31
N THR A 494 33.76 22.81 0.94
CA THR A 494 34.92 22.28 1.64
C THR A 494 35.60 21.37 0.60
N ASP A 495 34.93 20.26 0.28
CA ASP A 495 35.44 19.30 -0.68
C ASP A 495 34.98 19.64 -2.11
N LEU A 496 33.69 19.42 -2.38
CA LEU A 496 33.09 19.68 -3.68
C LEU A 496 33.86 20.56 -4.70
N ILE A 497 33.51 21.85 -4.74
CA ILE A 497 34.10 22.81 -5.70
C ILE A 497 35.64 22.96 -5.76
N SER A 498 36.15 22.85 -6.98
CA SER A 498 37.59 22.94 -7.26
C SER A 498 38.12 24.34 -7.46
N LYS A 499 39.23 24.64 -6.78
CA LYS A 499 39.86 25.95 -6.88
C LYS A 499 41.15 25.90 -7.73
N ILE A 500 41.23 24.87 -8.57
CA ILE A 500 42.37 24.69 -9.46
C ILE A 500 42.06 25.40 -10.77
N GLU A 501 43.01 26.19 -11.24
CA GLU A 501 42.88 26.92 -12.49
C GLU A 501 42.30 26.02 -13.59
N LEU A 502 41.47 26.59 -14.45
CA LEU A 502 40.86 25.83 -15.53
C LEU A 502 41.70 26.09 -16.78
N PRO A 503 42.34 25.04 -17.34
CA PRO A 503 43.17 25.18 -18.54
C PRO A 503 42.46 25.96 -19.63
N SER A 504 43.22 26.46 -20.60
CA SER A 504 42.64 27.24 -21.68
C SER A 504 41.99 26.34 -22.70
N GLU A 505 40.87 26.79 -23.25
CA GLU A 505 40.12 25.99 -24.20
C GLU A 505 40.69 25.92 -25.60
N ASN A 506 41.71 26.71 -25.90
CA ASN A 506 42.26 26.66 -27.25
C ASN A 506 43.33 25.58 -27.36
N THR A 507 43.34 24.90 -28.51
CA THR A 507 44.29 23.82 -28.77
C THR A 507 44.30 23.43 -30.25
N GLU A 508 45.07 22.39 -30.56
CA GLU A 508 45.16 21.91 -31.93
C GLU A 508 43.80 21.48 -32.48
N SER A 509 43.65 21.58 -33.79
CA SER A 509 42.42 21.21 -34.46
C SER A 509 42.18 19.72 -34.45
N LEU A 510 40.91 19.34 -34.56
CA LEU A 510 40.51 17.93 -34.59
C LEU A 510 40.65 17.49 -36.04
N THR A 511 41.29 16.34 -36.26
CA THR A 511 41.48 15.82 -37.61
C THR A 511 40.93 14.40 -37.74
N ASP A 512 40.66 13.77 -36.59
CA ASP A 512 40.12 12.42 -36.55
C ASP A 512 38.63 12.49 -36.16
N PHE A 513 37.79 12.80 -37.15
CA PHE A 513 36.35 12.94 -36.93
C PHE A 513 35.61 11.63 -36.76
N ASN A 514 36.35 10.60 -36.37
CA ASN A 514 35.73 9.31 -36.17
C ASN A 514 34.79 9.44 -34.98
N VAL A 515 33.60 8.84 -35.11
CA VAL A 515 32.59 8.87 -34.05
C VAL A 515 31.31 8.20 -34.54
N ASP A 516 30.60 7.53 -33.64
CA ASP A 516 29.34 6.87 -34.01
C ASP A 516 28.18 7.85 -33.91
N VAL A 517 27.50 8.09 -35.02
CA VAL A 517 26.36 9.00 -34.98
C VAL A 517 25.06 8.19 -34.97
N PRO A 518 24.28 8.29 -33.88
CA PRO A 518 23.01 7.57 -33.72
C PRO A 518 21.97 7.92 -34.78
N VAL A 519 21.29 6.90 -35.30
CA VAL A 519 20.24 7.11 -36.30
C VAL A 519 18.92 6.81 -35.59
N TYR A 520 17.94 7.69 -35.77
CA TYR A 520 16.64 7.50 -35.15
C TYR A 520 15.57 7.30 -36.21
N GLU A 521 14.59 6.46 -35.91
CA GLU A 521 13.49 6.22 -36.84
C GLU A 521 12.17 6.10 -36.07
N LYS A 522 11.08 6.49 -36.69
CA LYS A 522 9.79 6.41 -36.04
C LYS A 522 9.27 4.99 -36.08
N GLN A 523 8.17 4.73 -35.39
CA GLN A 523 7.58 3.39 -35.40
C GLN A 523 6.06 3.59 -35.29
N PRO A 524 5.28 2.67 -35.85
CA PRO A 524 3.82 2.79 -35.78
C PRO A 524 3.37 3.29 -34.42
N ALA A 525 2.49 4.28 -34.41
CA ALA A 525 1.97 4.85 -33.17
C ALA A 525 0.85 3.96 -32.63
N ILE A 526 0.19 3.25 -33.55
CA ILE A 526 -0.90 2.35 -33.17
C ILE A 526 -0.47 0.92 -33.40
N LYS A 527 -0.64 0.07 -32.39
CA LYS A 527 -0.28 -1.34 -32.49
C LYS A 527 -1.52 -2.16 -32.20
N LYS A 528 -2.02 -2.84 -33.23
CA LYS A 528 -3.22 -3.65 -33.10
C LYS A 528 -2.96 -5.07 -32.56
N ILE A 529 -3.53 -5.37 -31.38
CA ILE A 529 -3.40 -6.70 -30.76
C ILE A 529 -4.79 -7.36 -30.56
N PHE A 530 -4.82 -8.66 -30.36
CA PHE A 530 -6.11 -9.34 -30.20
C PHE A 530 -6.33 -10.02 -28.86
N THR A 531 -7.51 -9.78 -28.28
CA THR A 531 -7.88 -10.37 -27.00
C THR A 531 -9.37 -10.21 -26.78
N ASP A 532 -10.01 -11.20 -26.16
CA ASP A 532 -11.44 -11.11 -25.90
C ASP A 532 -11.73 -10.86 -24.43
N GLU A 533 -10.67 -10.58 -23.65
CA GLU A 533 -10.85 -10.29 -22.23
C GLU A 533 -11.51 -8.93 -22.09
N ASN A 534 -12.11 -8.72 -20.92
CA ASN A 534 -12.77 -7.47 -20.59
C ASN A 534 -12.33 -7.13 -19.17
N THR A 535 -11.10 -6.66 -19.07
CA THR A 535 -10.52 -6.28 -17.80
C THR A 535 -10.66 -4.76 -17.61
N ILE A 536 -9.72 -4.17 -16.87
CA ILE A 536 -9.73 -2.75 -16.57
C ILE A 536 -10.03 -1.79 -17.73
N PHE A 537 -9.24 -1.88 -18.80
CA PHE A 537 -9.43 -0.99 -19.92
C PHE A 537 -10.83 -1.02 -20.51
N GLN A 538 -11.38 -2.21 -20.71
CA GLN A 538 -12.72 -2.33 -21.28
C GLN A 538 -13.79 -1.78 -20.36
N TYR A 539 -13.67 -2.06 -19.07
CA TYR A 539 -14.66 -1.58 -18.11
C TYR A 539 -14.65 -0.06 -18.04
N LEU A 540 -13.48 0.55 -18.16
CA LEU A 540 -13.41 2.01 -18.14
C LEU A 540 -14.04 2.55 -19.42
N TYR A 541 -13.76 1.89 -20.54
CA TYR A 541 -14.30 2.31 -21.83
C TYR A 541 -15.82 2.22 -21.80
N SER A 542 -16.33 1.17 -21.14
CA SER A 542 -17.77 0.96 -21.05
C SER A 542 -18.44 2.13 -20.37
N GLN A 543 -17.65 2.96 -19.69
CA GLN A 543 -18.19 4.10 -18.96
C GLN A 543 -18.12 5.45 -19.68
N THR A 544 -17.67 5.44 -20.94
CA THR A 544 -17.58 6.68 -21.72
C THR A 544 -18.63 6.65 -22.84
N PHE A 545 -18.78 7.77 -23.53
CA PHE A 545 -19.71 7.90 -24.64
C PHE A 545 -19.19 8.95 -25.63
N PRO A 546 -19.57 8.83 -26.91
CA PRO A 546 -19.14 9.77 -27.95
C PRO A 546 -19.64 11.19 -27.75
N LEU A 547 -18.93 12.13 -28.34
CA LEU A 547 -19.28 13.54 -28.24
C LEU A 547 -20.51 13.89 -29.06
N ASP A 548 -20.77 13.12 -30.11
CA ASP A 548 -21.92 13.40 -30.94
C ASP A 548 -23.21 12.81 -30.38
N ILE A 549 -23.21 12.56 -29.08
CA ILE A 549 -24.37 12.00 -28.39
C ILE A 549 -24.62 12.76 -27.10
N ARG A 550 -25.82 13.29 -26.93
CA ARG A 550 -26.15 14.02 -25.70
C ARG A 550 -27.22 13.34 -24.84
N ASP A 551 -27.95 12.41 -25.44
CA ASP A 551 -29.00 11.68 -24.72
C ASP A 551 -28.56 10.29 -24.25
N ILE A 552 -28.17 10.18 -22.98
CA ILE A 552 -27.75 8.88 -22.46
C ILE A 552 -28.55 8.38 -21.26
N SER A 553 -28.45 7.08 -21.03
CA SER A 553 -29.12 6.45 -19.89
C SER A 553 -28.12 5.46 -19.28
N LEU A 554 -28.14 5.32 -17.96
CA LEU A 554 -27.23 4.42 -17.27
C LEU A 554 -27.72 2.96 -17.30
N THR A 555 -26.79 2.04 -17.17
CA THR A 555 -27.14 0.62 -17.15
C THR A 555 -26.17 -0.05 -16.20
N SER A 556 -26.63 -1.08 -15.48
CA SER A 556 -25.75 -1.78 -14.56
C SER A 556 -25.17 -2.97 -15.32
N SER A 557 -25.53 -3.06 -16.59
CA SER A 557 -25.06 -4.14 -17.45
C SER A 557 -23.87 -3.73 -18.31
N PHE A 558 -22.69 -4.22 -17.95
CA PHE A 558 -21.47 -3.92 -18.69
C PHE A 558 -21.61 -4.19 -20.18
N ASP A 559 -22.36 -5.22 -20.54
CA ASP A 559 -22.51 -5.61 -21.94
C ASP A 559 -23.34 -4.74 -22.86
N ASP A 560 -24.42 -4.15 -22.34
CA ASP A 560 -25.25 -3.29 -23.16
C ASP A 560 -24.47 -2.01 -23.37
N ALA A 561 -23.76 -1.61 -22.33
CA ALA A 561 -22.94 -0.41 -22.37
C ALA A 561 -21.96 -0.52 -23.54
N LEU A 562 -21.32 -1.67 -23.69
CA LEU A 562 -20.38 -1.83 -24.80
C LEU A 562 -21.14 -1.84 -26.12
N LEU A 563 -22.31 -2.45 -26.11
CA LEU A 563 -23.10 -2.56 -27.32
C LEU A 563 -23.76 -1.25 -27.75
N PHE A 564 -24.40 -0.56 -26.81
CA PHE A 564 -25.09 0.68 -27.14
C PHE A 564 -24.42 1.97 -26.70
N SER A 565 -24.14 2.81 -27.70
CA SER A 565 -23.49 4.10 -27.53
C SER A 565 -24.21 5.04 -26.58
N ASN A 566 -25.54 4.99 -26.54
CA ASN A 566 -26.31 5.85 -25.64
C ASN A 566 -26.49 5.16 -24.29
N LYS A 567 -25.83 4.01 -24.13
CA LYS A 567 -25.88 3.26 -22.88
C LYS A 567 -24.51 3.35 -22.21
N VAL A 568 -24.50 3.77 -20.95
CA VAL A 568 -23.27 3.91 -20.20
C VAL A 568 -23.29 3.10 -18.91
N TYR A 569 -22.22 2.36 -18.69
CA TYR A 569 -22.05 1.51 -17.51
C TYR A 569 -21.80 2.25 -16.20
N SER A 570 -22.45 1.79 -15.15
CA SER A 570 -22.29 2.40 -13.84
C SER A 570 -22.18 1.29 -12.81
N PHE A 571 -21.22 1.43 -11.91
CA PHE A 571 -20.99 0.42 -10.89
C PHE A 571 -21.72 0.72 -9.60
N PHE A 572 -22.46 1.83 -9.56
CA PHE A 572 -23.22 2.20 -8.37
C PHE A 572 -24.48 1.33 -8.23
N SER A 573 -25.26 1.59 -7.17
CA SER A 573 -26.46 0.80 -6.91
C SER A 573 -27.57 0.85 -7.95
N MET A 574 -28.38 -0.20 -7.94
CA MET A 574 -29.52 -0.35 -8.84
C MET A 574 -30.46 0.84 -8.63
N ASP A 575 -30.64 1.22 -7.37
CA ASP A 575 -31.48 2.33 -7.00
C ASP A 575 -30.95 3.66 -7.58
N TYR A 576 -29.65 3.87 -7.44
CA TYR A 576 -29.03 5.08 -7.96
C TYR A 576 -29.25 5.13 -9.47
N ILE A 577 -29.03 4.00 -10.14
CA ILE A 577 -29.18 3.92 -11.58
C ILE A 577 -30.61 4.14 -12.07
N LYS A 578 -31.58 3.76 -11.25
CA LYS A 578 -32.98 3.91 -11.62
C LYS A 578 -33.36 5.39 -11.51
N THR A 579 -32.98 6.02 -10.41
CA THR A 579 -33.29 7.43 -10.20
C THR A 579 -32.64 8.32 -11.29
N ALA A 580 -31.40 8.01 -11.64
CA ALA A 580 -30.68 8.79 -12.65
C ALA A 580 -31.39 8.76 -14.00
N ASN A 581 -32.00 7.62 -14.33
CA ASN A 581 -32.68 7.51 -15.61
C ASN A 581 -34.11 8.00 -15.58
N LYS A 582 -34.51 8.53 -14.43
CA LYS A 582 -35.85 9.07 -14.23
C LYS A 582 -36.03 10.34 -15.09
N VAL A 583 -37.28 10.65 -15.40
CA VAL A 583 -37.61 11.83 -16.21
C VAL A 583 -38.84 12.43 -15.55
N VAL A 584 -38.76 13.70 -15.15
CA VAL A 584 -39.89 14.33 -14.49
C VAL A 584 -40.33 15.71 -14.98
N GLU A 585 -41.34 16.23 -14.31
CA GLU A 585 -41.92 17.54 -14.58
C GLU A 585 -40.99 18.62 -14.09
N ALA A 586 -40.95 19.73 -14.81
CA ALA A 586 -40.11 20.86 -14.43
C ALA A 586 -40.36 21.22 -12.97
N GLY A 587 -41.61 21.12 -12.54
CA GLY A 587 -41.95 21.45 -11.16
C GLY A 587 -41.31 20.52 -10.15
N LEU A 588 -40.75 19.43 -10.65
CA LEU A 588 -40.11 18.44 -9.80
C LEU A 588 -38.66 18.21 -10.21
N PHE A 589 -38.13 19.05 -11.08
CA PHE A 589 -36.74 18.89 -11.51
C PHE A 589 -35.75 19.19 -10.38
N ALA A 590 -35.97 20.31 -9.69
CA ALA A 590 -35.12 20.71 -8.59
C ALA A 590 -34.94 19.56 -7.62
N GLY A 591 -36.04 19.08 -7.04
CA GLY A 591 -35.97 17.98 -6.09
C GLY A 591 -35.19 16.81 -6.63
N TRP A 592 -35.58 16.35 -7.80
CA TRP A 592 -34.93 15.22 -8.44
C TRP A 592 -33.43 15.43 -8.55
N VAL A 593 -32.99 16.62 -8.93
CA VAL A 593 -31.57 16.91 -9.03
C VAL A 593 -30.90 16.81 -7.65
N LYS A 594 -31.53 17.45 -6.67
CA LYS A 594 -31.03 17.47 -5.31
C LYS A 594 -30.76 16.05 -4.78
N GLN A 595 -31.67 15.11 -5.04
CA GLN A 595 -31.51 13.76 -4.54
C GLN A 595 -30.59 12.82 -5.34
N ILE A 596 -30.49 13.01 -6.66
CA ILE A 596 -29.64 12.16 -7.50
C ILE A 596 -28.17 12.50 -7.22
N VAL A 597 -27.93 13.75 -6.86
CA VAL A 597 -26.59 14.20 -6.54
C VAL A 597 -26.27 13.69 -5.14
N ASN A 598 -27.24 13.78 -4.23
CA ASN A 598 -26.99 13.32 -2.88
C ASN A 598 -26.76 11.83 -2.95
N ASP A 599 -27.51 11.19 -3.84
CA ASP A 599 -27.39 9.77 -4.07
C ASP A 599 -25.93 9.54 -4.48
N PHE A 600 -25.47 10.27 -5.50
CA PHE A 600 -24.10 10.12 -5.98
C PHE A 600 -23.14 10.18 -4.81
N VAL A 601 -23.27 11.21 -3.99
CA VAL A 601 -22.42 11.38 -2.83
C VAL A 601 -22.47 10.14 -1.92
N ILE A 602 -23.68 9.68 -1.60
CA ILE A 602 -23.81 8.52 -0.73
C ILE A 602 -23.16 7.25 -1.31
N GLU A 603 -23.31 7.05 -2.61
CA GLU A 603 -22.73 5.88 -3.27
C GLU A 603 -21.20 5.95 -3.24
N ALA A 604 -20.64 7.09 -3.63
CA ALA A 604 -19.20 7.28 -3.64
C ALA A 604 -18.61 7.05 -2.24
N ASN A 605 -19.33 7.52 -1.22
CA ASN A 605 -18.86 7.35 0.14
C ASN A 605 -19.01 5.95 0.68
N LYS A 606 -19.44 5.01 -0.14
CA LYS A 606 -19.52 3.63 0.35
C LYS A 606 -18.12 3.06 0.31
N SER A 607 -17.16 3.92 -0.06
CA SER A 607 -15.76 3.55 -0.14
C SER A 607 -15.12 3.59 1.25
N ASN A 608 -15.88 4.02 2.25
CA ASN A 608 -15.37 4.07 3.61
C ASN A 608 -16.01 2.94 4.42
N THR A 609 -16.48 1.91 3.72
CA THR A 609 -17.13 0.76 4.37
C THR A 609 -16.19 -0.08 5.21
N MET A 610 -16.61 -0.36 6.44
CA MET A 610 -15.84 -1.17 7.35
C MET A 610 -16.27 -2.62 7.24
N ASP A 611 -15.50 -3.52 7.84
CA ASP A 611 -15.80 -4.95 7.80
C ASP A 611 -15.04 -5.60 8.94
N LYS A 612 -15.08 -4.93 10.09
CA LYS A 612 -14.38 -5.34 11.30
C LYS A 612 -14.57 -6.79 11.74
N ILE A 613 -15.76 -7.35 11.54
CA ILE A 613 -16.00 -8.74 11.94
C ILE A 613 -15.06 -9.70 11.20
N ALA A 614 -14.72 -9.36 9.96
CA ALA A 614 -13.82 -10.17 9.15
C ALA A 614 -12.38 -9.67 9.29
N ASP A 615 -12.16 -8.87 10.33
CA ASP A 615 -10.85 -8.26 10.62
C ASP A 615 -10.23 -7.49 9.45
N ILE A 616 -11.05 -6.62 8.86
CA ILE A 616 -10.66 -5.74 7.76
C ILE A 616 -11.27 -4.38 8.10
N SER A 617 -10.44 -3.37 8.31
CA SER A 617 -10.94 -2.05 8.68
C SER A 617 -11.49 -1.22 7.54
N LEU A 618 -10.90 -1.35 6.35
CA LEU A 618 -11.31 -0.57 5.20
C LEU A 618 -11.52 -1.41 3.97
N ILE A 619 -12.65 -1.19 3.31
CA ILE A 619 -12.95 -1.95 2.10
C ILE A 619 -13.85 -1.15 1.16
N VAL A 620 -13.43 -1.04 -0.09
CA VAL A 620 -14.22 -0.34 -1.08
C VAL A 620 -14.89 -1.41 -1.93
N PRO A 621 -16.14 -1.76 -1.58
CA PRO A 621 -16.92 -2.78 -2.29
C PRO A 621 -17.07 -2.63 -3.80
N TYR A 622 -17.08 -1.40 -4.28
CA TYR A 622 -17.28 -1.19 -5.70
C TYR A 622 -16.09 -1.25 -6.61
N ILE A 623 -14.88 -1.33 -6.07
CA ILE A 623 -13.69 -1.38 -6.92
C ILE A 623 -13.81 -2.46 -7.99
N GLY A 624 -14.40 -3.60 -7.62
CA GLY A 624 -14.56 -4.70 -8.55
C GLY A 624 -15.50 -4.44 -9.70
N LEU A 625 -16.69 -3.93 -9.40
CA LEU A 625 -17.65 -3.64 -10.47
C LEU A 625 -17.06 -2.57 -11.37
N ALA A 626 -16.42 -1.58 -10.74
CA ALA A 626 -15.83 -0.46 -11.46
C ALA A 626 -14.72 -0.75 -12.46
N LEU A 627 -13.86 -1.73 -12.19
CA LEU A 627 -12.75 -2.00 -13.09
C LEU A 627 -12.63 -3.45 -13.52
N ASN A 628 -13.15 -4.36 -12.70
CA ASN A 628 -13.06 -5.79 -12.98
C ASN A 628 -11.59 -6.12 -13.26
N VAL A 629 -10.73 -5.64 -12.38
CA VAL A 629 -9.31 -5.85 -12.53
C VAL A 629 -8.84 -7.09 -11.78
N GLY A 630 -7.89 -7.80 -12.36
CA GLY A 630 -7.39 -8.99 -11.71
C GLY A 630 -8.20 -10.25 -11.94
N ASN A 631 -8.47 -10.96 -10.85
CA ASN A 631 -9.19 -12.22 -10.87
C ASN A 631 -10.72 -12.09 -11.05
N GLU A 632 -11.14 -11.57 -12.22
CA GLU A 632 -12.57 -11.40 -12.54
C GLU A 632 -13.35 -10.90 -11.32
N THR A 633 -12.90 -9.78 -10.75
CA THR A 633 -13.49 -9.20 -9.55
C THR A 633 -14.84 -8.50 -9.65
N ALA A 634 -15.37 -8.38 -10.85
CA ALA A 634 -16.68 -7.74 -11.06
C ALA A 634 -17.80 -8.77 -10.90
N LYS A 635 -17.42 -10.03 -10.68
CA LYS A 635 -18.37 -11.11 -10.52
C LYS A 635 -18.40 -11.57 -9.08
N GLY A 636 -19.60 -11.78 -8.58
CA GLY A 636 -19.79 -12.23 -7.21
C GLY A 636 -19.89 -11.06 -6.26
N ASN A 637 -19.45 -11.27 -5.01
CA ASN A 637 -19.45 -10.24 -3.98
C ASN A 637 -17.99 -9.90 -3.80
N PHE A 638 -17.61 -8.65 -4.06
CA PHE A 638 -16.22 -8.27 -3.90
C PHE A 638 -15.76 -8.41 -2.46
N GLU A 639 -16.51 -7.82 -1.54
CA GLU A 639 -16.13 -7.88 -0.14
C GLU A 639 -15.83 -9.32 0.32
N ASN A 640 -16.64 -10.28 -0.10
CA ASN A 640 -16.37 -11.65 0.29
C ASN A 640 -15.06 -12.18 -0.28
N ALA A 641 -14.90 -12.08 -1.60
CA ALA A 641 -13.71 -12.57 -2.28
C ALA A 641 -12.43 -11.97 -1.73
N PHE A 642 -12.49 -10.72 -1.34
CA PHE A 642 -11.31 -10.05 -0.78
C PHE A 642 -11.02 -10.68 0.59
N GLU A 643 -12.09 -10.92 1.34
CA GLU A 643 -11.99 -11.52 2.65
C GLU A 643 -11.25 -12.85 2.63
N ILE A 644 -11.30 -13.54 1.50
CA ILE A 644 -10.66 -14.85 1.34
C ILE A 644 -9.25 -14.84 0.75
N ALA A 645 -9.07 -14.21 -0.41
CA ALA A 645 -7.76 -14.15 -1.06
C ALA A 645 -6.98 -12.88 -0.73
N GLY A 646 -7.70 -11.80 -0.44
CA GLY A 646 -7.05 -10.56 -0.08
C GLY A 646 -6.63 -9.64 -1.22
N ALA A 647 -5.53 -8.91 -0.99
CA ALA A 647 -5.03 -7.96 -1.98
C ALA A 647 -4.58 -8.64 -3.25
N SER A 648 -4.33 -9.94 -3.19
CA SER A 648 -3.88 -10.63 -4.39
C SER A 648 -4.93 -10.69 -5.49
N ILE A 649 -6.21 -10.53 -5.17
CA ILE A 649 -7.21 -10.63 -6.23
C ILE A 649 -7.32 -9.37 -7.08
N LEU A 650 -6.69 -8.30 -6.62
CA LEU A 650 -6.73 -7.03 -7.33
C LEU A 650 -5.62 -6.93 -8.35
N LEU A 651 -4.56 -7.71 -8.15
CA LEU A 651 -3.43 -7.71 -9.07
C LEU A 651 -3.81 -8.30 -10.42
N GLU A 652 -3.36 -7.65 -11.48
CA GLU A 652 -3.63 -8.07 -12.84
C GLU A 652 -2.66 -9.19 -13.19
N PHE A 653 -1.53 -9.24 -12.49
CA PHE A 653 -0.53 -10.25 -12.75
C PHE A 653 0.24 -10.65 -11.51
N ILE A 654 0.35 -11.95 -11.24
CA ILE A 654 1.10 -12.41 -10.09
C ILE A 654 2.54 -12.61 -10.58
N PRO A 655 3.44 -11.71 -10.18
CA PRO A 655 4.84 -11.79 -10.60
C PRO A 655 5.65 -12.97 -10.05
N GLU A 656 6.63 -13.41 -10.82
CA GLU A 656 7.52 -14.49 -10.40
C GLU A 656 8.75 -13.83 -9.80
N LEU A 657 8.86 -13.87 -8.47
CA LEU A 657 9.98 -13.27 -7.76
C LEU A 657 11.31 -13.97 -7.94
N LEU A 658 12.38 -13.24 -7.67
CA LEU A 658 13.73 -13.75 -7.74
C LEU A 658 14.19 -13.81 -6.30
N ILE A 659 14.23 -15.02 -5.75
CA ILE A 659 14.67 -15.22 -4.38
C ILE A 659 15.66 -16.38 -4.51
N PRO A 660 16.96 -16.05 -4.60
CA PRO A 660 18.00 -17.07 -4.74
C PRO A 660 18.58 -17.66 -3.47
N VAL A 661 19.29 -18.77 -3.64
CA VAL A 661 19.92 -19.45 -2.52
C VAL A 661 21.21 -18.69 -2.26
N VAL A 662 21.27 -18.03 -1.11
CA VAL A 662 22.45 -17.25 -0.76
C VAL A 662 23.71 -18.10 -0.75
N GLY A 663 24.57 -17.88 -1.75
CA GLY A 663 25.82 -18.60 -1.91
C GLY A 663 26.56 -18.97 -0.62
N ALA A 664 27.14 -20.17 -0.62
CA ALA A 664 27.88 -20.68 0.52
C ALA A 664 29.09 -19.82 0.85
N PHE A 665 29.57 -19.94 2.08
CA PHE A 665 30.72 -19.18 2.53
C PHE A 665 31.96 -20.06 2.60
N LEU A 666 33.11 -19.41 2.75
CA LEU A 666 34.40 -20.08 2.83
C LEU A 666 35.31 -19.29 3.75
N LEU A 667 35.76 -19.92 4.84
CA LEU A 667 36.68 -19.25 5.76
C LEU A 667 38.01 -19.97 5.59
N GLU A 668 38.01 -20.89 4.62
CA GLU A 668 39.17 -21.71 4.26
C GLU A 668 40.50 -20.96 4.27
N SER A 669 40.77 -20.24 3.18
CA SER A 669 41.99 -19.46 2.96
C SER A 669 42.48 -18.69 4.22
N TYR A 670 42.95 -19.45 5.20
CA TYR A 670 43.46 -18.92 6.47
C TYR A 670 43.59 -20.08 7.46
N ILE A 671 44.82 -20.53 7.69
CA ILE A 671 45.08 -21.63 8.63
C ILE A 671 46.00 -21.19 9.77
N ASP A 672 47.05 -21.98 10.02
CA ASP A 672 48.04 -21.73 11.07
C ASP A 672 47.45 -21.40 12.44
N ASN A 673 48.27 -21.53 13.47
CA ASN A 673 47.83 -21.27 14.84
C ASN A 673 47.85 -19.79 15.25
N LYS A 674 47.32 -18.93 14.41
CA LYS A 674 47.27 -17.49 14.71
C LYS A 674 45.95 -17.21 15.46
N ASN A 675 46.06 -16.81 16.72
CA ASN A 675 44.87 -16.52 17.54
C ASN A 675 44.24 -15.15 17.27
N LYS A 676 44.82 -14.41 16.32
CA LYS A 676 44.32 -13.08 15.96
C LYS A 676 43.40 -13.09 14.74
N ILE A 677 43.79 -13.82 13.69
CA ILE A 677 42.98 -13.91 12.46
C ILE A 677 41.61 -14.54 12.75
N ILE A 678 41.43 -14.96 14.00
CA ILE A 678 40.19 -15.58 14.49
C ILE A 678 38.95 -14.89 13.91
N LYS A 679 39.05 -13.58 13.72
CA LYS A 679 37.99 -12.74 13.19
C LYS A 679 37.50 -13.18 11.81
N THR A 680 38.08 -14.23 11.26
CA THR A 680 37.66 -14.73 9.96
C THR A 680 36.21 -15.24 10.10
N ILE A 681 35.81 -15.45 11.35
CA ILE A 681 34.46 -15.93 11.67
C ILE A 681 33.63 -14.71 12.04
N ASP A 682 34.20 -13.88 12.90
CA ASP A 682 33.56 -12.64 13.34
C ASP A 682 33.08 -11.83 12.14
N ASN A 683 33.81 -11.94 11.03
CA ASN A 683 33.48 -11.22 9.81
C ASN A 683 32.51 -12.02 8.93
N ALA A 684 32.33 -13.29 9.28
CA ALA A 684 31.44 -14.17 8.52
C ALA A 684 30.03 -13.88 8.97
N LEU A 685 29.92 -13.46 10.23
CA LEU A 685 28.64 -13.13 10.87
C LEU A 685 28.05 -11.81 10.36
N THR A 686 28.84 -10.75 10.49
CA THR A 686 28.44 -9.44 10.04
C THR A 686 28.16 -9.48 8.52
N LYS A 687 28.79 -10.43 7.84
CA LYS A 687 28.60 -10.59 6.40
C LYS A 687 27.27 -11.28 6.19
N ARG A 688 26.79 -11.96 7.22
CA ARG A 688 25.51 -12.64 7.16
C ARG A 688 24.45 -11.57 7.24
N ASN A 689 24.69 -10.58 8.11
CA ASN A 689 23.76 -9.47 8.28
C ASN A 689 23.66 -8.68 6.98
N GLU A 690 24.75 -8.63 6.22
CA GLU A 690 24.74 -7.91 4.96
C GLU A 690 23.89 -8.68 3.96
N LYS A 691 23.98 -10.01 4.01
CA LYS A 691 23.22 -10.85 3.11
C LYS A 691 21.71 -10.76 3.36
N TRP A 692 21.34 -10.54 4.62
CA TRP A 692 19.93 -10.41 4.97
C TRP A 692 19.43 -9.11 4.36
N SER A 693 20.03 -8.01 4.80
CA SER A 693 19.69 -6.68 4.32
C SER A 693 19.54 -6.63 2.79
N ASP A 694 20.59 -7.05 2.09
CA ASP A 694 20.60 -7.09 0.62
C ASP A 694 19.40 -7.85 0.06
N MET A 695 19.04 -8.96 0.71
CA MET A 695 17.91 -9.77 0.26
C MET A 695 16.63 -8.98 0.43
N TYR A 696 16.52 -8.27 1.54
CA TYR A 696 15.34 -7.46 1.78
C TYR A 696 15.28 -6.41 0.67
N GLY A 697 16.38 -5.68 0.47
CA GLY A 697 16.43 -4.66 -0.56
C GLY A 697 16.06 -5.22 -1.92
N LEU A 698 16.41 -6.47 -2.15
CA LEU A 698 16.09 -7.13 -3.41
C LEU A 698 14.57 -7.21 -3.53
N ILE A 699 13.91 -7.56 -2.43
CA ILE A 699 12.45 -7.69 -2.39
C ILE A 699 11.79 -6.34 -2.62
N VAL A 700 12.11 -5.38 -1.75
CA VAL A 700 11.57 -4.03 -1.88
C VAL A 700 11.67 -3.56 -3.32
N ALA A 701 12.78 -3.86 -3.98
CA ALA A 701 12.97 -3.44 -5.36
C ALA A 701 11.94 -4.04 -6.32
N GLN A 702 11.56 -5.30 -6.09
CA GLN A 702 10.61 -5.97 -6.96
C GLN A 702 9.17 -5.57 -6.61
N TRP A 703 8.94 -5.29 -5.34
CA TRP A 703 7.64 -4.87 -4.87
C TRP A 703 7.30 -3.55 -5.58
N LEU A 704 8.22 -2.58 -5.53
CA LEU A 704 8.02 -1.26 -6.14
C LEU A 704 7.86 -1.22 -7.64
N SER A 705 8.44 -2.19 -8.32
CA SER A 705 8.36 -2.19 -9.77
C SER A 705 7.52 -3.30 -10.39
N THR A 706 6.94 -4.18 -9.58
CA THR A 706 6.10 -5.24 -10.14
C THR A 706 4.73 -5.31 -9.46
N VAL A 707 4.65 -4.84 -8.21
CA VAL A 707 3.40 -4.88 -7.45
C VAL A 707 2.81 -3.50 -7.21
N ASN A 708 3.55 -2.62 -6.52
CA ASN A 708 3.06 -1.27 -6.25
C ASN A 708 2.78 -0.50 -7.56
N THR A 709 3.42 -0.87 -8.65
CA THR A 709 3.15 -0.21 -9.92
C THR A 709 1.74 -0.58 -10.36
N GLN A 710 1.36 -1.83 -10.18
CA GLN A 710 0.03 -2.27 -10.56
C GLN A 710 -1.01 -1.58 -9.70
N PHE A 711 -0.77 -1.51 -8.40
CA PHE A 711 -1.73 -0.84 -7.56
C PHE A 711 -1.87 0.62 -7.99
N TYR A 712 -0.75 1.25 -8.33
CA TYR A 712 -0.80 2.62 -8.79
C TYR A 712 -1.81 2.73 -9.96
N THR A 713 -1.75 1.80 -10.91
CA THR A 713 -2.67 1.83 -12.04
C THR A 713 -4.12 1.72 -11.59
N ILE A 714 -4.34 1.01 -10.48
CA ILE A 714 -5.68 0.84 -9.96
C ILE A 714 -6.18 2.12 -9.33
N LYS A 715 -5.37 2.74 -8.49
CA LYS A 715 -5.78 4.01 -7.87
C LYS A 715 -6.16 4.95 -9.02
N GLU A 716 -5.33 5.00 -10.06
CA GLU A 716 -5.60 5.85 -11.22
C GLU A 716 -6.90 5.47 -11.91
N GLY A 717 -7.06 4.18 -12.22
CA GLY A 717 -8.26 3.73 -12.89
C GLY A 717 -9.53 4.05 -12.12
N MET A 718 -9.43 4.12 -10.80
CA MET A 718 -10.57 4.46 -9.96
C MET A 718 -10.88 5.95 -10.07
N TYR A 719 -9.84 6.77 -10.17
CA TYR A 719 -10.00 8.21 -10.32
C TYR A 719 -10.77 8.46 -11.60
N LYS A 720 -10.36 7.79 -12.68
CA LYS A 720 -11.04 7.93 -13.96
C LYS A 720 -12.45 7.38 -13.87
N ALA A 721 -12.59 6.22 -13.24
CA ALA A 721 -13.90 5.60 -13.10
C ALA A 721 -14.87 6.52 -12.38
N LEU A 722 -14.45 7.06 -11.24
CA LEU A 722 -15.32 7.94 -10.48
C LEU A 722 -15.64 9.24 -11.24
N ASN A 723 -14.67 9.72 -12.00
CA ASN A 723 -14.85 10.95 -12.75
C ASN A 723 -15.85 10.71 -13.89
N TYR A 724 -15.62 9.67 -14.68
CA TYR A 724 -16.52 9.33 -15.80
C TYR A 724 -17.96 9.23 -15.28
N GLN A 725 -18.10 8.75 -14.05
CA GLN A 725 -19.39 8.62 -13.43
C GLN A 725 -20.05 9.96 -13.24
N ALA A 726 -19.33 10.90 -12.67
CA ALA A 726 -19.88 12.23 -12.45
C ALA A 726 -20.21 12.86 -13.80
N GLN A 727 -19.32 12.69 -14.77
CA GLN A 727 -19.52 13.25 -16.09
C GLN A 727 -20.82 12.75 -16.73
N ALA A 728 -21.07 11.44 -16.65
CA ALA A 728 -22.28 10.87 -17.20
C ALA A 728 -23.48 11.49 -16.49
N LEU A 729 -23.41 11.57 -15.17
CA LEU A 729 -24.50 12.14 -14.40
C LEU A 729 -24.80 13.59 -14.80
N GLU A 730 -23.74 14.39 -14.95
CA GLU A 730 -23.90 15.79 -15.31
C GLU A 730 -24.46 15.88 -16.71
N GLU A 731 -24.05 14.96 -17.57
CA GLU A 731 -24.54 14.97 -18.93
C GLU A 731 -26.05 14.72 -18.95
N ILE A 732 -26.49 13.75 -18.15
CA ILE A 732 -27.91 13.42 -18.08
C ILE A 732 -28.69 14.61 -17.55
N ILE A 733 -28.22 15.18 -16.44
CA ILE A 733 -28.87 16.34 -15.85
C ILE A 733 -29.05 17.44 -16.88
N LYS A 734 -27.95 17.80 -17.55
CA LYS A 734 -27.98 18.84 -18.58
C LYS A 734 -29.00 18.54 -19.66
N TYR A 735 -29.07 17.29 -20.09
CA TYR A 735 -30.02 16.94 -21.12
C TYR A 735 -31.46 17.16 -20.64
N ARG A 736 -31.83 16.55 -19.52
CA ARG A 736 -33.19 16.72 -19.01
C ARG A 736 -33.57 18.20 -18.84
N TYR A 737 -32.63 19.01 -18.38
CA TYR A 737 -32.88 20.43 -18.17
C TYR A 737 -33.16 21.15 -19.48
N ASN A 738 -32.33 20.92 -20.49
CA ASN A 738 -32.54 21.59 -21.76
C ASN A 738 -33.71 21.06 -22.61
N ILE A 739 -34.50 20.13 -22.06
CA ILE A 739 -35.66 19.61 -22.79
C ILE A 739 -36.78 20.61 -22.56
N TYR A 740 -36.75 21.23 -21.39
CA TYR A 740 -37.74 22.21 -20.99
C TYR A 740 -37.64 23.51 -21.80
N SER A 741 -38.75 24.23 -21.86
CA SER A 741 -38.79 25.49 -22.59
C SER A 741 -38.08 26.51 -21.72
N GLU A 742 -37.82 27.69 -22.29
CA GLU A 742 -37.15 28.76 -21.55
C GLU A 742 -38.01 29.27 -20.42
N LYS A 743 -39.33 29.23 -20.62
CA LYS A 743 -40.30 29.71 -19.64
C LYS A 743 -40.18 28.88 -18.36
N GLU A 744 -40.10 27.56 -18.54
CA GLU A 744 -40.00 26.63 -17.42
C GLU A 744 -38.63 26.74 -16.76
N LYS A 745 -37.59 26.75 -17.57
CA LYS A 745 -36.23 26.84 -17.06
C LYS A 745 -36.10 28.02 -16.12
N SER A 746 -36.72 29.13 -16.47
CA SER A 746 -36.64 30.33 -15.64
C SER A 746 -37.11 30.13 -14.20
N ASN A 747 -38.03 29.20 -14.00
CA ASN A 747 -38.54 28.95 -12.65
C ASN A 747 -37.90 27.77 -11.94
N ILE A 748 -37.11 27.00 -12.68
CA ILE A 748 -36.42 25.87 -12.11
C ILE A 748 -35.23 26.37 -11.29
N ASN A 749 -35.19 26.03 -10.01
CA ASN A 749 -34.10 26.45 -9.13
C ASN A 749 -32.94 25.45 -9.25
N ILE A 750 -31.98 25.74 -10.13
CA ILE A 750 -30.84 24.85 -10.32
C ILE A 750 -29.52 25.63 -10.35
N ASP A 751 -28.55 25.18 -9.57
CA ASP A 751 -27.24 25.84 -9.52
C ASP A 751 -26.13 24.92 -9.98
N PHE A 752 -25.89 24.89 -11.28
CA PHE A 752 -24.85 24.02 -11.83
C PHE A 752 -23.45 24.08 -11.20
N ASN A 753 -23.13 25.17 -10.49
CA ASN A 753 -21.82 25.25 -9.87
C ASN A 753 -21.82 24.52 -8.54
N ASP A 754 -22.98 24.42 -7.93
CA ASP A 754 -23.10 23.74 -6.65
C ASP A 754 -23.25 22.24 -6.88
N ILE A 755 -23.72 21.86 -8.07
CA ILE A 755 -23.88 20.47 -8.45
C ILE A 755 -22.48 19.89 -8.59
N ASN A 756 -21.68 20.51 -9.43
CA ASN A 756 -20.32 20.05 -9.64
C ASN A 756 -19.52 20.08 -8.34
N SER A 757 -19.65 21.16 -7.60
CA SER A 757 -18.95 21.30 -6.34
C SER A 757 -19.23 20.07 -5.47
N LYS A 758 -20.52 19.73 -5.32
CA LYS A 758 -20.93 18.58 -4.50
C LYS A 758 -20.50 17.26 -5.10
N LEU A 759 -20.61 17.14 -6.41
CA LEU A 759 -20.20 15.92 -7.09
C LEU A 759 -18.69 15.73 -6.93
N ASN A 760 -17.96 16.82 -7.10
CA ASN A 760 -16.52 16.81 -7.00
C ASN A 760 -16.01 16.54 -5.60
N GLU A 761 -16.74 17.03 -4.59
CA GLU A 761 -16.33 16.82 -3.21
C GLU A 761 -16.45 15.35 -2.85
N GLY A 762 -17.53 14.72 -3.34
CA GLY A 762 -17.74 13.33 -3.07
C GLY A 762 -16.59 12.51 -3.61
N ILE A 763 -16.20 12.79 -4.86
CA ILE A 763 -15.09 12.08 -5.48
C ILE A 763 -13.83 12.25 -4.69
N ASN A 764 -13.60 13.45 -4.16
CA ASN A 764 -12.39 13.68 -3.41
C ASN A 764 -12.39 12.86 -2.14
N GLN A 765 -13.55 12.76 -1.48
CA GLN A 765 -13.65 11.97 -0.26
C GLN A 765 -13.38 10.51 -0.60
N ALA A 766 -13.88 10.07 -1.75
CA ALA A 766 -13.71 8.70 -2.21
C ALA A 766 -12.26 8.35 -2.54
N ILE A 767 -11.62 9.20 -3.36
CA ILE A 767 -10.24 9.01 -3.75
C ILE A 767 -9.37 8.84 -2.51
N ASP A 768 -9.62 9.67 -1.50
CA ASP A 768 -8.86 9.58 -0.25
C ASP A 768 -9.01 8.18 0.37
N ASN A 769 -10.23 7.64 0.32
CA ASN A 769 -10.50 6.30 0.85
C ASN A 769 -9.87 5.25 -0.05
N ILE A 770 -10.11 5.38 -1.35
CA ILE A 770 -9.57 4.43 -2.29
C ILE A 770 -8.06 4.35 -2.18
N ASN A 771 -7.44 5.46 -1.81
CA ASN A 771 -6.00 5.49 -1.71
C ASN A 771 -5.49 4.73 -0.53
N ASN A 772 -6.08 4.97 0.65
CA ASN A 772 -5.66 4.28 1.84
C ASN A 772 -5.92 2.80 1.68
N PHE A 773 -7.01 2.48 1.02
CA PHE A 773 -7.35 1.08 0.77
C PHE A 773 -6.26 0.41 -0.06
N ILE A 774 -5.97 0.97 -1.22
CA ILE A 774 -4.95 0.41 -2.10
C ILE A 774 -3.53 0.41 -1.52
N ASN A 775 -3.16 1.46 -0.81
CA ASN A 775 -1.82 1.42 -0.24
C ASN A 775 -1.74 0.27 0.76
N GLY A 776 -2.80 0.12 1.56
CA GLY A 776 -2.84 -0.95 2.53
C GLY A 776 -2.61 -2.31 1.88
N CYS A 777 -3.25 -2.55 0.75
CA CYS A 777 -3.10 -3.81 0.06
C CYS A 777 -1.66 -3.99 -0.34
N SER A 778 -1.15 -3.00 -1.04
CA SER A 778 0.22 -3.04 -1.52
C SER A 778 1.17 -3.42 -0.41
N VAL A 779 1.03 -2.79 0.74
CA VAL A 779 1.92 -3.10 1.85
C VAL A 779 1.68 -4.52 2.30
N SER A 780 0.41 -4.92 2.29
CA SER A 780 0.01 -6.24 2.71
C SER A 780 0.62 -7.30 1.81
N TYR A 781 0.63 -7.04 0.51
CA TYR A 781 1.19 -8.01 -0.42
C TYR A 781 2.69 -8.06 -0.24
N LEU A 782 3.25 -6.96 0.23
CA LEU A 782 4.68 -6.90 0.43
C LEU A 782 5.03 -7.84 1.56
N MET A 783 4.40 -7.55 2.71
CA MET A 783 4.58 -8.26 3.95
C MET A 783 4.15 -9.73 4.06
N LYS A 784 3.13 -10.13 3.32
CA LYS A 784 2.65 -11.51 3.41
C LYS A 784 2.94 -12.41 2.22
N LYS A 785 3.09 -11.84 1.05
CA LYS A 785 3.34 -12.65 -0.13
C LYS A 785 4.75 -12.47 -0.68
N MET A 786 5.57 -11.65 -0.01
CA MET A 786 6.92 -11.38 -0.50
C MET A 786 8.03 -11.51 0.53
N ILE A 787 7.92 -10.77 1.63
CA ILE A 787 8.92 -10.83 2.68
C ILE A 787 9.11 -12.26 3.20
N PRO A 788 8.00 -12.97 3.50
CA PRO A 788 8.10 -14.34 4.00
C PRO A 788 8.93 -15.29 3.14
N LEU A 789 8.69 -15.30 1.84
CA LEU A 789 9.43 -16.15 0.92
C LEU A 789 10.92 -15.83 1.01
N ALA A 790 11.25 -14.57 1.25
CA ALA A 790 12.63 -14.14 1.36
C ALA A 790 13.21 -14.62 2.67
N VAL A 791 12.36 -14.71 3.70
CA VAL A 791 12.78 -15.17 5.01
C VAL A 791 13.09 -16.65 4.95
N GLU A 792 12.33 -17.39 4.15
CA GLU A 792 12.55 -18.83 4.03
C GLU A 792 13.98 -19.14 3.64
N LYS A 793 14.45 -18.50 2.57
CA LYS A 793 15.80 -18.69 2.05
C LYS A 793 16.89 -18.16 2.97
N LEU A 794 16.58 -17.13 3.75
CA LEU A 794 17.56 -16.54 4.67
C LEU A 794 17.71 -17.42 5.90
N LEU A 795 16.62 -18.03 6.33
CA LEU A 795 16.66 -18.92 7.48
C LEU A 795 17.32 -20.22 7.04
N ASP A 796 17.27 -20.48 5.74
CA ASP A 796 17.90 -21.67 5.21
C ASP A 796 19.40 -21.41 5.13
N PHE A 797 19.76 -20.26 4.58
CA PHE A 797 21.17 -19.89 4.47
C PHE A 797 21.74 -19.89 5.89
N ASP A 798 20.94 -19.40 6.82
CA ASP A 798 21.36 -19.34 8.20
C ASP A 798 21.88 -20.72 8.61
N ASN A 799 20.98 -21.71 8.59
CA ASN A 799 21.31 -23.09 8.95
C ASN A 799 22.62 -23.52 8.30
N THR A 800 22.61 -23.66 6.96
CA THR A 800 23.79 -24.07 6.21
C THR A 800 25.02 -23.32 6.68
N LEU A 801 24.82 -22.09 7.14
CA LEU A 801 25.92 -21.24 7.63
C LEU A 801 26.27 -21.59 9.08
N LYS A 802 25.34 -22.20 9.79
CA LYS A 802 25.58 -22.59 11.16
C LYS A 802 26.50 -23.81 11.18
N LYS A 803 26.33 -24.69 10.19
CA LYS A 803 27.17 -25.88 10.09
C LYS A 803 28.49 -25.51 9.41
N ASN A 804 28.45 -24.44 8.61
CA ASN A 804 29.62 -23.93 7.91
C ASN A 804 30.57 -23.52 9.03
N LEU A 805 30.04 -22.75 9.98
CA LEU A 805 30.81 -22.31 11.14
C LEU A 805 30.78 -23.48 12.11
N LEU A 806 31.06 -23.23 13.40
CA LEU A 806 31.07 -24.29 14.42
C LEU A 806 32.10 -25.35 14.03
N ASN A 807 31.78 -26.07 12.95
CA ASN A 807 32.64 -27.10 12.41
C ASN A 807 34.00 -26.48 12.07
N TYR A 808 33.98 -25.18 11.82
CA TYR A 808 35.20 -24.44 11.49
C TYR A 808 35.89 -24.06 12.81
N ILE A 809 35.10 -23.90 13.87
CA ILE A 809 35.68 -23.57 15.17
C ILE A 809 36.29 -24.87 15.68
N ASP A 810 35.89 -25.96 15.04
CA ASP A 810 36.38 -27.31 15.35
C ASP A 810 37.71 -27.51 14.64
N GLU A 811 37.74 -27.17 13.35
CA GLU A 811 38.95 -27.27 12.53
C GLU A 811 39.94 -26.14 12.84
N ASN A 812 40.16 -25.88 14.13
CA ASN A 812 41.09 -24.82 14.52
C ASN A 812 41.32 -24.73 16.02
N LYS A 813 42.42 -24.07 16.40
CA LYS A 813 42.80 -23.87 17.79
C LYS A 813 43.99 -22.92 17.88
N ILE A 817 43.67 -22.87 23.57
CA ILE A 817 42.53 -22.44 22.77
C ILE A 817 41.24 -22.52 23.61
N GLY A 818 41.11 -21.59 24.54
CA GLY A 818 39.94 -21.52 25.44
C GLY A 818 38.71 -20.95 24.73
N SER A 819 38.92 -19.86 24.00
CA SER A 819 37.83 -19.19 23.30
C SER A 819 37.00 -20.13 22.39
N ALA A 820 37.66 -21.08 21.73
CA ALA A 820 36.95 -22.01 20.83
C ALA A 820 35.55 -22.41 21.33
N GLU A 821 35.35 -22.31 22.65
CA GLU A 821 34.06 -22.63 23.25
C GLU A 821 33.21 -21.37 23.46
N TYR A 822 33.83 -20.33 24.00
CA TYR A 822 33.13 -19.06 24.25
C TYR A 822 33.00 -18.24 22.96
N GLU A 823 33.56 -18.78 21.89
CA GLU A 823 33.50 -18.15 20.56
C GLU A 823 32.80 -19.11 19.61
N LYS A 824 32.05 -20.05 20.19
CA LYS A 824 31.27 -21.01 19.42
C LYS A 824 29.85 -20.63 19.80
N SER A 825 29.72 -20.15 21.04
CA SER A 825 28.44 -19.70 21.58
C SER A 825 28.08 -18.43 20.84
N LYS A 826 29.10 -17.68 20.45
CA LYS A 826 28.92 -16.44 19.71
C LYS A 826 28.26 -16.78 18.38
N VAL A 827 28.55 -17.96 17.86
CA VAL A 827 27.97 -18.41 16.59
C VAL A 827 26.57 -19.00 16.81
N ASN A 828 26.12 -18.95 18.06
CA ASN A 828 24.79 -19.45 18.40
C ASN A 828 23.88 -18.27 18.68
N LYS A 829 24.23 -17.49 19.69
CA LYS A 829 23.46 -16.31 20.09
C LYS A 829 23.24 -15.34 18.93
N TYR A 830 24.09 -15.41 17.90
CA TYR A 830 23.97 -14.53 16.74
C TYR A 830 22.92 -15.04 15.76
N LEU A 831 23.16 -16.23 15.19
CA LEU A 831 22.21 -16.80 14.23
C LEU A 831 20.81 -16.99 14.81
N LYS A 832 20.70 -16.83 16.13
CA LYS A 832 19.43 -16.96 16.85
C LYS A 832 18.73 -15.59 16.85
N THR A 833 19.18 -14.73 15.95
CA THR A 833 18.61 -13.40 15.83
C THR A 833 18.46 -13.04 14.35
N ILE A 834 17.21 -13.11 13.87
CA ILE A 834 16.90 -12.79 12.48
C ILE A 834 16.70 -11.28 12.35
N MET A 835 17.06 -10.72 11.19
CA MET A 835 16.93 -9.28 10.98
C MET A 835 15.48 -8.86 10.69
N PRO A 836 14.94 -7.97 11.54
CA PRO A 836 13.57 -7.49 11.36
C PRO A 836 13.54 -6.60 10.12
N PHE A 837 12.55 -6.82 9.25
CA PHE A 837 12.46 -6.00 8.07
C PHE A 837 11.91 -4.62 8.44
N ASP A 838 12.59 -3.59 7.96
CA ASP A 838 12.19 -2.20 8.22
C ASP A 838 12.33 -1.47 6.89
N LEU A 839 11.21 -1.06 6.31
CA LEU A 839 11.22 -0.38 5.02
C LEU A 839 12.08 0.90 4.97
N SER A 840 12.13 1.63 6.09
CA SER A 840 12.89 2.89 6.16
C SER A 840 14.37 2.74 5.87
N ILE A 841 14.84 1.50 5.96
CA ILE A 841 16.25 1.19 5.71
C ILE A 841 16.57 1.28 4.22
N TYR A 842 15.60 0.97 3.38
CA TYR A 842 15.81 0.97 1.93
C TYR A 842 15.22 2.13 1.15
N THR A 843 14.66 3.09 1.87
CA THR A 843 14.08 4.25 1.21
C THR A 843 13.84 5.33 2.26
N ASN A 844 13.63 6.55 1.80
CA ASN A 844 13.39 7.67 2.69
C ASN A 844 12.20 8.43 2.18
N ASP A 845 11.61 7.93 1.09
CA ASP A 845 10.44 8.57 0.51
C ASP A 845 9.42 8.59 1.64
N THR A 846 8.87 9.77 1.89
CA THR A 846 7.89 9.93 2.96
C THR A 846 6.59 9.19 2.70
N ILE A 847 6.11 9.21 1.46
CA ILE A 847 4.87 8.52 1.11
C ILE A 847 4.96 7.04 1.49
N LEU A 848 6.02 6.39 1.04
CA LEU A 848 6.23 4.98 1.32
C LEU A 848 6.37 4.74 2.81
N ILE A 849 7.25 5.46 3.47
CA ILE A 849 7.41 5.27 4.91
C ILE A 849 6.06 5.37 5.64
N GLU A 850 5.25 6.34 5.25
CA GLU A 850 3.95 6.54 5.89
C GLU A 850 2.97 5.37 5.64
N MET A 851 3.06 4.76 4.45
CA MET A 851 2.22 3.61 4.11
C MET A 851 2.56 2.49 5.08
N PHE A 852 3.86 2.27 5.24
CA PHE A 852 4.42 1.24 6.08
C PHE A 852 4.14 1.44 7.57
N ASN A 853 4.31 2.66 8.05
CA ASN A 853 4.07 2.93 9.47
C ASN A 853 2.59 2.79 9.79
N LYS A 854 1.75 3.18 8.83
CA LYS A 854 0.31 3.10 8.99
C LYS A 854 -0.09 1.63 9.08
N TYR A 855 0.55 0.80 8.27
CA TYR A 855 0.29 -0.62 8.23
C TYR A 855 0.72 -1.32 9.50
N ASN A 856 1.82 -0.88 10.10
CA ASN A 856 2.31 -1.50 11.32
C ASN A 856 1.64 -0.99 12.56
N SER A 857 0.72 -0.03 12.41
CA SER A 857 0.02 0.51 13.57
C SER A 857 -1.41 -0.02 13.67
N GLU A 858 -1.84 -0.77 12.65
CA GLU A 858 -3.16 -1.36 12.64
C GLU A 858 -3.05 -2.72 13.28
N ILE A 859 -3.60 -2.84 14.48
CA ILE A 859 -3.55 -4.07 15.24
C ILE A 859 -3.93 -5.30 14.42
N LEU A 860 -4.92 -5.17 13.54
CA LEU A 860 -5.34 -6.30 12.74
C LEU A 860 -4.22 -6.89 11.89
N ASN A 861 -3.31 -6.05 11.39
CA ASN A 861 -2.21 -6.56 10.57
C ASN A 861 -1.21 -7.41 11.38
N ASN A 862 -1.49 -7.59 12.67
CA ASN A 862 -0.65 -8.41 13.53
C ASN A 862 -1.17 -9.86 13.60
N ILE A 863 -2.25 -10.16 12.86
CA ILE A 863 -2.86 -11.49 12.84
C ILE A 863 -2.10 -12.45 11.93
N ILE A 864 -1.57 -13.51 12.53
CA ILE A 864 -0.81 -14.51 11.79
C ILE A 864 -1.57 -15.82 11.63
N LEU A 865 -2.80 -15.86 12.13
CA LEU A 865 -3.65 -17.04 12.01
C LEU A 865 -5.07 -16.60 12.36
N ASN A 866 -6.02 -16.91 11.48
CA ASN A 866 -7.41 -16.53 11.71
C ASN A 866 -8.34 -17.58 11.11
N LEU A 867 -8.74 -18.58 11.91
CA LEU A 867 -9.59 -19.65 11.40
C LEU A 867 -11.04 -19.25 11.18
N ARG A 868 -11.51 -19.46 9.95
CA ARG A 868 -12.89 -19.13 9.58
C ARG A 868 -13.52 -20.16 8.67
N TYR A 869 -14.84 -20.27 8.82
CA TYR A 869 -15.64 -21.19 8.02
C TYR A 869 -15.91 -20.57 6.66
N LYS A 870 -15.67 -21.33 5.60
CA LYS A 870 -15.91 -20.90 4.23
C LYS A 870 -16.13 -22.15 3.40
N ASP A 871 -17.36 -22.34 2.93
CA ASP A 871 -17.69 -23.50 2.11
C ASP A 871 -17.37 -24.83 2.83
N ASN A 872 -18.07 -25.06 3.94
CA ASN A 872 -17.92 -26.27 4.75
C ASN A 872 -16.53 -26.71 5.12
N ASN A 873 -15.66 -25.74 5.39
CA ASN A 873 -14.29 -26.04 5.79
C ASN A 873 -13.79 -24.83 6.56
N LEU A 874 -12.75 -25.03 7.35
CA LEU A 874 -12.14 -23.96 8.11
C LEU A 874 -10.86 -23.63 7.39
N ILE A 875 -10.63 -22.36 7.09
CA ILE A 875 -9.40 -21.98 6.44
C ILE A 875 -8.79 -20.80 7.17
N ASP A 876 -7.49 -20.61 6.97
CA ASP A 876 -6.78 -19.51 7.59
C ASP A 876 -6.93 -18.29 6.70
N LEU A 877 -7.45 -17.20 7.25
CA LEU A 877 -7.65 -15.99 6.47
C LEU A 877 -6.65 -14.89 6.78
N SER A 878 -5.72 -15.17 7.70
CA SER A 878 -4.69 -14.20 8.09
C SER A 878 -3.91 -13.66 6.90
N GLY A 879 -3.75 -14.48 5.87
CA GLY A 879 -3.02 -14.06 4.69
C GLY A 879 -1.68 -14.76 4.57
N TYR A 880 -1.24 -15.40 5.64
CA TYR A 880 0.04 -16.12 5.63
C TYR A 880 -0.06 -17.57 5.15
N GLY A 881 -1.24 -17.99 4.69
CA GLY A 881 -1.43 -19.33 4.19
C GLY A 881 -1.18 -20.55 5.08
N ALA A 882 -1.56 -20.49 6.35
CA ALA A 882 -1.38 -21.65 7.23
C ALA A 882 -2.15 -22.84 6.66
N LYS A 883 -1.60 -24.04 6.80
CA LYS A 883 -2.27 -25.23 6.30
C LYS A 883 -3.26 -25.70 7.37
N VAL A 884 -4.52 -25.85 6.97
CA VAL A 884 -5.55 -26.29 7.89
C VAL A 884 -6.20 -27.60 7.46
N GLU A 885 -5.90 -28.65 8.23
CA GLU A 885 -6.42 -30.00 8.01
C GLU A 885 -7.58 -30.25 8.97
N VAL A 886 -8.80 -30.33 8.46
CA VAL A 886 -9.94 -30.57 9.33
C VAL A 886 -10.50 -31.98 9.18
N TYR A 887 -10.30 -32.79 10.22
CA TYR A 887 -10.75 -34.16 10.22
C TYR A 887 -12.25 -34.39 10.44
N ASP A 888 -12.71 -35.57 10.01
CA ASP A 888 -14.13 -35.97 10.07
C ASP A 888 -14.86 -35.83 11.40
N GLY A 889 -14.16 -35.99 12.51
CA GLY A 889 -14.81 -35.88 13.79
C GLY A 889 -15.23 -34.48 14.20
N VAL A 890 -14.95 -33.49 13.36
CA VAL A 890 -15.30 -32.10 13.69
C VAL A 890 -16.59 -31.62 13.05
N GLU A 891 -17.43 -30.97 13.84
CA GLU A 891 -18.69 -30.45 13.31
C GLU A 891 -18.56 -28.96 13.03
N LEU A 892 -18.95 -28.55 11.82
CA LEU A 892 -18.88 -27.14 11.42
C LEU A 892 -20.24 -26.58 11.01
N ASN A 893 -20.46 -25.30 11.27
CA ASN A 893 -21.70 -24.63 10.87
C ASN A 893 -21.29 -23.26 10.32
N ASP A 894 -22.14 -22.67 9.48
CA ASP A 894 -21.81 -21.37 8.90
C ASP A 894 -21.93 -20.23 9.91
N LYS A 895 -22.01 -20.57 11.18
CA LYS A 895 -22.09 -19.55 12.24
C LYS A 895 -20.71 -19.48 12.87
N ASN A 896 -19.77 -20.15 12.19
CA ASN A 896 -18.37 -20.17 12.61
C ASN A 896 -18.08 -20.87 13.91
N GLN A 897 -18.99 -21.75 14.31
CA GLN A 897 -18.78 -22.52 15.52
C GLN A 897 -18.27 -23.91 15.08
N PHE A 898 -17.28 -24.44 15.77
CA PHE A 898 -16.84 -25.78 15.46
C PHE A 898 -16.82 -26.59 16.74
N LYS A 899 -17.11 -27.88 16.62
CA LYS A 899 -17.18 -28.75 17.79
C LYS A 899 -16.08 -29.78 17.85
N LEU A 900 -15.50 -29.94 19.03
CA LEU A 900 -14.46 -30.93 19.25
C LEU A 900 -15.04 -31.99 20.19
N THR A 901 -15.14 -33.22 19.72
CA THR A 901 -15.69 -34.31 20.55
C THR A 901 -14.63 -35.26 21.12
N SER A 902 -15.07 -36.42 21.59
CA SER A 902 -14.17 -37.38 22.20
C SER A 902 -13.59 -38.40 21.24
N SER A 903 -14.09 -38.41 20.00
CA SER A 903 -13.60 -39.31 18.96
C SER A 903 -12.16 -38.93 18.61
N ALA A 904 -11.34 -39.92 18.29
CA ALA A 904 -9.94 -39.66 17.95
C ALA A 904 -9.79 -38.86 16.66
N ASN A 905 -10.84 -38.86 15.85
CA ASN A 905 -10.81 -38.16 14.56
C ASN A 905 -11.44 -36.75 14.60
N SER A 906 -11.76 -36.28 15.79
CA SER A 906 -12.34 -34.95 15.97
C SER A 906 -11.18 -34.03 16.33
N LYS A 907 -10.45 -33.61 15.31
CA LYS A 907 -9.31 -32.74 15.51
C LYS A 907 -9.00 -31.90 14.29
N ILE A 908 -8.20 -30.86 14.51
CA ILE A 908 -7.77 -29.94 13.47
C ILE A 908 -6.26 -29.84 13.63
N ARG A 909 -5.56 -29.91 12.51
CA ARG A 909 -4.11 -29.81 12.51
C ARG A 909 -3.74 -28.55 11.74
N VAL A 910 -2.97 -27.65 12.35
CA VAL A 910 -2.59 -26.44 11.65
C VAL A 910 -1.08 -26.32 11.54
N THR A 911 -0.59 -26.22 10.31
CA THR A 911 0.84 -26.09 10.06
C THR A 911 1.12 -24.60 9.86
N GLN A 912 1.67 -23.98 10.89
CA GLN A 912 1.96 -22.57 10.86
C GLN A 912 2.98 -22.18 9.79
N ASN A 913 2.91 -20.92 9.34
CA ASN A 913 3.85 -20.39 8.36
C ASN A 913 5.15 -20.21 9.11
N GLN A 914 6.19 -20.93 8.66
CA GLN A 914 7.50 -20.92 9.31
C GLN A 914 8.37 -19.71 9.03
N ASN A 915 7.96 -18.87 8.10
CA ASN A 915 8.77 -17.71 7.74
C ASN A 915 8.29 -16.36 8.27
N ILE A 916 7.40 -16.37 9.25
CA ILE A 916 6.86 -15.14 9.80
C ILE A 916 7.60 -14.72 11.08
N ILE A 917 7.61 -13.41 11.33
CA ILE A 917 8.24 -12.89 12.53
C ILE A 917 7.26 -13.30 13.64
N PHE A 918 7.78 -13.60 14.82
CA PHE A 918 6.93 -14.08 15.91
C PHE A 918 7.91 -14.44 17.04
N ASN A 919 9.06 -14.94 16.63
CA ASN A 919 10.13 -15.36 17.53
C ASN A 919 11.18 -14.26 17.81
N SER A 920 11.34 -13.92 19.08
CA SER A 920 12.31 -12.91 19.51
C SER A 920 12.36 -12.88 21.04
N VAL A 921 13.49 -12.46 21.60
CA VAL A 921 13.65 -12.42 23.07
C VAL A 921 12.58 -11.59 23.79
N PHE A 922 11.62 -12.30 24.39
CA PHE A 922 10.52 -11.68 25.14
C PHE A 922 9.27 -12.55 25.15
N LEU A 923 8.92 -13.06 23.96
CA LEU A 923 7.72 -13.86 23.78
C LEU A 923 6.60 -12.83 23.78
N ASP A 924 6.13 -12.49 22.58
CA ASP A 924 5.10 -11.49 22.43
C ASP A 924 4.03 -11.88 21.40
N PHE A 925 2.91 -12.40 21.90
CA PHE A 925 1.82 -12.79 21.03
C PHE A 925 0.56 -13.04 21.84
N SER A 926 -0.57 -13.09 21.14
CA SER A 926 -1.85 -13.30 21.76
C SER A 926 -2.69 -14.33 21.03
N VAL A 927 -3.61 -14.94 21.76
CA VAL A 927 -4.52 -15.94 21.23
C VAL A 927 -5.90 -15.52 21.72
N SER A 928 -6.84 -15.39 20.80
CA SER A 928 -8.20 -14.99 21.15
C SER A 928 -9.19 -15.99 20.55
N PHE A 929 -10.27 -16.27 21.28
CA PHE A 929 -11.29 -17.20 20.80
C PHE A 929 -12.56 -17.24 21.67
N TRP A 930 -13.65 -17.71 21.08
CA TRP A 930 -14.88 -17.85 21.86
C TRP A 930 -14.98 -19.33 22.17
N ILE A 931 -15.71 -19.69 23.21
CA ILE A 931 -15.80 -21.10 23.59
C ILE A 931 -17.02 -21.36 24.46
N ARG A 932 -17.61 -22.53 24.27
CA ARG A 932 -18.77 -22.93 25.05
C ARG A 932 -18.40 -24.23 25.75
N ILE A 933 -18.33 -24.20 27.08
CA ILE A 933 -17.95 -25.40 27.84
C ILE A 933 -19.16 -26.04 28.52
N PRO A 934 -19.58 -27.23 28.03
CA PRO A 934 -20.72 -27.97 28.57
C PRO A 934 -20.68 -28.19 30.06
N LYS A 935 -21.85 -28.14 30.69
CA LYS A 935 -22.00 -28.34 32.12
C LYS A 935 -21.51 -29.72 32.54
N TYR A 936 -21.16 -29.85 33.81
CA TYR A 936 -20.70 -31.12 34.36
C TYR A 936 -21.90 -32.06 34.56
N LYS A 937 -21.67 -33.35 34.41
CA LYS A 937 -22.71 -34.35 34.63
C LYS A 937 -22.75 -34.46 36.15
N ASN A 938 -23.92 -34.33 36.75
CA ASN A 938 -24.03 -34.41 38.20
C ASN A 938 -23.51 -35.74 38.76
N ASP A 939 -23.63 -36.80 37.99
CA ASP A 939 -23.21 -38.12 38.45
C ASP A 939 -21.74 -38.43 38.18
N GLY A 940 -20.98 -37.44 37.75
CA GLY A 940 -19.57 -37.63 37.49
C GLY A 940 -18.79 -36.37 37.79
N ILE A 941 -19.23 -35.63 38.81
CA ILE A 941 -18.56 -34.41 39.17
C ILE A 941 -17.13 -34.70 39.58
N GLN A 942 -16.92 -35.89 40.11
CA GLN A 942 -15.59 -36.30 40.55
C GLN A 942 -14.54 -36.26 39.43
N ASN A 943 -14.80 -36.95 38.34
CA ASN A 943 -13.82 -36.95 37.25
C ASN A 943 -13.71 -35.59 36.60
N TYR A 944 -14.84 -34.90 36.53
CA TYR A 944 -14.93 -33.55 35.96
C TYR A 944 -13.92 -32.64 36.60
N ILE A 945 -13.94 -32.58 37.94
CA ILE A 945 -13.01 -31.68 38.62
C ILE A 945 -11.59 -32.22 38.75
N HIS A 946 -11.41 -33.52 38.55
CA HIS A 946 -10.08 -34.11 38.67
C HIS A 946 -9.35 -34.25 37.35
N ASN A 947 -10.04 -34.68 36.30
CA ASN A 947 -9.40 -34.87 34.99
C ASN A 947 -9.16 -33.62 34.14
N GLU A 948 -7.88 -33.38 33.85
CA GLU A 948 -7.42 -32.25 33.04
C GLU A 948 -7.10 -32.76 31.63
N TYR A 949 -7.66 -32.11 30.63
CA TYR A 949 -7.42 -32.49 29.24
C TYR A 949 -7.05 -31.28 28.38
N THR A 950 -6.11 -31.51 27.46
CA THR A 950 -5.61 -30.50 26.53
C THR A 950 -6.68 -30.32 25.44
N ILE A 951 -6.84 -29.09 24.94
CA ILE A 951 -7.80 -28.88 23.86
C ILE A 951 -7.11 -28.27 22.65
N ILE A 952 -6.02 -27.54 22.90
CA ILE A 952 -5.26 -26.93 21.82
C ILE A 952 -3.82 -27.10 22.24
N ASN A 953 -3.04 -27.83 21.45
CA ASN A 953 -1.65 -28.05 21.81
C ASN A 953 -0.71 -27.67 20.69
N CYS A 954 0.22 -26.77 21.01
CA CYS A 954 1.20 -26.29 20.04
C CYS A 954 2.62 -26.45 20.53
N MET A 955 3.22 -27.61 20.26
CA MET A 955 4.57 -27.92 20.70
C MET A 955 5.55 -28.24 19.56
N LYS A 956 6.83 -28.09 19.89
CA LYS A 956 7.94 -28.39 19.00
C LYS A 956 9.15 -28.59 19.91
N ASN A 957 9.84 -29.71 19.74
CA ASN A 957 11.00 -30.01 20.56
C ASN A 957 10.64 -29.88 22.04
N ASN A 958 9.50 -30.43 22.42
CA ASN A 958 9.04 -30.39 23.80
C ASN A 958 8.93 -28.98 24.38
N SER A 959 8.61 -28.02 23.51
CA SER A 959 8.47 -26.64 23.95
C SER A 959 7.30 -25.99 23.22
N GLY A 960 6.64 -25.03 23.88
CA GLY A 960 5.52 -24.35 23.24
C GLY A 960 4.43 -23.96 24.22
N TRP A 961 3.27 -23.59 23.67
CA TRP A 961 2.13 -23.22 24.49
C TRP A 961 1.06 -24.30 24.47
N LYS A 962 0.08 -24.16 25.33
CA LYS A 962 -0.98 -25.16 25.43
C LYS A 962 -2.19 -24.56 26.13
N ILE A 963 -3.38 -24.96 25.68
CA ILE A 963 -4.64 -24.51 26.28
C ILE A 963 -5.35 -25.78 26.70
N SER A 964 -5.62 -25.92 28.00
CA SER A 964 -6.30 -27.13 28.49
C SER A 964 -7.43 -26.81 29.47
N ILE A 965 -8.20 -27.83 29.83
CA ILE A 965 -9.32 -27.62 30.75
C ILE A 965 -9.45 -28.71 31.77
N ARG A 966 -9.58 -28.32 33.03
CA ARG A 966 -9.78 -29.29 34.07
C ARG A 966 -11.06 -28.88 34.76
N GLY A 967 -12.14 -29.57 34.41
CA GLY A 967 -13.42 -29.26 35.00
C GLY A 967 -13.88 -27.87 34.63
N ASN A 968 -14.03 -27.02 35.64
CA ASN A 968 -14.48 -25.65 35.47
C ASN A 968 -13.35 -24.64 35.33
N ARG A 969 -12.17 -25.12 34.98
CA ARG A 969 -11.02 -24.23 34.84
C ARG A 969 -10.37 -24.36 33.47
N ILE A 970 -9.96 -23.22 32.92
CA ILE A 970 -9.30 -23.24 31.63
C ILE A 970 -7.88 -22.73 31.90
N ILE A 971 -6.89 -23.47 31.43
CA ILE A 971 -5.49 -23.14 31.67
C ILE A 971 -4.63 -22.84 30.45
N TRP A 972 -3.78 -21.82 30.59
CA TRP A 972 -2.81 -21.46 29.54
C TRP A 972 -1.47 -21.88 30.12
N THR A 973 -0.71 -22.68 29.37
CA THR A 973 0.57 -23.18 29.85
C THR A 973 1.72 -22.95 28.89
N LEU A 974 2.85 -22.49 29.43
CA LEU A 974 4.05 -22.23 28.63
C LEU A 974 5.21 -23.15 29.01
N ILE A 975 5.93 -23.65 28.00
CA ILE A 975 7.08 -24.54 28.19
C ILE A 975 8.25 -24.14 27.31
N ASP A 976 9.30 -23.55 27.91
CA ASP A 976 10.49 -23.13 27.15
C ASP A 976 11.45 -24.29 26.90
N ILE A 977 12.37 -24.10 25.94
CA ILE A 977 13.35 -25.13 25.56
C ILE A 977 14.01 -25.91 26.70
N ASN A 978 14.23 -25.25 27.82
CA ASN A 978 14.88 -25.91 28.95
C ASN A 978 13.90 -26.87 29.64
N GLY A 979 12.61 -26.59 29.51
CA GLY A 979 11.59 -27.43 30.13
C GLY A 979 10.90 -26.71 31.26
N LYS A 980 11.28 -25.46 31.51
CA LYS A 980 10.68 -24.66 32.58
C LYS A 980 9.22 -24.33 32.21
N THR A 981 8.33 -24.42 33.19
CA THR A 981 6.91 -24.18 32.95
C THR A 981 6.23 -23.19 33.87
N LYS A 982 5.41 -22.34 33.27
CA LYS A 982 4.62 -21.36 34.01
C LYS A 982 3.20 -21.48 33.48
N SER A 983 2.22 -21.05 34.27
CA SER A 983 0.82 -21.12 33.86
C SER A 983 0.00 -19.95 34.37
N VAL A 984 -1.27 -19.95 34.01
CA VAL A 984 -2.21 -18.92 34.42
C VAL A 984 -3.58 -19.50 34.05
N PHE A 985 -4.62 -19.21 34.82
CA PHE A 985 -5.92 -19.80 34.52
C PHE A 985 -7.11 -19.00 34.98
N PHE A 986 -8.26 -19.30 34.37
CA PHE A 986 -9.52 -18.67 34.73
C PHE A 986 -10.43 -19.80 35.17
N GLU A 987 -10.92 -19.73 36.39
CA GLU A 987 -11.81 -20.78 36.89
C GLU A 987 -13.15 -20.16 37.23
N TYR A 988 -14.22 -20.62 36.58
CA TYR A 988 -15.55 -20.08 36.89
C TYR A 988 -16.28 -20.91 37.95
N ASN A 989 -16.77 -20.23 38.97
CA ASN A 989 -17.46 -20.89 40.07
C ASN A 989 -18.57 -21.83 39.60
N ILE A 990 -18.65 -23.01 40.21
CA ILE A 990 -19.71 -23.96 39.85
C ILE A 990 -20.72 -24.22 40.97
N ARG A 991 -20.82 -23.29 41.92
CA ARG A 991 -21.79 -23.36 43.02
C ARG A 991 -22.76 -22.17 42.93
N GLU A 992 -22.82 -21.54 41.75
CA GLU A 992 -23.72 -20.38 41.53
C GLU A 992 -25.11 -20.88 41.16
N ASP A 993 -26.13 -20.19 41.61
CA ASP A 993 -27.50 -20.57 41.27
C ASP A 993 -27.62 -20.43 39.75
N ILE A 994 -27.13 -19.31 39.24
CA ILE A 994 -27.12 -19.08 37.79
C ILE A 994 -25.72 -18.54 37.50
N SER A 995 -25.04 -19.17 36.55
CA SER A 995 -23.68 -18.80 36.16
C SER A 995 -23.68 -18.12 34.81
N GLU A 996 -22.70 -17.26 34.59
CA GLU A 996 -22.61 -16.55 33.33
C GLU A 996 -21.65 -17.25 32.38
N TYR A 997 -21.16 -18.42 32.77
CA TYR A 997 -20.22 -19.15 31.94
C TYR A 997 -20.53 -20.60 31.59
N ILE A 998 -21.10 -21.35 32.54
CA ILE A 998 -21.38 -22.77 32.28
C ILE A 998 -22.29 -23.05 31.10
N ASN A 999 -21.71 -23.64 30.06
CA ASN A 999 -22.41 -24.02 28.84
C ASN A 999 -22.82 -22.80 28.01
N ARG A 1000 -22.30 -21.64 28.38
CA ARG A 1000 -22.63 -20.41 27.66
C ARG A 1000 -21.40 -19.89 26.94
N TRP A 1001 -21.62 -19.37 25.74
CA TRP A 1001 -20.54 -18.81 24.93
C TRP A 1001 -19.86 -17.66 25.63
N PHE A 1002 -18.53 -17.65 25.65
CA PHE A 1002 -17.82 -16.52 26.22
C PHE A 1002 -16.44 -16.30 25.56
N PHE A 1003 -15.99 -15.05 25.62
CA PHE A 1003 -14.76 -14.63 24.96
C PHE A 1003 -13.50 -14.77 25.79
N VAL A 1004 -12.53 -15.48 25.23
CA VAL A 1004 -11.25 -15.67 25.89
C VAL A 1004 -10.13 -14.96 25.09
N THR A 1005 -9.16 -14.39 25.82
CA THR A 1005 -8.03 -13.73 25.20
C THR A 1005 -6.83 -13.94 26.11
N ILE A 1006 -5.73 -14.37 25.51
CA ILE A 1006 -4.51 -14.62 26.27
C ILE A 1006 -3.37 -13.83 25.64
N THR A 1007 -2.71 -13.01 26.45
CA THR A 1007 -1.61 -12.20 25.95
C THR A 1007 -0.35 -12.49 26.73
N ASN A 1008 0.80 -12.28 26.08
CA ASN A 1008 2.09 -12.54 26.70
C ASN A 1008 3.10 -11.48 26.29
N ASN A 1009 3.72 -10.83 27.27
CA ASN A 1009 4.78 -9.87 26.98
C ASN A 1009 5.97 -10.48 27.72
N LEU A 1010 7.13 -9.81 27.70
CA LEU A 1010 8.31 -10.34 28.36
C LEU A 1010 8.16 -10.66 29.85
N ASN A 1011 7.15 -10.10 30.51
CA ASN A 1011 7.02 -10.36 31.93
C ASN A 1011 5.70 -10.93 32.44
N ASN A 1012 4.68 -11.00 31.58
CA ASN A 1012 3.38 -11.50 32.02
C ASN A 1012 2.53 -12.25 31.00
N ALA A 1013 1.74 -13.17 31.53
CA ALA A 1013 0.79 -13.95 30.77
C ALA A 1013 -0.52 -13.54 31.44
N LYS A 1014 -1.41 -12.91 30.69
CA LYS A 1014 -2.68 -12.46 31.26
C LYS A 1014 -3.85 -13.08 30.54
N ILE A 1015 -4.86 -13.47 31.29
CA ILE A 1015 -6.06 -14.06 30.70
C ILE A 1015 -7.22 -13.10 30.85
N TYR A 1016 -7.87 -12.80 29.73
CA TYR A 1016 -9.03 -11.90 29.71
C TYR A 1016 -10.28 -12.71 29.37
N ILE A 1017 -11.38 -12.41 30.04
CA ILE A 1017 -12.64 -13.07 29.78
C ILE A 1017 -13.65 -11.97 29.49
N ASN A 1018 -14.32 -12.06 28.36
CA ASN A 1018 -15.30 -11.05 27.98
C ASN A 1018 -14.76 -9.62 28.15
N GLY A 1019 -13.49 -9.41 27.78
CA GLY A 1019 -12.89 -8.09 27.88
C GLY A 1019 -12.19 -7.73 29.18
N LYS A 1020 -12.73 -8.19 30.30
CA LYS A 1020 -12.13 -7.89 31.60
C LYS A 1020 -10.92 -8.80 31.87
N LEU A 1021 -9.97 -8.33 32.67
CA LEU A 1021 -8.80 -9.13 33.01
C LEU A 1021 -9.15 -9.95 34.23
N GLU A 1022 -8.93 -11.26 34.16
CA GLU A 1022 -9.25 -12.13 35.28
C GLU A 1022 -8.04 -12.72 36.00
N SER A 1023 -6.96 -12.98 35.28
CA SER A 1023 -5.80 -13.59 35.91
C SER A 1023 -4.46 -13.11 35.33
N ASN A 1024 -3.43 -13.13 36.16
CA ASN A 1024 -2.11 -12.67 35.75
C ASN A 1024 -1.04 -13.68 36.18
N THR A 1025 0.13 -13.62 35.56
CA THR A 1025 1.23 -14.51 35.91
C THR A 1025 2.59 -14.03 35.38
N ASP A 1026 3.58 -14.05 36.27
CA ASP A 1026 4.94 -13.62 35.95
C ASP A 1026 5.62 -14.68 35.10
N ILE A 1027 6.19 -14.26 33.97
CA ILE A 1027 6.86 -15.18 33.07
C ILE A 1027 8.27 -14.70 32.70
N LYS A 1028 8.94 -14.05 33.66
CA LYS A 1028 10.29 -13.56 33.44
C LYS A 1028 11.24 -14.75 33.43
N ASP A 1029 11.10 -15.62 34.43
CA ASP A 1029 11.91 -16.83 34.56
C ASP A 1029 11.88 -17.66 33.26
N ILE A 1030 10.75 -17.59 32.55
CA ILE A 1030 10.59 -18.34 31.31
C ILE A 1030 11.65 -18.00 30.27
N ARG A 1031 12.23 -19.04 29.67
CA ARG A 1031 13.24 -18.87 28.64
C ARG A 1031 12.55 -18.70 27.28
N GLU A 1032 13.22 -19.15 26.22
CA GLU A 1032 12.65 -19.06 24.89
C GLU A 1032 11.56 -20.10 24.77
N VAL A 1033 10.42 -19.71 24.18
CA VAL A 1033 9.31 -20.63 24.01
C VAL A 1033 9.02 -20.79 22.53
N ILE A 1034 9.42 -21.93 21.97
CA ILE A 1034 9.19 -22.22 20.55
C ILE A 1034 7.68 -22.34 20.33
N ALA A 1035 7.08 -21.39 19.62
CA ALA A 1035 5.64 -21.43 19.39
C ALA A 1035 5.20 -21.38 17.95
N ASN A 1036 5.95 -22.00 17.05
CA ASN A 1036 5.56 -22.01 15.63
C ASN A 1036 5.42 -23.44 15.15
N GLY A 1037 5.28 -24.37 16.09
CA GLY A 1037 5.11 -25.76 15.73
C GLY A 1037 3.69 -25.98 15.23
N GLU A 1038 3.37 -27.23 14.94
CA GLU A 1038 2.05 -27.59 14.47
C GLU A 1038 1.08 -27.32 15.62
N ILE A 1039 -0.13 -26.89 15.29
CA ILE A 1039 -1.15 -26.63 16.31
C ILE A 1039 -2.19 -27.72 16.17
N ILE A 1040 -2.40 -28.45 17.25
CA ILE A 1040 -3.35 -29.55 17.26
C ILE A 1040 -4.58 -29.21 18.12
N PHE A 1041 -5.74 -29.12 17.46
CA PHE A 1041 -6.99 -28.86 18.18
C PHE A 1041 -7.64 -30.22 18.40
N LYS A 1042 -7.81 -30.63 19.65
CA LYS A 1042 -8.39 -31.93 19.94
C LYS A 1042 -8.47 -32.18 21.44
N LEU A 1043 -9.50 -32.89 21.87
CA LEU A 1043 -9.63 -33.19 23.28
C LEU A 1043 -8.72 -34.36 23.57
N ASP A 1044 -7.63 -34.09 24.27
CA ASP A 1044 -6.65 -35.11 24.61
C ASP A 1044 -6.43 -35.17 26.11
N GLY A 1045 -6.77 -36.31 26.70
CA GLY A 1045 -6.63 -36.52 28.13
C GLY A 1045 -7.57 -37.63 28.53
N ASP A 1046 -7.88 -37.77 29.82
CA ASP A 1046 -8.80 -38.84 30.23
C ASP A 1046 -10.20 -38.26 30.33
N ILE A 1047 -10.74 -37.92 29.17
CA ILE A 1047 -12.08 -37.33 29.07
C ILE A 1047 -13.19 -38.36 29.05
N ASP A 1048 -14.41 -37.89 29.31
CA ASP A 1048 -15.58 -38.74 29.32
C ASP A 1048 -16.09 -38.86 27.88
N ARG A 1049 -16.63 -40.02 27.51
CA ARG A 1049 -17.13 -40.22 26.15
C ARG A 1049 -18.06 -39.10 25.70
N THR A 1050 -18.77 -38.51 26.65
CA THR A 1050 -19.72 -37.44 26.37
C THR A 1050 -19.12 -36.03 26.30
N GLN A 1051 -17.84 -35.90 26.61
CA GLN A 1051 -17.19 -34.60 26.59
C GLN A 1051 -17.09 -34.02 25.19
N PHE A 1052 -17.36 -32.72 25.08
CA PHE A 1052 -17.26 -31.95 23.84
C PHE A 1052 -17.04 -30.47 24.17
N ILE A 1053 -16.60 -29.72 23.16
CA ILE A 1053 -16.33 -28.29 23.32
C ILE A 1053 -16.65 -27.58 22.02
N TRP A 1054 -17.19 -26.37 22.14
CA TRP A 1054 -17.49 -25.55 20.98
C TRP A 1054 -16.56 -24.34 20.98
N MET A 1055 -15.94 -24.06 19.84
CA MET A 1055 -15.05 -22.92 19.72
C MET A 1055 -15.41 -22.11 18.51
N LYS A 1056 -15.01 -20.86 18.51
CA LYS A 1056 -15.33 -19.96 17.41
C LYS A 1056 -14.28 -18.85 17.29
N TYR A 1057 -14.20 -18.27 16.11
CA TYR A 1057 -13.29 -17.17 15.84
C TYR A 1057 -11.90 -17.34 16.44
N PHE A 1058 -11.27 -18.47 16.23
CA PHE A 1058 -9.95 -18.65 16.79
C PHE A 1058 -8.92 -17.85 15.96
N SER A 1059 -8.05 -17.11 16.66
CA SER A 1059 -7.05 -16.31 15.98
C SER A 1059 -5.83 -15.99 16.85
N ILE A 1060 -4.73 -15.66 16.19
CA ILE A 1060 -3.48 -15.35 16.86
C ILE A 1060 -2.80 -14.08 16.34
N PHE A 1061 -2.33 -13.26 17.26
CA PHE A 1061 -1.62 -12.02 16.95
C PHE A 1061 -0.17 -12.18 17.42
N ASN A 1062 0.79 -11.68 16.62
CA ASN A 1062 2.18 -11.79 17.06
C ASN A 1062 2.59 -10.53 17.82
N THR A 1063 1.78 -10.20 18.84
CA THR A 1063 2.01 -9.05 19.69
C THR A 1063 0.98 -9.11 20.80
N GLU A 1064 1.29 -8.51 21.95
CA GLU A 1064 0.36 -8.48 23.07
C GLU A 1064 -0.77 -7.50 22.83
N LEU A 1065 -2.01 -7.97 22.88
CA LEU A 1065 -3.16 -7.11 22.69
C LEU A 1065 -3.39 -6.33 23.97
N SER A 1066 -3.83 -5.08 23.84
CA SER A 1066 -4.10 -4.26 25.02
C SER A 1066 -5.55 -4.42 25.48
N GLN A 1067 -5.82 -4.06 26.73
CA GLN A 1067 -7.18 -4.16 27.27
C GLN A 1067 -8.15 -3.43 26.36
N SER A 1068 -7.67 -2.39 25.68
CA SER A 1068 -8.51 -1.62 24.76
C SER A 1068 -8.84 -2.44 23.51
N ASN A 1069 -7.81 -2.99 22.88
CA ASN A 1069 -7.96 -3.84 21.69
C ASN A 1069 -8.86 -5.06 21.99
N ILE A 1070 -8.79 -5.52 23.22
CA ILE A 1070 -9.57 -6.66 23.64
C ILE A 1070 -11.04 -6.29 23.81
N GLU A 1071 -11.30 -5.23 24.55
CA GLU A 1071 -12.68 -4.79 24.73
C GLU A 1071 -13.30 -4.56 23.35
N GLU A 1072 -12.51 -4.05 22.41
CA GLU A 1072 -13.02 -3.77 21.08
C GLU A 1072 -13.29 -5.05 20.30
N ARG A 1073 -12.38 -6.01 20.40
CA ARG A 1073 -12.56 -7.28 19.71
C ARG A 1073 -13.83 -7.94 20.29
N TYR A 1074 -13.99 -7.88 21.61
CA TYR A 1074 -15.18 -8.45 22.27
C TYR A 1074 -16.47 -7.86 21.76
N LYS A 1075 -16.55 -6.53 21.64
CA LYS A 1075 -17.76 -5.89 21.15
C LYS A 1075 -18.02 -6.18 19.67
N ILE A 1076 -16.96 -6.25 18.87
CA ILE A 1076 -17.10 -6.53 17.44
C ILE A 1076 -17.65 -7.91 17.14
N GLN A 1077 -17.09 -8.94 17.77
CA GLN A 1077 -17.51 -10.32 17.54
C GLN A 1077 -18.84 -10.62 18.22
N SER A 1078 -19.17 -9.86 19.27
CA SER A 1078 -20.44 -10.02 19.99
C SER A 1078 -21.61 -9.54 19.15
N TYR A 1079 -21.35 -8.56 18.28
CA TYR A 1079 -22.38 -7.94 17.45
C TYR A 1079 -23.09 -8.81 16.44
N SER A 1080 -24.39 -8.61 16.35
CA SER A 1080 -25.23 -9.35 15.41
C SER A 1080 -26.51 -8.58 15.17
N GLU A 1081 -27.17 -8.89 14.05
CA GLU A 1081 -28.43 -8.24 13.69
C GLU A 1081 -29.57 -8.90 14.43
N TYR A 1082 -29.27 -10.05 15.03
CA TYR A 1082 -30.28 -10.80 15.76
C TYR A 1082 -30.05 -10.82 17.26
N LEU A 1083 -31.05 -11.34 17.96
CA LEU A 1083 -31.02 -11.46 19.40
C LEU A 1083 -30.40 -12.82 19.70
N LYS A 1084 -30.06 -13.06 20.95
CA LYS A 1084 -29.46 -14.33 21.30
C LYS A 1084 -30.25 -15.04 22.41
N ASP A 1085 -30.06 -16.35 22.55
CA ASP A 1085 -30.75 -17.06 23.63
C ASP A 1085 -29.78 -17.17 24.81
N PHE A 1086 -30.26 -17.76 25.89
CA PHE A 1086 -29.47 -17.91 27.10
C PHE A 1086 -28.02 -18.40 26.92
N TRP A 1087 -27.84 -19.34 26.00
CA TRP A 1087 -26.54 -19.94 25.76
C TRP A 1087 -25.63 -19.05 24.90
N GLY A 1088 -26.23 -18.08 24.23
CA GLY A 1088 -25.48 -17.18 23.37
C GLY A 1088 -25.69 -17.47 21.90
N ASN A 1089 -26.62 -18.36 21.59
CA ASN A 1089 -26.87 -18.69 20.18
C ASN A 1089 -28.01 -17.85 19.59
N PRO A 1090 -28.09 -17.73 18.25
CA PRO A 1090 -29.16 -16.94 17.65
C PRO A 1090 -30.53 -17.31 18.22
N LEU A 1091 -31.35 -16.30 18.55
CA LEU A 1091 -32.70 -16.56 19.08
C LEU A 1091 -33.48 -17.06 17.86
N MET A 1092 -34.46 -17.92 18.07
CA MET A 1092 -35.19 -18.48 16.94
C MET A 1092 -36.71 -18.48 17.06
N TYR A 1093 -37.38 -18.42 15.91
CA TYR A 1093 -38.83 -18.47 15.91
C TYR A 1093 -39.18 -19.95 15.96
N ASN A 1094 -40.42 -20.26 16.32
CA ASN A 1094 -40.88 -21.65 16.36
C ASN A 1094 -39.85 -22.58 17.02
N LYS A 1095 -39.54 -22.29 18.28
CA LYS A 1095 -38.58 -23.07 19.05
C LYS A 1095 -38.92 -22.90 20.53
N GLU A 1096 -39.08 -24.02 21.23
CA GLU A 1096 -39.44 -23.95 22.63
C GLU A 1096 -38.34 -23.35 23.48
N TYR A 1097 -38.73 -22.44 24.38
CA TYR A 1097 -37.82 -21.76 25.31
C TYR A 1097 -38.45 -21.59 26.68
N TYR A 1098 -37.66 -21.74 27.72
CA TYR A 1098 -38.16 -21.49 29.05
C TYR A 1098 -37.74 -20.05 29.26
N MET A 1099 -38.40 -19.34 30.15
CA MET A 1099 -38.01 -17.95 30.32
C MET A 1099 -37.25 -17.60 31.58
N PHE A 1100 -36.19 -16.82 31.40
CA PHE A 1100 -35.34 -16.39 32.49
C PHE A 1100 -35.47 -14.86 32.64
N ASN A 1101 -35.45 -14.38 33.89
CA ASN A 1101 -35.57 -12.95 34.18
C ASN A 1101 -34.30 -12.48 34.86
N ALA A 1102 -33.53 -11.62 34.18
CA ALA A 1102 -32.26 -11.10 34.66
C ALA A 1102 -32.31 -10.29 35.95
N GLY A 1103 -33.51 -9.90 36.36
CA GLY A 1103 -33.65 -9.13 37.59
C GLY A 1103 -34.13 -9.97 38.75
N ASN A 1104 -34.54 -11.20 38.44
CA ASN A 1104 -35.02 -12.16 39.42
C ASN A 1104 -34.50 -13.54 39.00
N LYS A 1105 -33.19 -13.70 39.13
CA LYS A 1105 -32.50 -14.94 38.76
C LYS A 1105 -33.20 -16.22 39.14
N ASN A 1106 -33.52 -16.36 40.42
CA ASN A 1106 -34.17 -17.56 40.92
C ASN A 1106 -35.70 -17.54 40.84
N SER A 1107 -36.24 -17.10 39.72
CA SER A 1107 -37.68 -17.04 39.56
C SER A 1107 -38.13 -17.52 38.19
N TYR A 1108 -39.31 -18.13 38.12
CA TYR A 1108 -39.82 -18.61 36.84
C TYR A 1108 -41.30 -18.36 36.71
N ILE A 1109 -41.79 -18.37 35.48
CA ILE A 1109 -43.21 -18.13 35.23
C ILE A 1109 -44.02 -19.42 35.16
N LYS A 1110 -45.26 -19.35 35.61
CA LYS A 1110 -46.16 -20.50 35.61
C LYS A 1110 -47.61 -20.03 35.49
N LEU A 1111 -48.39 -20.74 34.68
CA LEU A 1111 -49.80 -20.41 34.53
C LEU A 1111 -50.52 -20.80 35.82
N LYS A 1112 -50.96 -19.79 36.58
CA LYS A 1112 -51.67 -20.01 37.84
C LYS A 1112 -52.94 -20.82 37.56
N LYS A 1113 -53.16 -21.88 38.33
CA LYS A 1113 -54.31 -22.76 38.14
C LYS A 1113 -55.65 -22.06 37.89
N ASP A 1114 -56.09 -21.27 38.86
CA ASP A 1114 -57.38 -20.59 38.78
C ASP A 1114 -57.47 -19.19 38.16
N SER A 1115 -56.50 -18.79 37.35
CA SER A 1115 -56.57 -17.46 36.74
C SER A 1115 -55.70 -17.28 35.50
N PRO A 1116 -56.13 -16.37 34.60
CA PRO A 1116 -55.43 -16.06 33.35
C PRO A 1116 -54.17 -15.22 33.56
N VAL A 1117 -53.42 -15.56 34.60
CA VAL A 1117 -52.20 -14.84 34.91
C VAL A 1117 -51.02 -15.79 35.12
N GLY A 1118 -49.81 -15.26 34.97
CA GLY A 1118 -48.63 -16.07 35.20
C GLY A 1118 -48.11 -15.70 36.57
N GLU A 1119 -48.01 -16.68 37.46
CA GLU A 1119 -47.48 -16.39 38.78
C GLU A 1119 -45.98 -16.57 38.64
N ILE A 1120 -45.21 -16.14 39.62
CA ILE A 1120 -43.76 -16.27 39.57
C ILE A 1120 -43.33 -17.15 40.74
N LEU A 1121 -42.69 -18.28 40.44
CA LEU A 1121 -42.26 -19.19 41.49
C LEU A 1121 -40.74 -19.26 41.63
N THR A 1122 -40.29 -19.76 42.78
CA THR A 1122 -38.86 -19.89 43.04
C THR A 1122 -38.36 -21.15 42.34
N ARG A 1123 -37.26 -21.01 41.59
CA ARG A 1123 -36.69 -22.15 40.88
C ARG A 1123 -36.26 -23.18 41.90
N SER A 1124 -36.31 -24.45 41.50
CA SER A 1124 -35.87 -25.55 42.36
C SER A 1124 -34.37 -25.69 42.13
N LYS A 1125 -33.66 -26.33 43.03
CA LYS A 1125 -32.22 -26.45 42.85
C LYS A 1125 -31.64 -27.86 42.91
N TYR A 1126 -30.32 -27.95 42.67
CA TYR A 1126 -29.60 -29.22 42.69
C TYR A 1126 -29.94 -29.91 44.01
N ASN A 1127 -30.54 -31.10 43.94
CA ASN A 1127 -30.94 -31.80 45.15
C ASN A 1127 -30.02 -32.88 45.69
N GLN A 1128 -29.11 -33.37 44.88
CA GLN A 1128 -28.20 -34.40 45.36
C GLN A 1128 -27.25 -33.86 46.43
N ASN A 1129 -26.51 -34.77 47.06
CA ASN A 1129 -25.59 -34.42 48.14
C ASN A 1129 -24.14 -34.19 47.77
N SER A 1130 -23.88 -33.24 46.89
CA SER A 1130 -22.51 -32.97 46.50
C SER A 1130 -22.04 -31.67 47.14
N LYS A 1131 -20.77 -31.62 47.52
CA LYS A 1131 -20.24 -30.42 48.13
C LYS A 1131 -19.57 -29.56 47.07
N TYR A 1132 -19.36 -30.14 45.88
CA TYR A 1132 -18.71 -29.41 44.80
C TYR A 1132 -19.66 -28.64 43.88
N ILE A 1133 -20.92 -29.03 43.83
CA ILE A 1133 -21.83 -28.34 42.93
C ILE A 1133 -23.12 -27.85 43.56
N ASN A 1134 -23.76 -26.91 42.87
CA ASN A 1134 -25.03 -26.31 43.27
C ASN A 1134 -25.49 -25.39 42.15
N TYR A 1135 -26.78 -25.40 41.87
CA TYR A 1135 -27.37 -24.57 40.82
C TYR A 1135 -28.89 -24.52 40.91
N ARG A 1136 -29.51 -23.82 39.97
CA ARG A 1136 -30.96 -23.71 39.92
C ARG A 1136 -31.40 -24.34 38.62
N ASP A 1137 -32.57 -24.98 38.65
CA ASP A 1137 -33.06 -25.61 37.44
C ASP A 1137 -33.42 -24.54 36.43
N LEU A 1138 -33.16 -24.86 35.16
CA LEU A 1138 -33.46 -23.94 34.08
C LEU A 1138 -34.58 -24.49 33.22
N TYR A 1139 -34.79 -25.80 33.29
CA TYR A 1139 -35.85 -26.44 32.51
C TYR A 1139 -37.08 -26.57 33.39
N ILE A 1140 -37.64 -25.42 33.76
CA ILE A 1140 -38.80 -25.37 34.63
C ILE A 1140 -39.70 -24.20 34.18
N GLY A 1141 -40.97 -24.22 34.60
CA GLY A 1141 -41.90 -23.16 34.22
C GLY A 1141 -42.53 -23.44 32.86
N GLU A 1142 -43.40 -22.55 32.38
CA GLU A 1142 -44.04 -22.77 31.09
C GLU A 1142 -43.07 -22.70 29.92
N LYS A 1143 -43.37 -23.46 28.88
CA LYS A 1143 -42.53 -23.52 27.68
C LYS A 1143 -43.08 -22.54 26.66
N PHE A 1144 -42.31 -21.49 26.36
CA PHE A 1144 -42.73 -20.49 25.40
C PHE A 1144 -42.22 -20.76 24.00
N ILE A 1145 -42.83 -20.09 23.03
CA ILE A 1145 -42.39 -20.23 21.67
C ILE A 1145 -42.74 -18.95 20.92
N ILE A 1146 -41.69 -18.25 20.46
CA ILE A 1146 -41.82 -16.99 19.75
C ILE A 1146 -42.37 -17.20 18.35
N ARG A 1147 -43.46 -16.51 18.03
CA ARG A 1147 -44.10 -16.62 16.72
C ARG A 1147 -44.02 -15.32 15.93
N ARG A 1148 -43.68 -15.44 14.65
CA ARG A 1148 -43.55 -14.30 13.78
C ARG A 1148 -44.92 -13.64 13.58
N LYS A 1149 -44.95 -12.32 13.60
CA LYS A 1149 -46.19 -11.58 13.43
C LYS A 1149 -46.62 -11.47 11.98
N SER A 1150 -45.72 -11.03 11.09
CA SER A 1150 -46.08 -10.89 9.68
C SER A 1150 -46.03 -12.23 8.96
N ASN A 1151 -45.51 -12.23 7.73
CA ASN A 1151 -45.39 -13.45 6.91
C ASN A 1151 -46.64 -14.33 6.92
N SER A 1152 -47.38 -14.30 5.82
CA SER A 1152 -48.60 -15.09 5.67
C SER A 1152 -48.35 -16.28 4.74
N GLN A 1153 -47.07 -16.61 4.53
CA GLN A 1153 -46.69 -17.72 3.66
C GLN A 1153 -46.00 -18.87 4.45
N SER A 1154 -46.83 -19.68 5.12
CA SER A 1154 -46.38 -20.84 5.92
C SER A 1154 -45.59 -20.41 7.17
N ILE A 1155 -45.23 -21.39 8.00
CA ILE A 1155 -44.46 -21.14 9.24
C ILE A 1155 -43.27 -22.10 9.42
N ASN A 1156 -42.08 -21.62 9.06
CA ASN A 1156 -40.84 -22.42 9.16
C ASN A 1156 -40.16 -22.35 10.53
N ASP A 1157 -39.08 -21.55 10.61
CA ASP A 1157 -38.31 -21.36 11.86
C ASP A 1157 -37.10 -20.47 11.60
N ASP A 1158 -37.34 -19.17 11.47
CA ASP A 1158 -36.26 -18.24 11.21
C ASP A 1158 -35.61 -17.60 12.43
N ILE A 1159 -34.72 -16.65 12.16
CA ILE A 1159 -33.98 -15.93 13.17
C ILE A 1159 -34.74 -14.69 13.63
N VAL A 1160 -34.68 -14.41 14.94
CA VAL A 1160 -35.37 -13.24 15.48
C VAL A 1160 -34.44 -12.02 15.50
N ARG A 1161 -34.84 -10.98 14.80
CA ARG A 1161 -34.05 -9.74 14.72
C ARG A 1161 -34.63 -8.64 15.59
N LYS A 1162 -33.78 -7.68 15.95
CA LYS A 1162 -34.21 -6.56 16.78
C LYS A 1162 -35.35 -5.83 16.07
N GLU A 1163 -36.18 -5.14 16.85
CA GLU A 1163 -37.30 -4.38 16.32
C GLU A 1163 -38.31 -5.23 15.54
N ASP A 1164 -38.27 -6.54 15.74
CA ASP A 1164 -39.19 -7.45 15.06
C ASP A 1164 -40.52 -7.55 15.81
N TYR A 1165 -41.60 -7.74 15.07
CA TYR A 1165 -42.90 -7.90 15.70
C TYR A 1165 -43.20 -9.37 15.87
N ILE A 1166 -43.54 -9.75 17.09
CA ILE A 1166 -43.81 -11.15 17.38
C ILE A 1166 -45.07 -11.34 18.22
N TYR A 1167 -45.31 -12.60 18.53
CA TYR A 1167 -46.41 -13.05 19.38
C TYR A 1167 -45.70 -13.91 20.41
N LEU A 1168 -45.85 -13.56 21.68
CA LEU A 1168 -45.20 -14.34 22.74
C LEU A 1168 -46.15 -15.40 23.25
N ASP A 1169 -46.10 -16.59 22.66
CA ASP A 1169 -46.98 -17.67 23.08
C ASP A 1169 -46.30 -18.67 23.99
N PHE A 1170 -47.03 -19.74 24.30
CA PHE A 1170 -46.53 -20.80 25.15
C PHE A 1170 -47.56 -21.92 25.15
N PHE A 1171 -47.14 -23.11 25.60
CA PHE A 1171 -48.04 -24.25 25.61
C PHE A 1171 -48.68 -24.54 26.94
N ASN A 1172 -49.95 -24.91 26.87
CA ASN A 1172 -50.74 -25.29 28.04
C ASN A 1172 -51.46 -26.56 27.59
N LEU A 1173 -51.01 -27.70 28.10
CA LEU A 1173 -51.58 -28.99 27.73
C LEU A 1173 -51.34 -29.16 26.24
N ASN A 1174 -52.39 -29.47 25.49
CA ASN A 1174 -52.27 -29.69 24.05
C ASN A 1174 -52.68 -28.46 23.19
N GLN A 1175 -52.63 -27.27 23.78
CA GLN A 1175 -53.01 -26.06 23.05
C GLN A 1175 -51.97 -24.94 23.17
N GLU A 1176 -51.87 -24.11 22.15
CA GLU A 1176 -50.95 -22.99 22.18
C GLU A 1176 -51.66 -21.73 22.60
N TRP A 1177 -51.38 -21.27 23.82
CA TRP A 1177 -51.97 -20.05 24.35
C TRP A 1177 -51.09 -18.86 23.95
N ARG A 1178 -51.39 -17.68 24.51
CA ARG A 1178 -50.65 -16.46 24.19
C ARG A 1178 -50.58 -15.45 25.33
N VAL A 1179 -49.63 -14.51 25.23
CA VAL A 1179 -49.42 -13.47 26.25
C VAL A 1179 -50.05 -12.14 25.82
N TYR A 1180 -51.07 -11.70 26.56
CA TYR A 1180 -51.79 -10.46 26.25
C TYR A 1180 -51.75 -9.39 27.36
N THR A 1181 -52.25 -8.20 27.01
CA THR A 1181 -52.37 -7.06 27.92
C THR A 1181 -53.73 -6.41 27.72
N TYR A 1182 -54.42 -6.11 28.81
CA TYR A 1182 -55.72 -5.46 28.72
C TYR A 1182 -55.47 -4.03 28.22
N LYS A 1183 -56.01 -3.72 27.04
CA LYS A 1183 -55.84 -2.40 26.44
C LYS A 1183 -56.17 -1.18 27.32
N TYR A 1184 -57.07 -1.33 28.29
CA TYR A 1184 -57.47 -0.18 29.09
C TYR A 1184 -57.06 -0.08 30.56
N PHE A 1185 -55.90 -0.58 30.94
CA PHE A 1185 -55.54 -0.42 32.35
C PHE A 1185 -55.06 1.02 32.52
N LYS A 1186 -55.61 1.69 33.54
CA LYS A 1186 -55.30 3.08 33.81
C LYS A 1186 -54.14 3.26 34.80
N LYS A 1187 -53.65 2.15 35.35
CA LYS A 1187 -52.56 2.19 36.32
C LYS A 1187 -51.21 2.14 35.61
N GLU A 1188 -50.11 2.23 36.37
CA GLU A 1188 -48.78 2.20 35.76
C GLU A 1188 -48.38 0.76 35.36
N GLU A 1189 -48.85 -0.20 36.16
CA GLU A 1189 -48.56 -1.61 35.92
C GLU A 1189 -49.82 -2.49 35.96
N GLU A 1190 -49.76 -3.66 35.32
CA GLU A 1190 -50.88 -4.59 35.31
C GLU A 1190 -50.47 -6.03 35.02
N LYS A 1191 -51.10 -6.98 35.69
CA LYS A 1191 -50.80 -8.39 35.45
C LYS A 1191 -51.17 -8.68 33.99
N LEU A 1192 -50.30 -9.38 33.28
CA LEU A 1192 -50.55 -9.73 31.89
C LEU A 1192 -51.69 -10.74 31.82
N PHE A 1193 -52.46 -10.69 30.74
CA PHE A 1193 -53.60 -11.60 30.56
C PHE A 1193 -53.18 -12.79 29.70
N LEU A 1194 -53.05 -13.97 30.31
CA LEU A 1194 -52.63 -15.19 29.59
C LEU A 1194 -53.80 -16.07 29.18
N ALA A 1195 -53.98 -16.30 27.89
CA ALA A 1195 -55.11 -17.12 27.43
C ALA A 1195 -54.98 -17.65 26.00
N PRO A 1196 -55.89 -18.54 25.58
CA PRO A 1196 -55.87 -19.12 24.23
C PRO A 1196 -55.77 -18.05 23.15
N ILE A 1197 -55.36 -18.46 21.95
CA ILE A 1197 -55.23 -17.50 20.84
C ILE A 1197 -56.60 -17.06 20.34
N SER A 1198 -56.76 -15.76 20.14
CA SER A 1198 -58.02 -15.23 19.64
C SER A 1198 -57.87 -13.73 19.34
N ASP A 1199 -58.87 -13.16 18.67
CA ASP A 1199 -58.78 -11.75 18.32
C ASP A 1199 -59.74 -10.87 19.09
N SER A 1200 -59.36 -10.50 20.32
CA SER A 1200 -60.21 -9.67 21.14
C SER A 1200 -59.76 -8.22 21.10
N ASP A 1201 -60.72 -7.35 20.81
CA ASP A 1201 -60.49 -5.91 20.70
C ASP A 1201 -60.22 -5.22 22.04
N GLU A 1202 -60.14 -6.00 23.12
CA GLU A 1202 -59.87 -5.43 24.43
C GLU A 1202 -58.44 -5.73 24.90
N PHE A 1203 -57.68 -6.42 24.04
CA PHE A 1203 -56.32 -6.78 24.40
C PHE A 1203 -55.30 -6.60 23.28
N TYR A 1204 -54.08 -6.21 23.66
CA TYR A 1204 -52.98 -6.04 22.72
C TYR A 1204 -52.31 -7.41 22.67
N ASN A 1205 -52.03 -7.88 21.47
CA ASN A 1205 -51.42 -9.20 21.28
C ASN A 1205 -50.04 -9.12 20.64
N THR A 1206 -49.76 -8.00 19.98
CA THR A 1206 -48.50 -7.82 19.29
C THR A 1206 -47.42 -7.19 20.15
N ILE A 1207 -46.29 -7.89 20.25
CA ILE A 1207 -45.14 -7.45 21.04
C ILE A 1207 -43.96 -7.15 20.12
N GLN A 1208 -43.11 -6.23 20.55
CA GLN A 1208 -41.92 -5.91 19.79
C GLN A 1208 -40.71 -6.31 20.61
N ILE A 1209 -39.84 -7.11 20.01
CA ILE A 1209 -38.65 -7.55 20.72
C ILE A 1209 -37.60 -6.48 20.46
N LYS A 1210 -36.98 -6.00 21.52
CA LYS A 1210 -36.00 -4.92 21.40
C LYS A 1210 -34.70 -5.29 22.10
N GLU A 1211 -33.75 -4.37 22.06
CA GLU A 1211 -32.47 -4.54 22.72
C GLU A 1211 -31.97 -3.14 23.10
N TYR A 1212 -32.30 -2.72 24.32
CA TYR A 1212 -31.91 -1.41 24.82
C TYR A 1212 -30.44 -1.32 25.24
N ASP A 1213 -29.84 -2.45 25.57
CA ASP A 1213 -28.46 -2.47 25.99
C ASP A 1213 -27.58 -2.21 24.78
N GLU A 1214 -26.54 -1.39 24.97
CA GLU A 1214 -25.61 -1.04 23.90
C GLU A 1214 -24.34 -1.89 24.05
N GLN A 1215 -24.22 -2.54 25.20
CA GLN A 1215 -23.09 -3.40 25.48
C GLN A 1215 -23.51 -4.84 25.21
N PRO A 1216 -22.54 -5.75 25.03
CA PRO A 1216 -22.87 -7.15 24.75
C PRO A 1216 -23.72 -7.77 25.85
N THR A 1217 -24.82 -8.43 25.45
CA THR A 1217 -25.75 -9.08 26.36
C THR A 1217 -26.66 -10.12 25.69
N TYR A 1218 -27.02 -11.17 26.44
CA TYR A 1218 -27.92 -12.17 25.88
C TYR A 1218 -29.33 -11.85 26.34
N SER A 1219 -29.47 -10.75 27.08
CA SER A 1219 -30.79 -10.35 27.55
C SER A 1219 -31.47 -9.58 26.43
N CYS A 1220 -32.79 -9.46 26.51
CA CYS A 1220 -33.53 -8.70 25.52
C CYS A 1220 -34.81 -8.24 26.19
N GLN A 1221 -35.55 -7.35 25.55
CA GLN A 1221 -36.78 -6.83 26.14
C GLN A 1221 -38.00 -6.90 25.23
N LEU A 1222 -39.16 -7.01 25.86
CA LEU A 1222 -40.43 -7.12 25.17
C LEU A 1222 -41.30 -5.92 25.47
N LEU A 1223 -41.54 -5.12 24.43
CA LEU A 1223 -42.32 -3.89 24.50
C LEU A 1223 -43.70 -4.06 23.88
N PHE A 1224 -44.71 -3.53 24.55
CA PHE A 1224 -46.07 -3.57 24.03
C PHE A 1224 -46.38 -2.20 23.42
N LYS A 1225 -46.81 -2.18 22.16
CA LYS A 1225 -47.15 -0.92 21.50
C LYS A 1225 -48.58 -0.98 20.97
N LYS A 1226 -49.14 0.16 20.57
CA LYS A 1226 -50.50 0.18 20.03
C LYS A 1226 -50.51 -0.64 18.74
N ASP A 1227 -49.53 -0.39 17.86
CA ASP A 1227 -49.42 -1.11 16.59
C ASP A 1227 -48.07 -0.85 15.90
N GLU A 1228 -47.94 -1.39 14.68
CA GLU A 1228 -46.73 -1.26 13.88
C GLU A 1228 -46.53 0.10 13.22
N GLU A 1229 -46.52 1.16 14.03
CA GLU A 1229 -46.29 2.51 13.54
C GLU A 1229 -46.38 3.55 14.64
N SER A 1230 -47.52 3.59 15.31
CA SER A 1230 -47.71 4.54 16.39
C SER A 1230 -46.43 4.51 17.21
N THR A 1231 -46.07 5.65 17.78
CA THR A 1231 -44.87 5.71 18.62
C THR A 1231 -45.41 5.62 20.04
N ASP A 1232 -46.63 5.09 20.14
CA ASP A 1232 -47.35 4.94 21.41
C ASP A 1232 -46.99 3.66 22.19
N GLU A 1233 -46.07 3.79 23.14
CA GLU A 1233 -45.60 2.67 23.96
C GLU A 1233 -46.49 2.39 25.16
N ILE A 1234 -46.97 1.15 25.26
CA ILE A 1234 -47.84 0.71 26.34
C ILE A 1234 -47.05 0.35 27.59
N GLY A 1235 -45.88 -0.25 27.38
CA GLY A 1235 -45.03 -0.64 28.49
C GLY A 1235 -44.17 -1.84 28.23
N LEU A 1236 -43.34 -2.19 29.21
CA LEU A 1236 -42.45 -3.33 29.08
C LEU A 1236 -42.88 -4.52 29.95
N ILE A 1237 -42.58 -5.72 29.47
CA ILE A 1237 -42.90 -6.95 30.18
C ILE A 1237 -41.87 -7.19 31.29
N GLY A 1238 -42.35 -7.48 32.49
CA GLY A 1238 -41.46 -7.73 33.62
C GLY A 1238 -42.17 -8.50 34.71
N ILE A 1239 -41.63 -8.38 35.92
CA ILE A 1239 -42.20 -9.05 37.08
C ILE A 1239 -42.45 -7.99 38.16
N HIS A 1240 -43.56 -8.13 38.88
CA HIS A 1240 -43.90 -7.17 39.94
C HIS A 1240 -44.32 -7.85 41.24
N ARG A 1241 -44.10 -7.17 42.35
CA ARG A 1241 -44.46 -7.66 43.69
C ARG A 1241 -45.77 -7.01 44.15
N PHE A 1242 -46.75 -7.84 44.52
CA PHE A 1242 -48.05 -7.36 44.98
C PHE A 1242 -48.29 -7.83 46.42
N TYR A 1243 -49.15 -7.11 47.16
CA TYR A 1243 -49.50 -7.51 48.53
C TYR A 1243 -50.86 -8.21 48.49
N GLU A 1244 -50.98 -9.31 49.22
CA GLU A 1244 -52.24 -10.04 49.24
C GLU A 1244 -52.75 -10.35 50.63
N SER A 1245 -54.00 -9.96 50.88
CA SER A 1245 -54.65 -10.18 52.16
C SER A 1245 -56.04 -10.79 52.03
N GLY A 1246 -56.13 -12.08 52.31
CA GLY A 1246 -57.40 -12.78 52.26
C GLY A 1246 -57.74 -13.28 53.65
N ILE A 1247 -58.90 -13.92 53.80
CA ILE A 1247 -59.35 -14.42 55.10
C ILE A 1247 -58.40 -15.43 55.77
N VAL A 1248 -57.49 -16.01 54.99
CA VAL A 1248 -56.54 -17.00 55.53
C VAL A 1248 -55.06 -16.63 55.37
N PHE A 1249 -54.67 -16.21 54.16
CA PHE A 1249 -53.29 -15.85 53.88
C PHE A 1249 -53.02 -14.36 53.66
N GLU A 1250 -51.95 -13.88 54.29
CA GLU A 1250 -51.52 -12.49 54.17
C GLU A 1250 -50.04 -12.54 53.80
N GLU A 1251 -49.74 -12.18 52.56
CA GLU A 1251 -48.37 -12.22 52.06
C GLU A 1251 -48.16 -11.44 50.75
N TYR A 1252 -46.94 -11.53 50.23
CA TYR A 1252 -46.55 -10.86 48.99
C TYR A 1252 -46.32 -11.89 47.88
N LYS A 1253 -46.68 -11.54 46.65
CA LYS A 1253 -46.50 -12.44 45.52
C LYS A 1253 -46.19 -11.68 44.24
N ASP A 1254 -45.28 -12.23 43.42
CA ASP A 1254 -44.89 -11.58 42.16
C ASP A 1254 -45.62 -12.17 40.97
N TYR A 1255 -45.98 -11.31 40.02
CA TYR A 1255 -46.68 -11.75 38.83
C TYR A 1255 -46.08 -11.24 37.53
N PHE A 1256 -46.33 -11.99 36.47
CA PHE A 1256 -45.88 -11.71 35.12
C PHE A 1256 -46.52 -10.36 34.78
N CYS A 1257 -45.77 -9.28 34.94
CA CYS A 1257 -46.29 -7.92 34.71
C CYS A 1257 -45.81 -7.11 33.52
N ILE A 1258 -46.58 -6.09 33.21
CA ILE A 1258 -46.29 -5.13 32.13
C ILE A 1258 -46.30 -3.78 32.84
N SER A 1259 -45.33 -2.92 32.52
CA SER A 1259 -45.24 -1.62 33.18
C SER A 1259 -44.62 -0.53 32.32
N LYS A 1260 -45.02 0.72 32.59
CA LYS A 1260 -44.49 1.86 31.85
C LYS A 1260 -43.17 2.28 32.51
N TRP A 1261 -43.12 2.14 33.84
CA TRP A 1261 -41.96 2.48 34.66
C TRP A 1261 -40.63 2.07 34.05
N TYR A 1262 -40.59 0.90 33.40
CA TYR A 1262 -39.34 0.45 32.78
C TYR A 1262 -38.94 1.35 31.61
N LEU A 1263 -39.92 1.86 30.88
CA LEU A 1263 -39.63 2.74 29.74
C LEU A 1263 -38.52 3.78 29.97
N LYS A 1264 -38.56 4.48 31.10
CA LYS A 1264 -37.56 5.49 31.37
C LYS A 1264 -36.29 4.90 31.96
N GLU A 1265 -36.41 3.77 32.64
CA GLU A 1265 -35.26 3.13 33.25
C GLU A 1265 -34.25 2.57 32.24
N VAL A 1266 -34.76 2.06 31.13
CA VAL A 1266 -33.92 1.51 30.10
C VAL A 1266 -33.07 2.57 29.38
N LYS A 1267 -33.41 3.85 29.57
CA LYS A 1267 -32.68 4.93 28.91
C LYS A 1267 -31.43 5.40 29.67
N ARG A 1268 -31.31 5.00 30.94
CA ARG A 1268 -30.18 5.39 31.77
C ARG A 1268 -28.87 4.69 31.37
N LYS A 1269 -27.75 5.28 31.78
CA LYS A 1269 -26.41 4.76 31.49
C LYS A 1269 -25.57 4.77 32.76
N PRO A 1270 -24.81 3.69 33.02
CA PRO A 1270 -24.73 2.51 32.14
C PRO A 1270 -26.04 1.72 32.24
N TYR A 1271 -26.34 0.93 31.21
CA TYR A 1271 -27.56 0.13 31.16
C TYR A 1271 -27.70 -0.83 32.34
N ASN A 1272 -28.82 -0.71 33.06
CA ASN A 1272 -29.10 -1.54 34.22
C ASN A 1272 -29.48 -2.97 33.83
N LEU A 1273 -28.49 -3.87 33.87
CA LEU A 1273 -28.68 -5.28 33.51
C LEU A 1273 -29.57 -5.98 34.54
N LYS A 1274 -29.70 -5.36 35.71
CA LYS A 1274 -30.49 -5.90 36.81
C LYS A 1274 -31.99 -5.57 36.70
N LEU A 1275 -32.40 -4.82 35.68
CA LEU A 1275 -33.82 -4.49 35.56
C LEU A 1275 -34.69 -5.73 35.35
N GLY A 1276 -35.89 -5.70 35.94
CA GLY A 1276 -36.82 -6.81 35.81
C GLY A 1276 -37.45 -6.95 34.43
N CYS A 1277 -37.08 -6.09 33.49
CA CYS A 1277 -37.65 -6.18 32.15
C CYS A 1277 -36.69 -6.87 31.20
N ASN A 1278 -35.58 -7.35 31.75
CA ASN A 1278 -34.55 -8.05 30.98
C ASN A 1278 -34.78 -9.58 30.95
N TRP A 1279 -35.04 -10.12 29.77
CA TRP A 1279 -35.27 -11.57 29.68
C TRP A 1279 -34.24 -12.27 28.81
N GLN A 1280 -34.24 -13.59 28.92
CA GLN A 1280 -33.37 -14.45 28.14
C GLN A 1280 -34.14 -15.76 27.96
N PHE A 1281 -34.03 -16.37 26.79
CA PHE A 1281 -34.73 -17.60 26.50
C PHE A 1281 -33.80 -18.80 26.59
N ILE A 1282 -34.27 -19.87 27.24
CA ILE A 1282 -33.46 -21.07 27.41
C ILE A 1282 -34.08 -22.33 26.80
N PRO A 1283 -33.52 -22.84 25.69
CA PRO A 1283 -34.07 -24.04 25.08
C PRO A 1283 -33.24 -25.22 25.61
N LYS A 1284 -33.73 -26.44 25.52
CA LYS A 1284 -32.96 -27.60 25.99
C LYS A 1284 -31.61 -27.61 25.29
N ASP A 1285 -30.58 -28.10 25.96
CA ASP A 1285 -29.24 -28.13 25.36
C ASP A 1285 -28.38 -29.23 25.99
N GLU A 1286 -27.79 -30.08 25.16
CA GLU A 1286 -26.97 -31.19 25.68
C GLU A 1286 -25.87 -30.79 26.65
N GLY A 1287 -25.45 -29.54 26.56
CA GLY A 1287 -24.43 -29.03 27.44
C GLY A 1287 -24.97 -28.74 28.81
N TRP A 1288 -26.29 -28.84 28.95
CA TRP A 1288 -26.91 -28.61 30.24
C TRP A 1288 -27.98 -29.66 30.56
N THR A 1289 -27.66 -30.55 31.50
CA THR A 1289 -28.56 -31.60 31.96
C THR A 1289 -28.77 -31.42 33.45
N GLU A 1290 -30.00 -31.60 33.91
CA GLU A 1290 -30.31 -31.44 35.32
C GLU A 1290 -31.23 -32.55 35.81
C1 GLC B . -47.26 5.83 44.11
C2 GLC B . -48.08 4.73 43.39
C3 GLC B . -47.40 4.16 42.12
C4 GLC B . -46.83 5.30 41.24
C5 GLC B . -45.93 6.20 42.12
C6 GLC B . -45.27 7.35 41.36
O1 GLC B . -46.22 5.27 44.82
O2 GLC B . -48.31 3.65 44.30
O3 GLC B . -48.36 3.41 41.38
O4 GLC B . -46.09 4.80 40.07
O5 GLC B . -46.73 6.80 43.17
O6 GLC B . -46.21 8.38 41.06
C1 GLA B . -45.70 3.45 40.00
C2 GLA B . -44.34 3.29 39.22
C3 GLA B . -43.94 1.81 39.08
C4 GLA B . -45.14 1.07 38.44
C5 GLA B . -46.46 1.27 39.22
C6 GLA B . -46.55 0.62 40.60
O2 GLA B . -44.45 3.87 37.92
O3 GLA B . -43.61 1.30 40.41
O4 GLA B . -44.87 -0.33 38.25
O5 GLA B . -46.76 2.69 39.36
O6 GLA B . -47.72 -0.18 40.74
C1 SIA B . -43.17 -0.07 42.12
C2 SIA B . -42.76 0.21 40.65
C3 SIA B . -41.29 0.59 40.61
C4 SIA B . -40.49 -0.64 41.09
C5 SIA B . -40.85 -1.95 40.34
C6 SIA B . -42.37 -2.12 40.06
C7 SIA B . -42.60 -3.17 38.94
C8 SIA B . -43.95 -3.03 38.21
C9 SIA B . -44.27 -4.28 37.37
C10 SIA B . -41.10 -4.18 41.36
C11 SIA B . -40.91 -5.34 40.40
N5 SIA B . -40.36 -3.08 41.14
O1A SIA B . -44.21 -0.75 42.35
O1B SIA B . -42.51 0.47 43.05
O4 SIA B . -39.10 -0.39 40.94
O6 SIA B . -42.99 -0.84 39.69
O7 SIA B . -41.54 -3.10 38.00
O8 SIA B . -44.99 -2.82 39.15
O9 SIA B . -43.44 -4.34 36.21
O10 SIA B . -41.88 -4.30 42.31
ZN ZN C . 16.83 11.67 -17.19
S SO4 D . 15.38 12.01 -19.32
O1 SO4 D . 14.36 12.08 -20.43
O2 SO4 D . 14.65 11.97 -18.02
O3 SO4 D . 16.26 10.80 -19.44
O4 SO4 D . 16.21 13.25 -19.45
#